data_2ZL4
#
_entry.id   2ZL4
#
_cell.length_a   91.677
_cell.length_b   166.310
_cell.length_c   188.273
_cell.angle_alpha   90.00
_cell.angle_beta   90.00
_cell.angle_gamma   90.00
#
_symmetry.space_group_name_H-M   'P 21 21 21'
#
loop_
_entity.id
_entity.type
_entity.pdbx_description
1 polymer 'ATP-dependent Clp protease proteolytic subunit'
2 polymer 'Peptide substrate AAAA'
3 water water
#
loop_
_entity_poly.entity_id
_entity_poly.type
_entity_poly.pdbx_seq_one_letter_code
_entity_poly.pdbx_strand_id
1 'polypeptide(L)'
;MMGYIPYVIENTDRGERSYDIYSRLLKDRIVLLSGEINDSVASSIVAQLLFLEAEDPEKDIGLYINSPGGVITSGLSIYD
TMNFIRPDVSTICIGQAAAMGAFLLSCGAKGKRFSLPHSRIMIHQPLGGAQGQASDIEIISNEILRLKGLMNSILAQNSG
QSLEQIAKDTDRDFYMSAKEAKEYGLIDKVLQKNVK
;
A,B,C,D,E,F,G,H,I,J,K,L,M,N
2 'polypeptide(L)' AAAA O,P,Q,R,S,T,U,V,W,X,Y,Z,1,2
#
# COMPACT_ATOMS: atom_id res chain seq x y z
N ASP A 20 -20.83 -8.90 -33.45
CA ASP A 20 -21.26 -8.50 -32.08
C ASP A 20 -22.60 -9.13 -31.70
N ILE A 21 -22.55 -10.15 -30.85
CA ILE A 21 -23.73 -10.88 -30.40
C ILE A 21 -24.81 -9.99 -29.77
N TYR A 22 -24.42 -9.12 -28.85
CA TYR A 22 -25.39 -8.25 -28.18
C TYR A 22 -26.19 -7.37 -29.14
N SER A 23 -25.56 -6.91 -30.21
CA SER A 23 -26.24 -6.07 -31.20
C SER A 23 -27.23 -6.86 -32.04
N ARG A 24 -26.87 -8.09 -32.40
CA ARG A 24 -27.78 -8.91 -33.19
C ARG A 24 -28.97 -9.29 -32.33
N LEU A 25 -28.73 -9.47 -31.03
CA LEU A 25 -29.82 -9.80 -30.12
C LEU A 25 -30.72 -8.59 -29.93
N LEU A 26 -30.15 -7.39 -30.05
CA LEU A 26 -30.90 -6.15 -29.91
C LEU A 26 -31.86 -6.02 -31.11
N LYS A 27 -31.46 -6.57 -32.26
CA LYS A 27 -32.30 -6.53 -33.44
C LYS A 27 -33.53 -7.39 -33.20
N ASP A 28 -33.39 -8.38 -32.33
CA ASP A 28 -34.50 -9.27 -32.00
C ASP A 28 -35.27 -8.73 -30.80
N ARG A 29 -35.01 -7.46 -30.45
CA ARG A 29 -35.68 -6.79 -29.34
C ARG A 29 -35.30 -7.38 -27.99
N ILE A 30 -34.09 -7.91 -27.88
CA ILE A 30 -33.62 -8.49 -26.64
C ILE A 30 -32.62 -7.56 -25.99
N VAL A 31 -32.87 -7.22 -24.74
CA VAL A 31 -31.99 -6.35 -23.97
C VAL A 31 -31.53 -7.10 -22.72
N LEU A 32 -30.21 -7.12 -22.51
CA LEU A 32 -29.62 -7.81 -21.36
C LEU A 32 -29.12 -6.89 -20.25
N LEU A 33 -29.70 -7.02 -19.07
CA LEU A 33 -29.27 -6.23 -17.91
C LEU A 33 -28.65 -7.23 -16.94
N SER A 34 -27.33 -7.32 -16.95
CA SER A 34 -26.63 -8.22 -16.05
C SER A 34 -25.59 -7.48 -15.23
N GLY A 35 -25.46 -7.86 -13.96
CA GLY A 35 -24.50 -7.21 -13.08
C GLY A 35 -25.18 -6.19 -12.20
N GLU A 36 -24.38 -5.46 -11.42
CA GLU A 36 -24.96 -4.46 -10.54
C GLU A 36 -25.45 -3.25 -11.31
N ILE A 37 -26.46 -2.61 -10.75
CA ILE A 37 -27.06 -1.46 -11.39
C ILE A 37 -26.45 -0.16 -10.87
N ASN A 38 -25.99 0.66 -11.81
CA ASN A 38 -25.41 1.96 -11.51
C ASN A 38 -25.73 2.87 -12.71
N ASP A 39 -25.47 4.15 -12.58
CA ASP A 39 -25.76 5.09 -13.66
C ASP A 39 -25.26 4.65 -15.03
N SER A 40 -24.05 4.12 -15.07
CA SER A 40 -23.48 3.69 -16.34
C SER A 40 -24.29 2.58 -17.00
N VAL A 41 -24.63 1.55 -16.21
CA VAL A 41 -25.42 0.45 -16.73
C VAL A 41 -26.83 0.95 -17.04
N ALA A 42 -27.31 1.86 -16.20
CA ALA A 42 -28.64 2.42 -16.38
C ALA A 42 -28.75 3.24 -17.67
N SER A 43 -27.78 4.10 -17.95
CA SER A 43 -27.84 4.91 -19.15
C SER A 43 -27.83 4.01 -20.37
N SER A 44 -27.08 2.90 -20.27
CA SER A 44 -26.98 1.94 -21.34
C SER A 44 -28.33 1.28 -21.60
N ILE A 45 -28.98 0.85 -20.52
CA ILE A 45 -30.28 0.21 -20.60
C ILE A 45 -31.31 1.18 -21.17
N VAL A 46 -31.33 2.40 -20.64
CA VAL A 46 -32.25 3.44 -21.09
C VAL A 46 -32.03 3.71 -22.57
N ALA A 47 -30.76 3.82 -22.97
CA ALA A 47 -30.40 4.08 -24.35
C ALA A 47 -30.94 2.99 -25.26
N GLN A 48 -30.84 1.74 -24.83
CA GLN A 48 -31.32 0.63 -25.62
C GLN A 48 -32.83 0.63 -25.73
N LEU A 49 -33.52 0.96 -24.64
CA LEU A 49 -34.97 1.00 -24.66
C LEU A 49 -35.49 2.10 -25.58
N LEU A 50 -34.87 3.28 -25.52
CA LEU A 50 -35.27 4.40 -26.37
C LEU A 50 -34.99 4.08 -27.83
N PHE A 51 -33.92 3.33 -28.07
CA PHE A 51 -33.55 2.94 -29.41
C PHE A 51 -34.66 2.04 -29.96
N LEU A 52 -34.99 0.98 -29.23
CA LEU A 52 -36.01 0.04 -29.66
C LEU A 52 -37.37 0.69 -29.94
N GLU A 53 -37.74 1.72 -29.19
CA GLU A 53 -39.01 2.38 -29.45
C GLU A 53 -38.91 3.16 -30.76
N ALA A 54 -37.73 3.73 -31.02
CA ALA A 54 -37.50 4.50 -32.23
C ALA A 54 -37.53 3.57 -33.44
N GLU A 55 -37.20 2.31 -33.21
CA GLU A 55 -37.21 1.32 -34.28
C GLU A 55 -38.60 0.76 -34.54
N ASP A 56 -39.39 0.65 -33.49
CA ASP A 56 -40.74 0.13 -33.60
C ASP A 56 -41.43 0.25 -32.24
N PRO A 57 -42.18 1.34 -32.05
CA PRO A 57 -42.89 1.60 -30.78
C PRO A 57 -44.07 0.66 -30.57
N GLU A 58 -44.20 -0.32 -31.46
CA GLU A 58 -45.31 -1.25 -31.40
C GLU A 58 -44.97 -2.62 -30.82
N LYS A 59 -43.80 -3.14 -31.17
CA LYS A 59 -43.40 -4.46 -30.70
C LYS A 59 -42.86 -4.55 -29.27
N ASP A 60 -43.08 -5.72 -28.69
CA ASP A 60 -42.64 -6.01 -27.32
C ASP A 60 -41.12 -6.02 -27.22
N ILE A 61 -40.64 -5.68 -26.03
CA ILE A 61 -39.21 -5.70 -25.76
C ILE A 61 -39.01 -6.70 -24.64
N GLY A 62 -37.97 -7.52 -24.78
CA GLY A 62 -37.69 -8.51 -23.76
C GLY A 62 -36.47 -8.07 -22.96
N LEU A 63 -36.70 -7.71 -21.70
CA LEU A 63 -35.62 -7.28 -20.81
C LEU A 63 -35.21 -8.42 -19.88
N TYR A 64 -34.09 -9.07 -20.19
CA TYR A 64 -33.59 -10.16 -19.35
C TYR A 64 -32.76 -9.58 -18.22
N ILE A 65 -33.12 -9.96 -16.99
CA ILE A 65 -32.47 -9.46 -15.79
C ILE A 65 -31.78 -10.51 -14.92
N ASN A 66 -30.47 -10.36 -14.77
CA ASN A 66 -29.67 -11.22 -13.90
C ASN A 66 -28.85 -10.18 -13.16
N SER A 67 -29.40 -9.66 -12.08
CA SER A 67 -28.74 -8.60 -11.35
C SER A 67 -28.80 -8.80 -9.84
N PRO A 68 -27.77 -8.34 -9.13
CA PRO A 68 -27.75 -8.49 -7.68
C PRO A 68 -28.34 -7.22 -7.04
N GLY A 69 -28.68 -6.25 -7.88
CA GLY A 69 -29.26 -5.00 -7.40
C GLY A 69 -28.38 -3.81 -7.71
N GLY A 70 -28.59 -2.69 -7.01
CA GLY A 70 -27.78 -1.52 -7.25
C GLY A 70 -28.32 -0.17 -6.80
N VAL A 71 -27.77 0.90 -7.37
CA VAL A 71 -28.17 2.27 -7.03
C VAL A 71 -29.65 2.50 -7.35
N ILE A 72 -30.39 2.95 -6.34
CA ILE A 72 -31.82 3.20 -6.49
C ILE A 72 -32.20 4.15 -7.61
N THR A 73 -31.78 5.39 -7.54
CA THR A 73 -32.14 6.32 -8.61
C THR A 73 -31.75 5.71 -9.96
N SER A 74 -30.65 4.98 -9.98
CA SER A 74 -30.21 4.33 -11.22
C SER A 74 -31.30 3.39 -11.70
N GLY A 75 -31.88 2.65 -10.76
CA GLY A 75 -32.94 1.73 -11.10
C GLY A 75 -34.24 2.45 -11.45
N LEU A 76 -34.49 3.59 -10.82
CA LEU A 76 -35.70 4.34 -11.10
C LEU A 76 -35.67 4.91 -12.51
N SER A 77 -34.48 5.17 -13.02
CA SER A 77 -34.39 5.71 -14.37
C SER A 77 -34.90 4.65 -15.35
N ILE A 78 -34.51 3.40 -15.12
CA ILE A 78 -34.92 2.31 -15.99
C ILE A 78 -36.42 2.05 -15.87
N TYR A 79 -36.92 2.07 -14.65
CA TYR A 79 -38.34 1.86 -14.38
C TYR A 79 -39.22 2.89 -15.09
N ASP A 80 -38.83 4.16 -15.05
CA ASP A 80 -39.64 5.19 -15.69
C ASP A 80 -39.55 5.16 -17.21
N THR A 81 -38.39 4.77 -17.74
CA THR A 81 -38.20 4.69 -19.18
C THR A 81 -39.11 3.58 -19.73
N MET A 82 -39.14 2.44 -19.03
CA MET A 82 -39.97 1.30 -19.42
C MET A 82 -41.44 1.72 -19.57
N ASN A 83 -41.87 2.63 -18.71
CA ASN A 83 -43.24 3.10 -18.76
C ASN A 83 -43.36 4.31 -19.66
N PHE A 84 -42.24 4.97 -19.91
CA PHE A 84 -42.21 6.17 -20.75
C PHE A 84 -42.37 5.82 -22.23
N ILE A 85 -41.69 4.77 -22.68
CA ILE A 85 -41.79 4.36 -24.07
C ILE A 85 -43.14 3.68 -24.33
N ARG A 86 -43.49 3.52 -25.60
CA ARG A 86 -44.77 2.93 -25.96
C ARG A 86 -44.85 1.41 -25.92
N PRO A 87 -43.85 0.71 -26.47
CA PRO A 87 -43.91 -0.75 -26.43
C PRO A 87 -43.89 -1.38 -25.03
N ASP A 88 -44.54 -2.53 -24.90
CA ASP A 88 -44.57 -3.25 -23.63
C ASP A 88 -43.17 -3.78 -23.37
N VAL A 89 -42.68 -3.62 -22.15
CA VAL A 89 -41.36 -4.13 -21.81
C VAL A 89 -41.56 -5.36 -20.94
N SER A 90 -41.38 -6.53 -21.54
CA SER A 90 -41.50 -7.77 -20.81
C SER A 90 -40.18 -8.00 -20.07
N THR A 91 -40.28 -8.48 -18.83
CA THR A 91 -39.08 -8.75 -18.04
C THR A 91 -38.92 -10.25 -17.85
N ILE A 92 -37.69 -10.73 -17.96
CA ILE A 92 -37.38 -12.15 -17.78
C ILE A 92 -36.19 -12.31 -16.83
N CYS A 93 -36.42 -12.94 -15.69
CA CYS A 93 -35.36 -13.15 -14.71
C CYS A 93 -34.63 -14.47 -14.91
N ILE A 94 -33.32 -14.38 -15.10
CA ILE A 94 -32.47 -15.55 -15.27
C ILE A 94 -31.34 -15.44 -14.27
N GLY A 95 -31.14 -16.50 -13.50
CA GLY A 95 -30.10 -16.48 -12.50
C GLY A 95 -30.65 -15.81 -11.26
N GLN A 96 -30.77 -14.49 -11.28
CA GLN A 96 -31.30 -13.79 -10.14
C GLN A 96 -31.73 -12.35 -10.41
N ALA A 97 -32.69 -11.92 -9.62
CA ALA A 97 -33.21 -10.57 -9.64
C ALA A 97 -33.28 -10.23 -8.16
N ALA A 98 -32.27 -9.54 -7.66
CA ALA A 98 -32.22 -9.17 -6.24
C ALA A 98 -32.34 -7.67 -5.98
N ALA A 99 -33.13 -7.35 -4.96
CA ALA A 99 -33.34 -5.96 -4.56
C ALA A 99 -33.80 -5.12 -5.74
N MET A 100 -33.02 -4.12 -6.14
CA MET A 100 -33.43 -3.29 -7.27
C MET A 100 -33.71 -4.12 -8.51
N GLY A 101 -33.03 -5.24 -8.65
CA GLY A 101 -33.24 -6.09 -9.81
C GLY A 101 -34.64 -6.70 -9.76
N ALA A 102 -35.08 -7.05 -8.55
CA ALA A 102 -36.39 -7.64 -8.36
C ALA A 102 -37.44 -6.54 -8.54
N PHE A 103 -37.10 -5.33 -8.16
CA PHE A 103 -37.98 -4.19 -8.31
C PHE A 103 -38.28 -4.03 -9.80
N LEU A 104 -37.23 -4.01 -10.61
CA LEU A 104 -37.38 -3.85 -12.06
C LEU A 104 -38.16 -5.00 -12.67
N LEU A 105 -37.87 -6.20 -12.19
CA LEU A 105 -38.54 -7.40 -12.68
C LEU A 105 -40.05 -7.25 -12.50
N SER A 106 -40.47 -6.86 -11.31
CA SER A 106 -41.89 -6.71 -11.01
C SER A 106 -42.54 -5.53 -11.74
N CYS A 107 -41.73 -4.66 -12.32
CA CYS A 107 -42.25 -3.49 -13.03
C CYS A 107 -42.51 -3.73 -14.52
N GLY A 108 -42.32 -4.97 -14.98
CA GLY A 108 -42.56 -5.27 -16.38
C GLY A 108 -44.04 -5.16 -16.70
N ALA A 109 -44.39 -5.10 -17.99
CA ALA A 109 -45.80 -5.00 -18.38
C ALA A 109 -46.60 -6.15 -17.77
N LYS A 110 -47.74 -5.85 -17.16
CA LYS A 110 -48.57 -6.88 -16.52
C LYS A 110 -48.83 -8.08 -17.45
N GLY A 111 -48.66 -9.28 -16.90
CA GLY A 111 -48.88 -10.47 -17.68
C GLY A 111 -47.63 -10.93 -18.41
N LYS A 112 -46.66 -10.03 -18.52
CA LYS A 112 -45.40 -10.35 -19.20
C LYS A 112 -44.17 -10.34 -18.28
N ARG A 113 -44.39 -10.54 -16.99
CA ARG A 113 -43.28 -10.60 -16.04
C ARG A 113 -42.96 -12.09 -15.88
N PHE A 114 -41.80 -12.53 -16.38
CA PHE A 114 -41.43 -13.95 -16.33
C PHE A 114 -40.16 -14.30 -15.54
N SER A 115 -39.90 -15.61 -15.47
CA SER A 115 -38.72 -16.14 -14.82
C SER A 115 -38.46 -17.59 -15.20
N LEU A 116 -37.18 -17.93 -15.39
CA LEU A 116 -36.81 -19.30 -15.69
C LEU A 116 -36.97 -20.00 -14.33
N PRO A 117 -37.28 -21.30 -14.35
CA PRO A 117 -37.51 -22.14 -13.18
C PRO A 117 -36.55 -22.14 -11.99
N HIS A 118 -35.27 -21.87 -12.21
CA HIS A 118 -34.34 -21.91 -11.07
C HIS A 118 -33.76 -20.57 -10.66
N SER A 119 -34.43 -19.48 -11.03
CA SER A 119 -33.97 -18.14 -10.67
C SER A 119 -34.35 -17.88 -9.22
N ARG A 120 -33.61 -16.99 -8.56
CA ARG A 120 -33.95 -16.65 -7.21
C ARG A 120 -34.27 -15.15 -7.17
N ILE A 121 -35.39 -14.81 -6.57
CA ILE A 121 -35.83 -13.42 -6.46
C ILE A 121 -35.73 -13.00 -4.99
N MET A 122 -35.15 -11.82 -4.75
CA MET A 122 -35.01 -11.32 -3.39
C MET A 122 -35.36 -9.85 -3.33
N ILE A 123 -36.09 -9.46 -2.29
CA ILE A 123 -36.48 -8.08 -2.10
C ILE A 123 -36.08 -7.63 -0.69
N HIS A 124 -35.60 -6.38 -0.59
CA HIS A 124 -35.18 -5.82 0.71
C HIS A 124 -35.18 -4.29 0.73
N GLN A 125 -35.18 -3.71 1.92
CA GLN A 125 -35.18 -2.26 2.03
C GLN A 125 -33.83 -1.69 1.58
N PRO A 126 -33.79 -0.40 1.26
CA PRO A 126 -32.54 0.23 0.80
C PRO A 126 -31.41 0.27 1.83
N LEU A 127 -30.19 0.36 1.30
CA LEU A 127 -28.98 0.42 2.09
C LEU A 127 -28.27 1.72 1.74
N GLY A 128 -27.49 2.26 2.67
CA GLY A 128 -26.79 3.50 2.38
C GLY A 128 -25.87 4.00 3.46
N GLY A 129 -25.40 5.22 3.26
CA GLY A 129 -24.51 5.84 4.22
C GLY A 129 -24.77 7.32 4.34
N ALA A 130 -24.44 7.86 5.51
CA ALA A 130 -24.62 9.28 5.79
C ALA A 130 -23.40 9.74 6.60
N GLN A 131 -22.87 10.90 6.25
CA GLN A 131 -21.69 11.41 6.92
C GLN A 131 -21.73 12.93 6.97
N GLY A 132 -21.36 13.50 8.12
CA GLY A 132 -21.35 14.94 8.25
C GLY A 132 -22.04 15.44 9.50
N GLN A 133 -22.51 16.68 9.46
CA GLN A 133 -23.21 17.25 10.60
C GLN A 133 -24.53 16.55 10.85
N ALA A 134 -24.95 16.52 12.10
CA ALA A 134 -26.22 15.89 12.46
C ALA A 134 -27.34 16.31 11.51
N SER A 135 -27.33 17.59 11.11
CA SER A 135 -28.34 18.12 10.19
C SER A 135 -28.30 17.45 8.82
N ASP A 136 -27.11 17.15 8.32
CA ASP A 136 -26.97 16.51 7.02
C ASP A 136 -27.35 15.03 7.08
N ILE A 137 -27.07 14.42 8.22
CA ILE A 137 -27.38 13.01 8.43
C ILE A 137 -28.90 12.87 8.50
N GLU A 138 -29.56 13.88 9.07
CA GLU A 138 -31.01 13.86 9.19
C GLU A 138 -31.65 14.00 7.81
N ILE A 139 -31.04 14.84 6.98
CA ILE A 139 -31.53 15.08 5.64
C ILE A 139 -31.39 13.83 4.80
N ILE A 140 -30.21 13.22 4.84
CA ILE A 140 -29.98 12.01 4.06
C ILE A 140 -30.83 10.84 4.59
N SER A 141 -31.08 10.83 5.89
CA SER A 141 -31.88 9.78 6.50
C SER A 141 -33.33 9.89 6.03
N ASN A 142 -33.86 11.10 6.02
CA ASN A 142 -35.24 11.32 5.56
C ASN A 142 -35.38 10.96 4.09
N GLU A 143 -34.38 11.33 3.30
CA GLU A 143 -34.38 11.06 1.86
C GLU A 143 -34.35 9.58 1.54
N ILE A 144 -33.57 8.82 2.29
CA ILE A 144 -33.49 7.38 2.06
C ILE A 144 -34.80 6.71 2.48
N LEU A 145 -35.40 7.20 3.57
CA LEU A 145 -36.66 6.66 4.04
C LEU A 145 -37.74 6.99 3.01
N ARG A 146 -37.54 8.11 2.31
CA ARG A 146 -38.47 8.52 1.27
C ARG A 146 -38.37 7.50 0.13
N LEU A 147 -37.13 7.12 -0.21
CA LEU A 147 -36.91 6.14 -1.27
C LEU A 147 -37.50 4.79 -0.85
N LYS A 148 -37.37 4.49 0.43
CA LYS A 148 -37.87 3.24 0.98
C LYS A 148 -39.40 3.17 0.86
N GLY A 149 -40.08 4.22 1.33
CA GLY A 149 -41.54 4.25 1.25
C GLY A 149 -42.00 4.14 -0.18
N LEU A 150 -41.27 4.78 -1.09
CA LEU A 150 -41.60 4.77 -2.50
C LEU A 150 -41.57 3.37 -3.11
N MET A 151 -40.46 2.65 -2.94
CA MET A 151 -40.31 1.31 -3.49
C MET A 151 -41.21 0.25 -2.83
N ASN A 152 -41.48 0.40 -1.55
CA ASN A 152 -42.35 -0.54 -0.86
C ASN A 152 -43.78 -0.47 -1.40
N SER A 153 -44.25 0.74 -1.71
CA SER A 153 -45.61 0.90 -2.23
C SER A 153 -45.71 0.52 -3.71
N ILE A 154 -44.66 0.75 -4.48
CA ILE A 154 -44.68 0.37 -5.89
C ILE A 154 -44.68 -1.16 -5.92
N LEU A 155 -43.89 -1.76 -5.03
CA LEU A 155 -43.79 -3.21 -4.90
C LEU A 155 -45.15 -3.69 -4.37
N ALA A 156 -45.82 -2.84 -3.59
CA ALA A 156 -47.13 -3.19 -3.03
C ALA A 156 -48.15 -3.26 -4.17
N GLN A 157 -48.12 -2.24 -5.02
CA GLN A 157 -49.05 -2.19 -6.13
C GLN A 157 -48.70 -3.19 -7.22
N ASN A 158 -47.42 -3.49 -7.40
CA ASN A 158 -47.00 -4.44 -8.42
C ASN A 158 -47.32 -5.89 -8.06
N SER A 159 -47.40 -6.18 -6.76
CA SER A 159 -47.68 -7.54 -6.32
C SER A 159 -49.13 -7.74 -5.88
N GLY A 160 -49.84 -6.65 -5.62
CA GLY A 160 -51.22 -6.77 -5.19
C GLY A 160 -51.39 -6.91 -3.69
N GLN A 161 -50.33 -6.63 -2.93
CA GLN A 161 -50.40 -6.74 -1.48
C GLN A 161 -50.40 -5.38 -0.78
N SER A 162 -50.77 -5.40 0.49
CA SER A 162 -50.80 -4.19 1.29
C SER A 162 -49.38 -3.71 1.54
N LEU A 163 -49.17 -2.40 1.45
CA LEU A 163 -47.86 -1.79 1.68
C LEU A 163 -47.30 -2.33 3.00
N GLU A 164 -48.17 -2.44 3.99
CA GLU A 164 -47.81 -2.94 5.31
C GLU A 164 -47.12 -4.30 5.25
N GLN A 165 -47.73 -5.27 4.56
CA GLN A 165 -47.12 -6.58 4.48
C GLN A 165 -45.80 -6.56 3.71
N ILE A 166 -45.68 -5.64 2.77
CA ILE A 166 -44.45 -5.51 1.99
C ILE A 166 -43.36 -4.98 2.91
N ALA A 167 -43.66 -3.90 3.62
CA ALA A 167 -42.73 -3.28 4.55
C ALA A 167 -42.22 -4.33 5.53
N LYS A 168 -43.14 -5.18 5.99
CA LYS A 168 -42.81 -6.24 6.92
C LYS A 168 -41.85 -7.24 6.26
N ASP A 169 -42.12 -7.56 5.00
CA ASP A 169 -41.32 -8.50 4.24
C ASP A 169 -39.93 -8.03 3.81
N THR A 170 -39.79 -6.75 3.50
CA THR A 170 -38.50 -6.25 3.06
C THR A 170 -37.62 -5.69 4.18
N ASP A 171 -38.10 -5.76 5.42
CA ASP A 171 -37.32 -5.26 6.53
C ASP A 171 -35.89 -5.80 6.40
N ARG A 172 -35.79 -7.10 6.12
CA ARG A 172 -34.50 -7.73 5.96
C ARG A 172 -34.57 -8.58 4.68
N ASP A 173 -33.44 -9.05 4.18
CA ASP A 173 -33.42 -9.85 2.96
C ASP A 173 -34.49 -10.92 2.94
N PHE A 174 -35.30 -10.89 1.89
CA PHE A 174 -36.41 -11.82 1.70
C PHE A 174 -36.15 -12.60 0.41
N TYR A 175 -35.68 -13.83 0.54
CA TYR A 175 -35.40 -14.64 -0.64
C TYR A 175 -36.58 -15.52 -1.02
N MET A 176 -36.72 -15.75 -2.33
CA MET A 176 -37.81 -16.56 -2.86
C MET A 176 -37.37 -17.32 -4.09
N SER A 177 -38.00 -18.48 -4.30
CA SER A 177 -37.73 -19.28 -5.49
C SER A 177 -38.57 -18.59 -6.59
N ALA A 178 -38.38 -18.96 -7.85
CA ALA A 178 -39.16 -18.35 -8.92
C ALA A 178 -40.65 -18.58 -8.69
N LYS A 179 -40.99 -19.79 -8.25
CA LYS A 179 -42.38 -20.16 -7.99
C LYS A 179 -42.97 -19.26 -6.89
N GLU A 180 -42.23 -19.11 -5.79
CA GLU A 180 -42.69 -18.27 -4.69
C GLU A 180 -42.81 -16.80 -5.10
N ALA A 181 -41.95 -16.37 -6.01
CA ALA A 181 -41.99 -14.98 -6.46
C ALA A 181 -43.32 -14.77 -7.19
N LYS A 182 -43.76 -15.83 -7.88
CA LYS A 182 -45.01 -15.83 -8.64
C LYS A 182 -46.18 -15.83 -7.65
N GLU A 183 -46.07 -16.65 -6.61
CA GLU A 183 -47.11 -16.72 -5.58
C GLU A 183 -47.23 -15.34 -4.94
N TYR A 184 -46.06 -14.70 -4.75
CA TYR A 184 -45.99 -13.38 -4.13
C TYR A 184 -46.61 -12.28 -4.99
N GLY A 185 -46.47 -12.41 -6.31
CA GLY A 185 -47.01 -11.42 -7.22
C GLY A 185 -45.99 -10.56 -7.94
N LEU A 186 -44.72 -10.94 -7.87
CA LEU A 186 -43.68 -10.16 -8.52
C LEU A 186 -43.58 -10.51 -10.00
N ILE A 187 -43.82 -11.76 -10.34
CA ILE A 187 -43.81 -12.22 -11.74
C ILE A 187 -45.15 -12.87 -12.06
N ASP A 188 -45.49 -12.93 -13.34
CA ASP A 188 -46.77 -13.50 -13.74
C ASP A 188 -46.71 -14.97 -14.14
N LYS A 189 -45.51 -15.46 -14.40
CA LYS A 189 -45.37 -16.82 -14.84
C LYS A 189 -43.94 -17.34 -14.76
N VAL A 190 -43.81 -18.65 -14.60
CA VAL A 190 -42.51 -19.31 -14.55
C VAL A 190 -42.47 -20.20 -15.79
N LEU A 191 -41.56 -19.92 -16.71
CA LEU A 191 -41.46 -20.72 -17.93
C LEU A 191 -40.87 -22.09 -17.60
N GLN A 192 -41.74 -23.11 -17.61
CA GLN A 192 -41.37 -24.50 -17.31
C GLN A 192 -40.34 -25.08 -18.28
N ALA B 1 -24.91 7.61 -2.45
CA ALA B 1 -25.89 6.92 -3.34
C ALA B 1 -26.54 5.76 -2.61
N ALA B 2 -27.84 5.88 -2.33
CA ALA B 2 -28.55 4.81 -1.66
C ALA B 2 -28.74 3.66 -2.66
N ALA B 3 -28.61 2.44 -2.17
CA ALA B 3 -28.77 1.28 -3.03
C ALA B 3 -29.80 0.28 -2.53
N ALA B 4 -30.18 -0.60 -3.44
CA ALA B 4 -31.13 -1.66 -3.14
C ALA B 4 -30.48 -2.86 -3.82
N ASP C 20 -22.99 2.33 -33.03
CA ASP C 20 -23.04 2.62 -31.56
C ASP C 20 -24.44 3.08 -31.16
N ILE C 21 -24.99 2.43 -30.15
CA ILE C 21 -26.33 2.75 -29.66
C ILE C 21 -26.49 4.24 -29.35
N TYR C 22 -25.46 4.82 -28.71
CA TYR C 22 -25.47 6.24 -28.36
C TYR C 22 -25.37 7.10 -29.61
N SER C 23 -24.59 6.64 -30.57
CA SER C 23 -24.41 7.38 -31.81
C SER C 23 -25.71 7.45 -32.61
N ARG C 24 -26.48 6.37 -32.60
CA ARG C 24 -27.75 6.37 -33.33
C ARG C 24 -28.76 7.28 -32.63
N LEU C 25 -28.75 7.29 -31.30
CA LEU C 25 -29.67 8.14 -30.55
C LEU C 25 -29.33 9.62 -30.73
N LEU C 26 -28.05 9.89 -30.94
CA LEU C 26 -27.60 11.25 -31.14
C LEU C 26 -28.16 11.75 -32.48
N LYS C 27 -28.39 10.81 -33.41
CA LYS C 27 -28.92 11.14 -34.74
C LYS C 27 -30.37 11.59 -34.67
N ASP C 28 -31.08 11.16 -33.62
CA ASP C 28 -32.47 11.57 -33.44
C ASP C 28 -32.47 12.78 -32.49
N ARG C 29 -31.29 13.39 -32.37
CA ARG C 29 -31.07 14.56 -31.54
C ARG C 29 -31.27 14.35 -30.03
N ILE C 30 -30.76 13.25 -29.53
CA ILE C 30 -30.88 12.92 -28.11
C ILE C 30 -29.49 12.75 -27.54
N VAL C 31 -29.13 13.58 -26.58
CA VAL C 31 -27.82 13.46 -25.97
C VAL C 31 -28.09 13.00 -24.54
N LEU C 32 -27.23 12.13 -24.03
CA LEU C 32 -27.40 11.60 -22.69
C LEU C 32 -26.33 12.11 -21.75
N LEU C 33 -26.76 12.63 -20.59
CA LEU C 33 -25.83 13.14 -19.58
C LEU C 33 -26.03 12.28 -18.34
N SER C 34 -25.14 11.31 -18.17
CA SER C 34 -25.19 10.39 -17.04
C SER C 34 -23.91 10.45 -16.21
N GLY C 35 -24.06 10.33 -14.89
CA GLY C 35 -22.91 10.35 -14.01
C GLY C 35 -22.41 11.73 -13.59
N GLU C 36 -21.26 11.74 -12.94
CA GLU C 36 -20.66 12.97 -12.44
C GLU C 36 -20.30 13.92 -13.59
N ILE C 37 -20.40 15.21 -13.31
CA ILE C 37 -20.10 16.24 -14.30
C ILE C 37 -18.68 16.78 -14.11
N ASN C 38 -17.89 16.78 -15.17
CA ASN C 38 -16.53 17.29 -15.11
C ASN C 38 -16.06 17.72 -16.50
N ASP C 39 -14.83 18.21 -16.61
CA ASP C 39 -14.31 18.68 -17.88
C ASP C 39 -14.31 17.68 -19.01
N SER C 40 -14.23 16.40 -18.68
CA SER C 40 -14.22 15.37 -19.70
C SER C 40 -15.64 15.19 -20.23
N VAL C 41 -16.57 15.01 -19.30
CA VAL C 41 -17.98 14.83 -19.64
C VAL C 41 -18.53 16.08 -20.34
N ALA C 42 -18.18 17.26 -19.80
CA ALA C 42 -18.67 18.51 -20.37
C ALA C 42 -18.21 18.76 -21.80
N SER C 43 -16.92 18.54 -22.07
CA SER C 43 -16.44 18.77 -23.43
C SER C 43 -17.18 17.85 -24.40
N SER C 44 -17.58 16.69 -23.90
CA SER C 44 -18.31 15.73 -24.73
C SER C 44 -19.73 16.22 -24.98
N ILE C 45 -20.37 16.72 -23.93
CA ILE C 45 -21.74 17.23 -24.06
C ILE C 45 -21.78 18.49 -24.92
N VAL C 46 -20.73 19.29 -24.82
CA VAL C 46 -20.64 20.53 -25.62
C VAL C 46 -20.47 20.16 -27.09
N ALA C 47 -19.55 19.25 -27.36
CA ALA C 47 -19.26 18.80 -28.72
C ALA C 47 -20.50 18.23 -29.38
N GLN C 48 -21.29 17.47 -28.61
CA GLN C 48 -22.51 16.88 -29.13
C GLN C 48 -23.52 17.98 -29.46
N LEU C 49 -23.59 18.99 -28.59
CA LEU C 49 -24.52 20.09 -28.80
C LEU C 49 -24.11 20.94 -30.00
N LEU C 50 -22.83 21.25 -30.12
CA LEU C 50 -22.34 22.05 -31.24
C LEU C 50 -22.64 21.28 -32.53
N PHE C 51 -22.29 20.00 -32.51
CA PHE C 51 -22.52 19.14 -33.65
C PHE C 51 -23.99 19.22 -34.08
N LEU C 52 -24.90 18.89 -33.18
CA LEU C 52 -26.33 18.89 -33.49
C LEU C 52 -26.84 20.21 -34.07
N GLU C 53 -26.23 21.34 -33.66
CA GLU C 53 -26.67 22.62 -34.21
C GLU C 53 -26.24 22.72 -35.65
N ALA C 54 -25.03 22.24 -35.92
CA ALA C 54 -24.49 22.27 -37.27
C ALA C 54 -25.41 21.42 -38.15
N GLU C 55 -25.86 20.29 -37.62
CA GLU C 55 -26.72 19.39 -38.37
C GLU C 55 -28.05 20.06 -38.74
N ASP C 56 -28.64 20.76 -37.79
CA ASP C 56 -29.92 21.46 -38.01
C ASP C 56 -30.16 22.38 -36.81
N PRO C 57 -29.85 23.69 -36.98
CA PRO C 57 -30.02 24.71 -35.93
C PRO C 57 -31.44 25.12 -35.60
N GLU C 58 -32.43 24.39 -36.14
CA GLU C 58 -33.82 24.75 -35.87
C GLU C 58 -34.58 23.71 -35.07
N LYS C 59 -34.21 22.45 -35.23
CA LYS C 59 -34.90 21.37 -34.51
C LYS C 59 -34.48 21.35 -33.04
N ASP C 60 -35.39 20.90 -32.19
CA ASP C 60 -35.13 20.81 -30.77
C ASP C 60 -34.21 19.66 -30.42
N ILE C 61 -33.48 19.82 -29.32
CA ILE C 61 -32.55 18.81 -28.86
C ILE C 61 -33.03 18.30 -27.51
N GLY C 62 -32.94 16.99 -27.33
CA GLY C 62 -33.38 16.39 -26.07
C GLY C 62 -32.21 15.97 -25.20
N LEU C 63 -31.94 16.76 -24.15
CA LEU C 63 -30.85 16.47 -23.23
C LEU C 63 -31.41 15.75 -22.01
N TYR C 64 -31.24 14.43 -21.97
CA TYR C 64 -31.71 13.63 -20.84
C TYR C 64 -30.66 13.68 -19.75
N ILE C 65 -31.09 13.95 -18.53
CA ILE C 65 -30.16 14.07 -17.42
C ILE C 65 -30.38 13.12 -16.25
N ASN C 66 -29.31 12.44 -15.88
CA ASN C 66 -29.29 11.52 -14.75
C ASN C 66 -27.89 11.73 -14.18
N SER C 67 -27.76 12.77 -13.36
CA SER C 67 -26.48 13.12 -12.78
C SER C 67 -26.57 13.45 -11.30
N PRO C 68 -25.52 13.14 -10.53
CA PRO C 68 -25.44 13.40 -9.11
C PRO C 68 -24.85 14.81 -8.89
N GLY C 69 -24.37 15.41 -9.96
CA GLY C 69 -23.77 16.75 -9.89
C GLY C 69 -22.34 16.74 -10.38
N GLY C 70 -21.59 17.80 -10.11
CA GLY C 70 -20.19 17.84 -10.57
C GLY C 70 -19.48 19.18 -10.42
N VAL C 71 -18.33 19.29 -11.09
CA VAL C 71 -17.51 20.50 -11.08
C VAL C 71 -18.36 21.65 -11.62
N ILE C 72 -18.41 22.76 -10.88
CA ILE C 72 -19.24 23.90 -11.29
C ILE C 72 -18.89 24.59 -12.62
N THR C 73 -17.62 24.91 -12.85
CA THR C 73 -17.27 25.57 -14.10
C THR C 73 -17.63 24.65 -15.28
N SER C 74 -17.44 23.34 -15.09
CA SER C 74 -17.77 22.36 -16.12
C SER C 74 -19.24 22.48 -16.49
N GLY C 75 -20.11 22.37 -15.49
CA GLY C 75 -21.53 22.47 -15.74
C GLY C 75 -21.92 23.78 -16.42
N LEU C 76 -21.15 24.82 -16.15
CA LEU C 76 -21.41 26.13 -16.74
C LEU C 76 -21.06 26.13 -18.22
N SER C 77 -20.05 25.37 -18.61
CA SER C 77 -19.68 25.31 -20.01
C SER C 77 -20.85 24.68 -20.78
N ILE C 78 -21.47 23.67 -20.18
CA ILE C 78 -22.61 23.01 -20.79
C ILE C 78 -23.74 24.03 -20.88
N TYR C 79 -23.98 24.73 -19.77
CA TYR C 79 -25.03 25.74 -19.72
C TYR C 79 -24.92 26.83 -20.78
N ASP C 80 -23.78 27.50 -20.85
CA ASP C 80 -23.59 28.55 -21.83
C ASP C 80 -23.67 28.02 -23.27
N THR C 81 -23.26 26.77 -23.47
CA THR C 81 -23.32 26.17 -24.78
C THR C 81 -24.79 25.94 -25.13
N MET C 82 -25.62 25.72 -24.11
CA MET C 82 -27.04 25.51 -24.33
C MET C 82 -27.75 26.78 -24.81
N ASN C 83 -27.38 27.93 -24.24
CA ASN C 83 -27.98 29.20 -24.65
C ASN C 83 -27.30 29.71 -25.90
N PHE C 84 -26.00 29.45 -26.00
CA PHE C 84 -25.20 29.89 -27.14
C PHE C 84 -25.75 29.39 -28.48
N ILE C 85 -26.09 28.11 -28.55
CA ILE C 85 -26.62 27.55 -29.79
C ILE C 85 -28.06 27.96 -30.07
N ARG C 86 -28.40 27.98 -31.35
CA ARG C 86 -29.73 28.36 -31.81
C ARG C 86 -30.84 27.42 -31.39
N PRO C 87 -30.63 26.11 -31.52
CA PRO C 87 -31.69 25.16 -31.12
C PRO C 87 -32.09 25.26 -29.64
N ASP C 88 -33.37 25.00 -29.37
CA ASP C 88 -33.88 25.00 -28.00
C ASP C 88 -33.47 23.64 -27.43
N VAL C 89 -32.79 23.66 -26.28
CA VAL C 89 -32.37 22.43 -25.65
C VAL C 89 -33.33 22.07 -24.54
N SER C 90 -34.11 21.01 -24.78
CA SER C 90 -35.07 20.53 -23.82
C SER C 90 -34.34 19.61 -22.84
N THR C 91 -34.71 19.68 -21.57
CA THR C 91 -34.09 18.82 -20.58
C THR C 91 -35.12 17.87 -19.98
N ILE C 92 -34.73 16.61 -19.87
CA ILE C 92 -35.59 15.59 -19.32
C ILE C 92 -34.82 14.90 -18.19
N CYS C 93 -35.37 14.94 -16.99
CA CYS C 93 -34.74 14.32 -15.84
C CYS C 93 -35.23 12.87 -15.64
N ILE C 94 -34.30 11.93 -15.70
CA ILE C 94 -34.57 10.51 -15.50
C ILE C 94 -33.62 10.03 -14.40
N GLY C 95 -34.14 9.28 -13.43
CA GLY C 95 -33.31 8.82 -12.33
C GLY C 95 -33.21 9.94 -11.30
N GLN C 96 -32.32 10.90 -11.54
CA GLN C 96 -32.16 12.02 -10.62
C GLN C 96 -31.38 13.16 -11.28
N ALA C 97 -31.57 14.36 -10.75
CA ALA C 97 -30.88 15.55 -11.19
C ALA C 97 -30.49 16.21 -9.87
N ALA C 98 -29.26 16.00 -9.42
CA ALA C 98 -28.82 16.56 -8.15
C ALA C 98 -27.75 17.64 -8.32
N ALA C 99 -27.91 18.71 -7.55
CA ALA C 99 -26.99 19.84 -7.56
C ALA C 99 -26.76 20.37 -8.97
N MET C 100 -25.51 20.41 -9.42
CA MET C 100 -25.21 20.90 -10.75
C MET C 100 -26.05 20.19 -11.81
N GLY C 101 -26.48 18.97 -11.51
CA GLY C 101 -27.30 18.23 -12.45
C GLY C 101 -28.67 18.86 -12.50
N ALA C 102 -29.19 19.27 -11.34
CA ALA C 102 -30.50 19.90 -11.25
C ALA C 102 -30.42 21.30 -11.86
N PHE C 103 -29.32 21.98 -11.60
CA PHE C 103 -29.07 23.32 -12.12
C PHE C 103 -29.29 23.29 -13.62
N LEU C 104 -28.69 22.28 -14.27
CA LEU C 104 -28.77 22.11 -15.72
C LEU C 104 -30.18 21.79 -16.22
N LEU C 105 -30.91 21.00 -15.44
CA LEU C 105 -32.29 20.64 -15.77
C LEU C 105 -33.14 21.92 -15.84
N SER C 106 -32.85 22.88 -14.96
CA SER C 106 -33.60 24.12 -14.92
C SER C 106 -33.16 25.11 -16.01
N CYS C 107 -31.98 24.90 -16.57
CA CYS C 107 -31.48 25.78 -17.62
C CYS C 107 -32.04 25.39 -18.98
N GLY C 108 -32.94 24.42 -19.00
CA GLY C 108 -33.52 24.00 -20.26
C GLY C 108 -34.45 25.08 -20.79
N ALA C 109 -34.77 24.99 -22.08
CA ALA C 109 -35.65 25.96 -22.73
C ALA C 109 -36.99 26.01 -22.00
N LYS C 110 -37.50 27.21 -21.77
CA LYS C 110 -38.77 27.39 -21.06
C LYS C 110 -39.91 26.58 -21.67
N GLY C 111 -40.58 25.79 -20.84
CA GLY C 111 -41.68 24.97 -21.30
C GLY C 111 -41.25 23.59 -21.75
N LYS C 112 -39.94 23.36 -21.79
CA LYS C 112 -39.39 22.08 -22.23
C LYS C 112 -38.43 21.46 -21.22
N ARG C 113 -38.67 21.75 -19.95
CA ARG C 113 -37.86 21.18 -18.87
C ARG C 113 -38.77 20.11 -18.28
N PHE C 114 -38.46 18.86 -18.59
CA PHE C 114 -39.29 17.74 -18.15
C PHE C 114 -38.63 16.76 -17.16
N SER C 115 -39.45 15.86 -16.64
CA SER C 115 -38.99 14.84 -15.70
C SER C 115 -39.95 13.66 -15.69
N LEU C 116 -39.41 12.46 -15.53
CA LEU C 116 -40.26 11.29 -15.46
C LEU C 116 -40.83 11.31 -14.03
N PRO C 117 -41.96 10.63 -13.80
CA PRO C 117 -42.63 10.59 -12.50
C PRO C 117 -41.87 10.19 -11.24
N HIS C 118 -40.76 9.47 -11.36
CA HIS C 118 -40.06 9.05 -10.15
C HIS C 118 -38.62 9.57 -10.01
N SER C 119 -38.27 10.60 -10.75
CA SER C 119 -36.93 11.15 -10.64
C SER C 119 -36.87 11.96 -9.36
N ARG C 120 -35.66 12.23 -8.88
CA ARG C 120 -35.52 13.03 -7.69
C ARG C 120 -34.60 14.20 -8.05
N ILE C 121 -34.99 15.39 -7.61
CA ILE C 121 -34.21 16.59 -7.87
C ILE C 121 -33.68 17.13 -6.53
N MET C 122 -32.43 17.60 -6.55
CA MET C 122 -31.81 18.15 -5.35
C MET C 122 -30.92 19.33 -5.70
N ILE C 123 -30.98 20.37 -4.88
CA ILE C 123 -30.14 21.55 -5.09
C ILE C 123 -29.44 21.84 -3.78
N HIS C 124 -28.20 22.31 -3.89
CA HIS C 124 -27.43 22.63 -2.70
C HIS C 124 -26.27 23.55 -3.07
N GLN C 125 -25.74 24.27 -2.08
CA GLN C 125 -24.65 25.19 -2.32
C GLN C 125 -23.37 24.44 -2.71
N PRO C 126 -22.38 25.17 -3.23
CA PRO C 126 -21.09 24.60 -3.65
C PRO C 126 -20.29 23.95 -2.51
N LEU C 127 -19.38 23.06 -2.91
CA LEU C 127 -18.50 22.36 -1.98
C LEU C 127 -17.12 22.55 -2.58
N GLY C 128 -16.11 22.67 -1.73
CA GLY C 128 -14.76 22.85 -2.23
C GLY C 128 -13.68 22.67 -1.19
N GLY C 129 -12.47 23.05 -1.55
CA GLY C 129 -11.34 22.96 -0.64
C GLY C 129 -10.36 24.08 -0.87
N ALA C 130 -9.64 24.45 0.18
CA ALA C 130 -8.66 25.52 0.10
C ALA C 130 -7.46 25.19 0.99
N GLN C 131 -6.26 25.44 0.46
CA GLN C 131 -5.03 25.16 1.19
C GLN C 131 -4.00 26.24 0.94
N GLY C 132 -3.11 26.43 1.90
CA GLY C 132 -2.06 27.41 1.75
C GLY C 132 -2.12 28.53 2.77
N GLN C 133 -1.48 29.63 2.41
CA GLN C 133 -1.42 30.82 3.24
C GLN C 133 -2.82 31.42 3.37
N ALA C 134 -3.06 32.10 4.48
CA ALA C 134 -4.35 32.75 4.74
C ALA C 134 -4.80 33.58 3.55
N SER C 135 -3.86 34.27 2.92
CA SER C 135 -4.16 35.11 1.75
C SER C 135 -4.82 34.31 0.64
N ASP C 136 -4.26 33.15 0.35
CA ASP C 136 -4.78 32.29 -0.70
C ASP C 136 -6.14 31.72 -0.32
N ILE C 137 -6.28 31.32 0.94
CA ILE C 137 -7.54 30.75 1.40
C ILE C 137 -8.69 31.74 1.24
N GLU C 138 -8.44 32.99 1.62
CA GLU C 138 -9.46 34.03 1.51
C GLU C 138 -9.83 34.27 0.04
N ILE C 139 -8.84 34.13 -0.85
CA ILE C 139 -9.09 34.33 -2.28
C ILE C 139 -9.94 33.22 -2.82
N ILE C 140 -9.61 31.99 -2.42
CA ILE C 140 -10.35 30.82 -2.86
C ILE C 140 -11.77 30.83 -2.28
N SER C 141 -11.87 31.24 -1.01
CA SER C 141 -13.16 31.32 -0.34
C SER C 141 -14.03 32.35 -1.05
N ASN C 142 -13.46 33.50 -1.40
CA ASN C 142 -14.24 34.51 -2.07
C ASN C 142 -14.75 34.01 -3.41
N GLU C 143 -13.89 33.31 -4.15
CA GLU C 143 -14.27 32.77 -5.44
C GLU C 143 -15.38 31.70 -5.36
N ILE C 144 -15.33 30.85 -4.33
CA ILE C 144 -16.37 29.83 -4.19
C ILE C 144 -17.67 30.54 -3.83
N LEU C 145 -17.56 31.54 -2.97
CA LEU C 145 -18.75 32.29 -2.60
C LEU C 145 -19.29 32.98 -3.85
N ARG C 146 -18.38 33.39 -4.74
CA ARG C 146 -18.80 34.03 -5.99
C ARG C 146 -19.56 33.00 -6.82
N LEU C 147 -19.01 31.80 -6.97
CA LEU C 147 -19.68 30.76 -7.74
C LEU C 147 -21.02 30.39 -7.08
N LYS C 148 -21.09 30.50 -5.76
CA LYS C 148 -22.31 30.20 -5.04
C LYS C 148 -23.38 31.24 -5.38
N GLY C 149 -22.97 32.50 -5.42
CA GLY C 149 -23.91 33.56 -5.76
C GLY C 149 -24.39 33.36 -7.18
N LEU C 150 -23.46 33.14 -8.12
CA LEU C 150 -23.84 32.94 -9.51
C LEU C 150 -24.82 31.79 -9.69
N MET C 151 -24.53 30.66 -9.05
CA MET C 151 -25.39 29.49 -9.16
C MET C 151 -26.78 29.76 -8.59
N ASN C 152 -26.84 30.27 -7.37
CA ASN C 152 -28.12 30.58 -6.72
C ASN C 152 -28.92 31.58 -7.55
N SER C 153 -28.24 32.55 -8.13
CA SER C 153 -28.86 33.58 -8.95
C SER C 153 -29.60 33.00 -10.17
N ILE C 154 -28.89 32.15 -10.91
CA ILE C 154 -29.46 31.51 -12.09
C ILE C 154 -30.59 30.57 -11.72
N LEU C 155 -30.43 29.90 -10.58
CA LEU C 155 -31.44 28.97 -10.09
C LEU C 155 -32.73 29.75 -9.76
N ALA C 156 -32.56 30.95 -9.21
CA ALA C 156 -33.69 31.78 -8.85
C ALA C 156 -34.38 32.26 -10.12
N GLN C 157 -33.59 32.82 -11.04
CA GLN C 157 -34.12 33.32 -12.29
C GLN C 157 -34.85 32.20 -13.04
N ASN C 158 -34.30 30.98 -13.01
CA ASN C 158 -34.95 29.87 -13.73
C ASN C 158 -36.21 29.33 -13.09
N SER C 159 -36.28 29.37 -11.76
CA SER C 159 -37.42 28.83 -11.06
C SER C 159 -38.51 29.85 -10.74
N GLY C 160 -38.13 31.12 -10.65
CA GLY C 160 -39.10 32.14 -10.30
C GLY C 160 -39.07 32.43 -8.81
N GLN C 161 -38.21 31.74 -8.08
CA GLN C 161 -38.07 31.96 -6.64
C GLN C 161 -37.16 33.17 -6.44
N SER C 162 -37.28 33.83 -5.29
CA SER C 162 -36.43 34.97 -5.00
C SER C 162 -35.02 34.48 -4.68
N LEU C 163 -34.05 35.37 -4.79
CA LEU C 163 -32.65 35.06 -4.51
C LEU C 163 -32.52 34.54 -3.10
N GLU C 164 -33.24 35.19 -2.19
CA GLU C 164 -33.22 34.85 -0.77
C GLU C 164 -33.76 33.46 -0.52
N GLN C 165 -34.79 33.08 -1.24
CA GLN C 165 -35.40 31.76 -1.08
C GLN C 165 -34.39 30.68 -1.48
N ILE C 166 -33.80 30.84 -2.65
CA ILE C 166 -32.81 29.88 -3.16
C ILE C 166 -31.65 29.68 -2.18
N ALA C 167 -31.14 30.79 -1.63
CA ALA C 167 -30.03 30.75 -0.68
C ALA C 167 -30.41 29.99 0.57
N LYS C 168 -31.66 30.14 0.99
CA LYS C 168 -32.17 29.49 2.18
C LYS C 168 -32.33 27.99 1.96
N ASP C 169 -32.89 27.62 0.80
CA ASP C 169 -33.13 26.21 0.49
C ASP C 169 -31.92 25.42 0.05
N THR C 170 -30.85 26.08 -0.37
CA THR C 170 -29.65 25.37 -0.81
C THR C 170 -28.57 25.29 0.26
N ASP C 171 -28.81 25.94 1.39
CA ASP C 171 -27.85 25.96 2.49
C ASP C 171 -27.43 24.51 2.78
N ARG C 172 -28.38 23.59 2.70
CA ARG C 172 -28.11 22.16 2.89
C ARG C 172 -28.86 21.40 1.80
N ASP C 173 -28.61 20.10 1.64
CA ASP C 173 -29.28 19.35 0.60
C ASP C 173 -30.78 19.48 0.65
N PHE C 174 -31.36 19.87 -0.48
CA PHE C 174 -32.79 20.05 -0.62
C PHE C 174 -33.33 19.08 -1.67
N TYR C 175 -33.88 17.97 -1.18
CA TYR C 175 -34.43 16.92 -2.02
C TYR C 175 -35.91 17.10 -2.31
N MET C 176 -36.32 16.80 -3.54
CA MET C 176 -37.72 16.91 -3.89
C MET C 176 -38.11 15.98 -5.04
N SER C 177 -39.35 15.50 -4.97
CA SER C 177 -39.87 14.62 -6.00
C SER C 177 -40.09 15.45 -7.26
N ALA C 178 -40.42 14.79 -8.36
CA ALA C 178 -40.65 15.49 -9.64
C ALA C 178 -41.75 16.53 -9.52
N LYS C 179 -42.89 16.14 -8.93
CA LYS C 179 -44.00 17.06 -8.77
C LYS C 179 -43.63 18.27 -7.92
N GLU C 180 -42.79 18.05 -6.91
CA GLU C 180 -42.39 19.16 -6.06
C GLU C 180 -41.45 20.11 -6.80
N ALA C 181 -40.64 19.56 -7.69
CA ALA C 181 -39.71 20.36 -8.48
C ALA C 181 -40.49 21.24 -9.46
N LYS C 182 -41.65 20.75 -9.87
CA LYS C 182 -42.53 21.49 -10.79
C LYS C 182 -43.08 22.69 -10.02
N GLU C 183 -43.65 22.44 -8.85
CA GLU C 183 -44.20 23.51 -8.03
C GLU C 183 -43.10 24.52 -7.64
N TYR C 184 -41.87 24.03 -7.53
CA TYR C 184 -40.75 24.91 -7.18
C TYR C 184 -40.32 25.79 -8.34
N GLY C 185 -40.64 25.38 -9.56
CA GLY C 185 -40.27 26.14 -10.75
C GLY C 185 -39.04 25.61 -11.46
N LEU C 186 -38.51 24.48 -10.98
CA LEU C 186 -37.33 23.87 -11.58
C LEU C 186 -37.63 23.24 -12.94
N ILE C 187 -38.81 22.62 -13.07
CA ILE C 187 -39.23 22.05 -14.34
C ILE C 187 -40.62 22.55 -14.71
N ASP C 188 -41.00 22.31 -15.97
CA ASP C 188 -42.29 22.76 -16.46
C ASP C 188 -43.34 21.65 -16.41
N LYS C 189 -42.95 20.41 -16.68
CA LYS C 189 -43.90 19.32 -16.67
C LYS C 189 -43.29 17.97 -16.29
N VAL C 190 -44.14 17.13 -15.71
CA VAL C 190 -43.74 15.79 -15.29
C VAL C 190 -44.47 14.79 -16.20
N LEU C 191 -43.73 14.18 -17.12
CA LEU C 191 -44.30 13.22 -18.06
C LEU C 191 -44.97 12.08 -17.29
N GLN C 192 -46.17 12.35 -16.80
CA GLN C 192 -46.95 11.38 -16.04
C GLN C 192 -47.59 10.38 -16.99
N ALA D 1 -12.39 22.52 -9.44
CA ALA D 1 -12.25 22.50 -7.95
C ALA D 1 -13.63 22.56 -7.30
N ALA D 2 -14.20 23.76 -7.25
CA ALA D 2 -15.52 23.93 -6.67
C ALA D 2 -16.52 23.03 -7.41
N ALA D 3 -17.44 22.43 -6.65
CA ALA D 3 -18.44 21.54 -7.22
C ALA D 3 -19.78 21.65 -6.50
N ALA D 4 -20.83 21.26 -7.20
CA ALA D 4 -22.18 21.24 -6.66
C ALA D 4 -22.69 19.84 -6.93
N ASP E 20 -15.13 10.19 -34.86
CA ASP E 20 -15.85 10.55 -33.60
C ASP E 20 -16.33 11.99 -33.66
N ILE E 21 -17.07 12.40 -32.63
CA ILE E 21 -17.61 13.75 -32.56
C ILE E 21 -16.55 14.85 -32.66
N TYR E 22 -15.49 14.74 -31.88
CA TYR E 22 -14.42 15.74 -31.90
C TYR E 22 -13.84 15.85 -33.31
N SER E 23 -13.83 14.72 -34.02
CA SER E 23 -13.31 14.67 -35.38
C SER E 23 -14.22 15.40 -36.36
N ARG E 24 -15.52 15.36 -36.11
CA ARG E 24 -16.47 16.02 -37.00
C ARG E 24 -16.33 17.53 -36.86
N LEU E 25 -16.19 17.98 -35.62
CA LEU E 25 -16.04 19.41 -35.33
C LEU E 25 -14.76 19.97 -35.92
N LEU E 26 -13.71 19.16 -35.92
CA LEU E 26 -12.43 19.61 -36.45
C LEU E 26 -12.61 19.99 -37.92
N LYS E 27 -13.54 19.29 -38.58
CA LYS E 27 -13.83 19.57 -39.98
C LYS E 27 -14.30 21.02 -40.12
N ASP E 28 -15.05 21.49 -39.14
CA ASP E 28 -15.54 22.86 -39.15
C ASP E 28 -14.48 23.80 -38.60
N ARG E 29 -13.26 23.29 -38.48
CA ARG E 29 -12.12 24.05 -37.99
C ARG E 29 -12.23 24.47 -36.53
N ILE E 30 -12.88 23.63 -35.74
CA ILE E 30 -13.06 23.88 -34.32
C ILE E 30 -12.14 22.97 -33.52
N VAL E 31 -11.21 23.56 -32.78
CA VAL E 31 -10.31 22.78 -31.95
C VAL E 31 -10.66 22.99 -30.49
N LEU E 32 -10.91 21.88 -29.79
CA LEU E 32 -11.28 21.92 -28.38
C LEU E 32 -10.13 21.65 -27.43
N LEU E 33 -9.76 22.64 -26.61
CA LEU E 33 -8.72 22.43 -25.62
C LEU E 33 -9.42 22.26 -24.26
N SER E 34 -9.53 21.01 -23.83
CA SER E 34 -10.21 20.69 -22.58
C SER E 34 -9.31 19.98 -21.55
N GLY E 35 -9.37 20.45 -20.30
CA GLY E 35 -8.56 19.84 -19.25
C GLY E 35 -7.21 20.51 -19.03
N GLU E 36 -6.37 19.84 -18.24
CA GLU E 36 -5.03 20.33 -17.92
C GLU E 36 -4.09 20.38 -19.11
N ILE E 37 -3.14 21.30 -19.06
CA ILE E 37 -2.20 21.46 -20.14
C ILE E 37 -0.85 20.84 -19.84
N ASN E 38 -0.50 19.83 -20.63
CA ASN E 38 0.77 19.13 -20.51
C ASN E 38 1.30 18.93 -21.93
N ASP E 39 2.33 18.10 -22.10
CA ASP E 39 2.91 17.87 -23.42
C ASP E 39 2.02 17.13 -24.43
N SER E 40 1.54 15.94 -24.05
CA SER E 40 0.70 15.17 -24.97
C SER E 40 -0.49 16.02 -25.44
N VAL E 41 -1.12 16.72 -24.49
CA VAL E 41 -2.23 17.59 -24.83
C VAL E 41 -1.75 18.70 -25.76
N ALA E 42 -0.58 19.25 -25.45
CA ALA E 42 0.02 20.31 -26.27
C ALA E 42 0.27 19.83 -27.70
N SER E 43 0.80 18.61 -27.83
CA SER E 43 1.07 18.07 -29.16
C SER E 43 -0.20 17.73 -29.91
N SER E 44 -1.27 17.49 -29.17
CA SER E 44 -2.55 17.18 -29.81
C SER E 44 -3.07 18.46 -30.44
N ILE E 45 -3.06 19.55 -29.66
CA ILE E 45 -3.54 20.85 -30.13
C ILE E 45 -2.66 21.41 -31.25
N VAL E 46 -1.35 21.20 -31.14
CA VAL E 46 -0.42 21.69 -32.16
C VAL E 46 -0.65 20.92 -33.46
N ALA E 47 -0.78 19.60 -33.36
CA ALA E 47 -1.00 18.78 -34.55
C ALA E 47 -2.24 19.25 -35.30
N GLN E 48 -3.30 19.54 -34.56
CA GLN E 48 -4.54 19.99 -35.17
C GLN E 48 -4.41 21.36 -35.82
N LEU E 49 -3.66 22.26 -35.19
CA LEU E 49 -3.47 23.61 -35.72
C LEU E 49 -2.63 23.55 -37.00
N LEU E 50 -1.69 22.61 -37.05
CA LEU E 50 -0.86 22.45 -38.24
C LEU E 50 -1.72 21.83 -39.31
N PHE E 51 -2.47 20.80 -38.93
CA PHE E 51 -3.37 20.11 -39.83
C PHE E 51 -4.33 21.12 -40.47
N LEU E 52 -5.02 21.90 -39.64
CA LEU E 52 -5.97 22.90 -40.11
C LEU E 52 -5.36 23.93 -41.06
N GLU E 53 -4.08 24.22 -40.91
CA GLU E 53 -3.44 25.17 -41.82
C GLU E 53 -3.17 24.48 -43.15
N ALA E 54 -2.96 23.17 -43.10
CA ALA E 54 -2.71 22.39 -44.30
C ALA E 54 -3.98 22.35 -45.12
N GLU E 55 -5.12 22.38 -44.44
CA GLU E 55 -6.42 22.35 -45.09
C GLU E 55 -6.82 23.69 -45.67
N ASP E 56 -6.37 24.77 -45.05
CA ASP E 56 -6.69 26.11 -45.52
C ASP E 56 -5.98 27.14 -44.66
N PRO E 57 -4.81 27.62 -45.11
CA PRO E 57 -4.01 28.61 -44.38
C PRO E 57 -4.70 29.97 -44.37
N GLU E 58 -5.90 30.02 -44.91
CA GLU E 58 -6.67 31.25 -45.01
C GLU E 58 -7.79 31.39 -44.00
N LYS E 59 -8.66 30.40 -43.92
CA LYS E 59 -9.79 30.44 -42.99
C LYS E 59 -9.40 30.50 -41.52
N ASP E 60 -10.29 31.04 -40.70
CA ASP E 60 -10.06 31.15 -39.27
C ASP E 60 -10.17 29.79 -38.59
N ILE E 61 -9.63 29.71 -37.38
CA ILE E 61 -9.67 28.49 -36.59
C ILE E 61 -10.29 28.88 -35.26
N GLY E 62 -11.14 28.00 -34.72
CA GLY E 62 -11.78 28.27 -33.44
C GLY E 62 -11.23 27.39 -32.33
N LEU E 63 -10.43 27.97 -31.45
CA LEU E 63 -9.86 27.22 -30.33
C LEU E 63 -10.65 27.45 -29.05
N TYR E 64 -11.61 26.58 -28.79
CA TYR E 64 -12.41 26.69 -27.59
C TYR E 64 -11.57 26.20 -26.41
N ILE E 65 -11.47 27.05 -25.38
CA ILE E 65 -10.65 26.76 -24.20
C ILE E 65 -11.39 26.63 -22.88
N ASN E 66 -11.27 25.46 -22.26
CA ASN E 66 -11.86 25.19 -20.94
C ASN E 66 -10.77 24.43 -20.19
N SER E 67 -9.77 25.16 -19.72
CA SER E 67 -8.63 24.59 -19.02
C SER E 67 -8.29 25.29 -17.71
N PRO E 68 -7.87 24.53 -16.69
CA PRO E 68 -7.51 25.10 -15.38
C PRO E 68 -6.03 25.48 -15.34
N GLY E 69 -5.34 25.30 -16.46
CA GLY E 69 -3.93 25.63 -16.53
C GLY E 69 -3.04 24.44 -16.82
N GLY E 70 -1.73 24.58 -16.59
CA GLY E 70 -0.82 23.48 -16.84
C GLY E 70 0.63 23.86 -17.07
N VAL E 71 1.42 22.90 -17.54
CA VAL E 71 2.85 23.10 -17.81
C VAL E 71 3.07 24.32 -18.69
N ILE E 72 4.01 25.18 -18.28
CA ILE E 72 4.29 26.41 -19.01
C ILE E 72 4.90 26.24 -20.40
N THR E 73 5.90 25.38 -20.53
CA THR E 73 6.50 25.16 -21.83
C THR E 73 5.49 24.49 -22.75
N SER E 74 4.62 23.66 -22.17
CA SER E 74 3.58 23.00 -22.96
C SER E 74 2.70 24.08 -23.55
N GLY E 75 2.16 24.93 -22.68
CA GLY E 75 1.31 26.01 -23.13
C GLY E 75 1.99 26.94 -24.10
N LEU E 76 3.29 27.16 -23.93
CA LEU E 76 4.03 28.03 -24.83
C LEU E 76 4.16 27.46 -26.24
N SER E 77 4.15 26.13 -26.37
CA SER E 77 4.27 25.52 -27.68
C SER E 77 2.98 25.77 -28.47
N ILE E 78 1.86 25.81 -27.74
CA ILE E 78 0.56 26.05 -28.37
C ILE E 78 0.45 27.50 -28.83
N TYR E 79 0.92 28.42 -27.98
CA TYR E 79 0.90 29.84 -28.28
C TYR E 79 1.75 30.13 -29.53
N ASP E 80 3.01 29.70 -29.50
CA ASP E 80 3.91 29.90 -30.62
C ASP E 80 3.35 29.31 -31.91
N THR E 81 2.73 28.14 -31.80
CA THR E 81 2.14 27.51 -32.96
C THR E 81 0.97 28.36 -33.50
N MET E 82 0.23 28.98 -32.59
CA MET E 82 -0.88 29.83 -32.98
C MET E 82 -0.41 31.01 -33.85
N ASN E 83 0.79 31.51 -33.58
CA ASN E 83 1.33 32.63 -34.34
C ASN E 83 2.27 32.17 -35.47
N PHE E 84 2.54 30.88 -35.53
CA PHE E 84 3.42 30.31 -36.54
C PHE E 84 2.65 30.08 -37.84
N ILE E 85 1.39 29.66 -37.70
CA ILE E 85 0.54 29.41 -38.86
C ILE E 85 -0.09 30.70 -39.35
N ARG E 86 -0.43 30.74 -40.63
CA ARG E 86 -1.03 31.95 -41.20
C ARG E 86 -2.50 32.21 -40.82
N PRO E 87 -3.31 31.14 -40.73
CA PRO E 87 -4.71 31.38 -40.36
C PRO E 87 -4.87 31.98 -38.97
N ASP E 88 -5.87 32.84 -38.81
CA ASP E 88 -6.16 33.48 -37.53
C ASP E 88 -6.75 32.45 -36.58
N VAL E 89 -6.18 32.37 -35.38
CA VAL E 89 -6.68 31.44 -34.38
C VAL E 89 -7.49 32.25 -33.36
N SER E 90 -8.80 32.06 -33.39
CA SER E 90 -9.69 32.76 -32.47
C SER E 90 -9.90 31.88 -31.24
N THR E 91 -9.82 32.50 -30.07
CA THR E 91 -10.02 31.77 -28.82
C THR E 91 -11.38 32.10 -28.20
N ILE E 92 -12.03 31.08 -27.65
CA ILE E 92 -13.32 31.23 -27.00
C ILE E 92 -13.24 30.52 -25.67
N CYS E 93 -13.44 31.25 -24.58
CA CYS E 93 -13.40 30.65 -23.26
C CYS E 93 -14.77 30.11 -22.87
N ILE E 94 -14.82 28.81 -22.54
CA ILE E 94 -16.07 28.19 -22.09
C ILE E 94 -15.72 27.47 -20.79
N GLY E 95 -16.58 27.60 -19.79
CA GLY E 95 -16.30 26.98 -18.50
C GLY E 95 -15.31 27.87 -17.77
N GLN E 96 -14.03 27.71 -18.07
CA GLN E 96 -13.02 28.54 -17.43
C GLN E 96 -11.73 28.54 -18.24
N ALA E 97 -10.90 29.56 -17.99
CA ALA E 97 -9.59 29.67 -18.62
C ALA E 97 -8.70 30.21 -17.49
N ALA E 98 -8.09 29.30 -16.74
CA ALA E 98 -7.26 29.69 -15.61
C ALA E 98 -5.78 29.59 -15.91
N ALA E 99 -5.03 30.56 -15.38
CA ALA E 99 -3.59 30.62 -15.54
C ALA E 99 -3.13 30.44 -16.99
N MET E 100 -2.41 29.34 -17.25
CA MET E 100 -1.91 29.07 -18.60
C MET E 100 -3.10 29.04 -19.56
N GLY E 101 -4.25 28.60 -19.03
CA GLY E 101 -5.45 28.57 -19.85
C GLY E 101 -5.80 29.99 -20.20
N ALA E 102 -5.69 30.90 -19.23
CA ALA E 102 -6.00 32.31 -19.47
C ALA E 102 -4.98 32.94 -20.42
N PHE E 103 -3.72 32.50 -20.30
CA PHE E 103 -2.62 32.99 -21.14
C PHE E 103 -2.96 32.74 -22.62
N LEU E 104 -3.24 31.48 -22.94
CA LEU E 104 -3.59 31.07 -24.29
C LEU E 104 -4.80 31.84 -24.80
N LEU E 105 -5.82 31.97 -23.94
CA LEU E 105 -7.02 32.69 -24.32
C LEU E 105 -6.66 34.11 -24.80
N SER E 106 -5.80 34.79 -24.04
CA SER E 106 -5.40 36.15 -24.36
C SER E 106 -4.52 36.26 -25.59
N CYS E 107 -3.93 35.16 -26.00
CA CYS E 107 -3.06 35.14 -27.17
C CYS E 107 -3.83 35.00 -28.46
N GLY E 108 -5.16 34.92 -28.36
CA GLY E 108 -5.97 34.80 -29.56
C GLY E 108 -5.79 36.02 -30.44
N ALA E 109 -5.99 35.84 -31.75
CA ALA E 109 -5.86 36.93 -32.71
C ALA E 109 -6.67 38.14 -32.27
N LYS E 110 -6.09 39.33 -32.41
CA LYS E 110 -6.75 40.57 -32.02
C LYS E 110 -8.17 40.71 -32.56
N GLY E 111 -9.08 41.07 -31.67
CA GLY E 111 -10.47 41.25 -32.05
C GLY E 111 -11.26 39.97 -32.12
N LYS E 112 -10.59 38.84 -31.94
CA LYS E 112 -11.28 37.56 -32.00
C LYS E 112 -11.16 36.70 -30.74
N ARG E 113 -10.81 37.32 -29.62
CA ARG E 113 -10.71 36.60 -28.35
C ARG E 113 -12.08 36.75 -27.68
N PHE E 114 -12.80 35.65 -27.55
CA PHE E 114 -14.13 35.69 -26.95
C PHE E 114 -14.30 34.88 -25.68
N SER E 115 -15.51 34.94 -25.15
CA SER E 115 -15.88 34.21 -23.96
C SER E 115 -17.39 34.12 -23.85
N LEU E 116 -17.88 33.00 -23.31
CA LEU E 116 -19.31 32.85 -23.11
C LEU E 116 -19.61 33.65 -21.85
N PRO E 117 -20.88 34.03 -21.64
CA PRO E 117 -21.29 34.82 -20.48
C PRO E 117 -20.95 34.38 -19.05
N HIS E 118 -20.90 33.08 -18.79
CA HIS E 118 -20.60 32.65 -17.42
C HIS E 118 -19.24 31.99 -17.17
N SER E 119 -18.28 32.24 -18.07
CA SER E 119 -16.96 31.67 -17.93
C SER E 119 -16.14 32.44 -16.90
N ARG E 120 -15.17 31.78 -16.28
CA ARG E 120 -14.31 32.49 -15.33
C ARG E 120 -12.88 32.46 -15.86
N ILE E 121 -12.20 33.59 -15.71
CA ILE E 121 -10.82 33.73 -16.16
C ILE E 121 -9.95 34.04 -14.94
N MET E 122 -8.82 33.35 -14.83
CA MET E 122 -7.92 33.57 -13.71
C MET E 122 -6.48 33.57 -14.20
N ILE E 123 -5.67 34.45 -13.61
CA ILE E 123 -4.26 34.57 -13.94
C ILE E 123 -3.46 34.58 -12.64
N HIS E 124 -2.26 34.03 -12.67
CA HIS E 124 -1.41 34.01 -11.48
C HIS E 124 0.00 33.63 -11.89
N GLN E 125 0.97 33.90 -11.02
CA GLN E 125 2.34 33.58 -11.34
C GLN E 125 2.56 32.08 -11.45
N PRO E 126 3.72 31.66 -11.95
CA PRO E 126 4.01 30.23 -12.10
C PRO E 126 4.22 29.54 -10.76
N LEU E 127 4.11 28.22 -10.76
CA LEU E 127 4.34 27.43 -9.56
C LEU E 127 5.35 26.38 -9.99
N GLY E 128 6.07 25.80 -9.04
CA GLY E 128 7.04 24.80 -9.41
C GLY E 128 7.74 24.16 -8.22
N GLY E 129 8.82 23.44 -8.52
CA GLY E 129 9.57 22.78 -7.49
C GLY E 129 11.04 22.73 -7.85
N ALA E 130 11.88 22.51 -6.84
CA ALA E 130 13.32 22.44 -7.03
C ALA E 130 13.91 21.58 -5.93
N GLN E 131 14.81 20.67 -6.29
CA GLN E 131 15.46 19.78 -5.35
C GLN E 131 16.95 19.67 -5.68
N GLY E 132 17.76 19.28 -4.71
CA GLY E 132 19.18 19.14 -4.96
C GLY E 132 20.04 20.16 -4.26
N GLN E 133 21.28 20.27 -4.73
CA GLN E 133 22.25 21.20 -4.16
C GLN E 133 21.79 22.63 -4.28
N ALA E 134 22.35 23.50 -3.44
CA ALA E 134 22.00 24.92 -3.47
C ALA E 134 22.16 25.48 -4.88
N SER E 135 23.25 25.10 -5.55
CA SER E 135 23.55 25.57 -6.90
C SER E 135 22.43 25.21 -7.87
N ASP E 136 21.90 24.00 -7.72
CA ASP E 136 20.82 23.53 -8.59
C ASP E 136 19.52 24.27 -8.31
N ILE E 137 19.22 24.49 -7.03
CA ILE E 137 18.00 25.19 -6.63
C ILE E 137 17.98 26.60 -7.19
N GLU E 138 19.15 27.25 -7.18
CA GLU E 138 19.29 28.59 -7.69
C GLU E 138 19.05 28.66 -9.21
N ILE E 139 19.64 27.72 -9.94
CA ILE E 139 19.49 27.67 -11.38
C ILE E 139 18.02 27.48 -11.74
N ILE E 140 17.37 26.52 -11.09
CA ILE E 140 15.95 26.25 -11.36
C ILE E 140 15.08 27.44 -10.97
N SER E 141 15.41 28.07 -9.85
CA SER E 141 14.68 29.23 -9.36
C SER E 141 14.76 30.38 -10.36
N ASN E 142 15.97 30.61 -10.90
CA ASN E 142 16.16 31.67 -11.89
C ASN E 142 15.41 31.34 -13.19
N GLU E 143 15.40 30.06 -13.57
CA GLU E 143 14.70 29.67 -14.78
C GLU E 143 13.20 29.88 -14.62
N ILE E 144 12.69 29.67 -13.40
CA ILE E 144 11.28 29.86 -13.14
C ILE E 144 10.92 31.34 -13.05
N LEU E 145 11.86 32.17 -12.60
CA LEU E 145 11.62 33.60 -12.52
C LEU E 145 11.64 34.13 -13.95
N ARG E 146 12.48 33.50 -14.79
CA ARG E 146 12.59 33.88 -16.21
C ARG E 146 11.21 33.66 -16.83
N LEU E 147 10.67 32.46 -16.64
CA LEU E 147 9.36 32.12 -17.19
C LEU E 147 8.27 33.04 -16.64
N LYS E 148 8.43 33.49 -15.40
CA LYS E 148 7.44 34.38 -14.80
C LYS E 148 7.49 35.73 -15.52
N GLY E 149 8.69 36.22 -15.79
CA GLY E 149 8.83 37.49 -16.49
C GLY E 149 8.36 37.42 -17.93
N LEU E 150 8.58 36.27 -18.58
CA LEU E 150 8.15 36.10 -19.95
C LEU E 150 6.63 36.19 -20.03
N MET E 151 5.93 35.39 -19.24
CA MET E 151 4.48 35.40 -19.23
C MET E 151 3.89 36.74 -18.79
N ASN E 152 4.52 37.38 -17.81
CA ASN E 152 4.03 38.67 -17.34
C ASN E 152 4.08 39.72 -18.44
N SER E 153 5.18 39.78 -19.18
CA SER E 153 5.34 40.76 -20.25
C SER E 153 4.42 40.47 -21.45
N ILE E 154 4.28 39.20 -21.81
CA ILE E 154 3.41 38.82 -22.93
C ILE E 154 1.95 39.08 -22.57
N LEU E 155 1.65 38.98 -21.28
CA LEU E 155 0.31 39.18 -20.75
C LEU E 155 -0.05 40.66 -20.80
N ALA E 156 0.96 41.52 -20.61
CA ALA E 156 0.72 42.95 -20.65
C ALA E 156 0.47 43.30 -22.12
N GLN E 157 1.37 42.86 -22.98
CA GLN E 157 1.23 43.11 -24.41
C GLN E 157 -0.14 42.70 -24.92
N ASN E 158 -0.60 41.52 -24.50
CA ASN E 158 -1.91 41.02 -24.93
C ASN E 158 -3.10 41.79 -24.37
N SER E 159 -2.92 42.41 -23.21
CA SER E 159 -4.01 43.13 -22.57
C SER E 159 -3.90 44.65 -22.61
N GLY E 160 -2.67 45.16 -22.60
CA GLY E 160 -2.49 46.60 -22.61
C GLY E 160 -2.03 47.11 -21.26
N GLN E 161 -2.24 46.31 -20.23
CA GLN E 161 -1.85 46.66 -18.87
C GLN E 161 -0.33 46.82 -18.79
N SER E 162 0.14 47.62 -17.84
CA SER E 162 1.57 47.81 -17.69
C SER E 162 2.16 46.55 -17.07
N LEU E 163 3.39 46.23 -17.41
CA LEU E 163 4.05 45.04 -16.87
C LEU E 163 3.95 45.03 -15.34
N GLU E 164 4.05 46.21 -14.76
CA GLU E 164 3.97 46.34 -13.31
C GLU E 164 2.61 45.92 -12.76
N GLN E 165 1.54 46.32 -13.46
CA GLN E 165 0.18 45.99 -13.05
C GLN E 165 -0.12 44.49 -13.17
N ILE E 166 0.46 43.84 -14.17
CA ILE E 166 0.27 42.40 -14.37
C ILE E 166 0.99 41.66 -13.24
N ALA E 167 2.19 42.11 -12.91
CA ALA E 167 2.95 41.46 -11.84
C ALA E 167 2.22 41.60 -10.51
N LYS E 168 1.64 42.78 -10.26
CA LYS E 168 0.90 42.99 -9.02
C LYS E 168 -0.36 42.13 -8.98
N ASP E 169 -1.04 42.00 -10.11
CA ASP E 169 -2.28 41.24 -10.16
C ASP E 169 -2.09 39.71 -10.19
N THR E 170 -0.93 39.23 -10.62
CA THR E 170 -0.69 37.79 -10.68
C THR E 170 0.07 37.23 -9.49
N ASP E 171 0.39 38.09 -8.51
CA ASP E 171 1.11 37.65 -7.31
C ASP E 171 0.40 36.44 -6.71
N ARG E 172 -0.93 36.54 -6.64
CA ARG E 172 -1.77 35.48 -6.13
C ARG E 172 -2.91 35.30 -7.13
N ASP E 173 -3.68 34.23 -7.00
CA ASP E 173 -4.79 34.00 -7.92
C ASP E 173 -5.72 35.22 -8.11
N PHE E 174 -5.87 35.63 -9.37
CA PHE E 174 -6.68 36.78 -9.73
C PHE E 174 -7.86 36.26 -10.55
N TYR E 175 -9.00 36.06 -9.89
CA TYR E 175 -10.19 35.58 -10.57
C TYR E 175 -11.07 36.73 -11.04
N MET E 176 -11.69 36.54 -12.20
CA MET E 176 -12.56 37.54 -12.77
C MET E 176 -13.57 36.89 -13.71
N SER E 177 -14.72 37.54 -13.86
CA SER E 177 -15.80 37.04 -14.73
C SER E 177 -15.49 37.41 -16.18
N ALA E 178 -16.38 37.01 -17.09
CA ALA E 178 -16.19 37.33 -18.51
C ALA E 178 -16.09 38.84 -18.70
N LYS E 179 -17.08 39.58 -18.18
CA LYS E 179 -17.09 41.04 -18.31
C LYS E 179 -15.77 41.67 -17.85
N GLU E 180 -15.33 41.28 -16.65
CA GLU E 180 -14.09 41.79 -16.09
C GLU E 180 -12.89 41.46 -16.97
N ALA E 181 -12.87 40.24 -17.50
CA ALA E 181 -11.77 39.81 -18.37
C ALA E 181 -11.68 40.73 -19.57
N LYS E 182 -12.83 41.15 -20.08
CA LYS E 182 -12.89 42.07 -21.21
C LYS E 182 -12.38 43.45 -20.81
N GLU E 183 -12.86 43.94 -19.67
CA GLU E 183 -12.43 45.25 -19.19
C GLU E 183 -10.93 45.23 -19.00
N TYR E 184 -10.41 44.10 -18.52
CA TYR E 184 -8.99 43.94 -18.26
C TYR E 184 -8.17 43.84 -19.55
N GLY E 185 -8.81 43.44 -20.64
CA GLY E 185 -8.12 43.33 -21.91
C GLY E 185 -7.70 41.94 -22.34
N LEU E 186 -8.03 40.93 -21.55
CA LEU E 186 -7.64 39.56 -21.91
C LEU E 186 -8.47 39.04 -23.08
N ILE E 187 -9.72 39.48 -23.18
CA ILE E 187 -10.60 39.09 -24.28
C ILE E 187 -11.15 40.34 -24.93
N ASP E 188 -11.68 40.17 -26.13
CA ASP E 188 -12.22 41.29 -26.90
C ASP E 188 -13.72 41.45 -26.72
N LYS E 189 -14.44 40.35 -26.77
CA LYS E 189 -15.88 40.43 -26.64
C LYS E 189 -16.47 39.23 -25.90
N VAL E 190 -17.57 39.48 -25.21
CA VAL E 190 -18.28 38.45 -24.46
C VAL E 190 -19.56 38.18 -25.25
N LEU E 191 -19.72 36.96 -25.74
CA LEU E 191 -20.92 36.63 -26.50
C LEU E 191 -22.14 36.67 -25.57
N GLN E 192 -23.32 36.44 -26.11
CA GLN E 192 -24.54 36.45 -25.31
C GLN E 192 -25.63 35.55 -25.86
N ALA F 1 7.62 20.06 -13.48
CA ALA F 1 8.03 21.16 -14.40
C ALA F 1 7.25 22.43 -14.08
N ALA F 2 7.85 23.58 -14.36
CA ALA F 2 7.20 24.86 -14.08
C ALA F 2 5.78 24.89 -14.64
N ALA F 3 4.83 25.26 -13.79
CA ALA F 3 3.45 25.31 -14.21
C ALA F 3 2.76 26.62 -13.89
N ALA F 4 1.64 26.85 -14.58
CA ALA F 4 0.81 28.04 -14.38
C ALA F 4 -0.63 27.54 -14.46
N ASP G 20 -6.36 9.14 -38.21
CA ASP G 20 -5.50 9.74 -37.14
C ASP G 20 -4.79 10.99 -37.63
N ILE G 21 -4.80 12.03 -36.80
CA ILE G 21 -4.20 13.31 -37.16
C ILE G 21 -2.68 13.22 -37.36
N TYR G 22 -1.99 12.50 -36.49
CA TYR G 22 -0.54 12.35 -36.60
C TYR G 22 -0.17 11.62 -37.88
N SER G 23 -1.03 10.68 -38.30
CA SER G 23 -0.79 9.93 -39.53
C SER G 23 -0.90 10.91 -40.68
N ARG G 24 -1.96 11.72 -40.66
CA ARG G 24 -2.20 12.71 -41.69
C ARG G 24 -1.01 13.64 -41.82
N LEU G 25 -0.42 14.00 -40.67
CA LEU G 25 0.75 14.88 -40.67
C LEU G 25 1.99 14.15 -41.15
N LEU G 26 2.02 12.84 -40.96
CA LEU G 26 3.17 12.04 -41.39
C LEU G 26 3.20 12.08 -42.91
N LYS G 27 2.00 12.05 -43.51
CA LYS G 27 1.83 12.11 -44.95
C LYS G 27 2.47 13.38 -45.49
N ASP G 28 2.57 14.41 -44.65
CA ASP G 28 3.18 15.68 -45.04
C ASP G 28 4.61 15.73 -44.48
N ARG G 29 5.16 14.55 -44.21
CA ARG G 29 6.52 14.40 -43.69
C ARG G 29 6.83 15.17 -42.41
N ILE G 30 5.85 15.22 -41.52
CA ILE G 30 5.99 15.90 -40.25
C ILE G 30 5.98 14.87 -39.11
N VAL G 31 7.06 14.82 -38.34
CA VAL G 31 7.15 13.89 -37.23
C VAL G 31 7.16 14.64 -35.91
N LEU G 32 6.24 14.27 -35.01
CA LEU G 32 6.14 14.91 -33.70
C LEU G 32 6.89 14.16 -32.60
N LEU G 33 7.86 14.80 -31.98
CA LEU G 33 8.60 14.18 -30.88
C LEU G 33 8.33 14.96 -29.59
N SER G 34 7.42 14.46 -28.76
CA SER G 34 7.10 15.13 -27.52
C SER G 34 7.10 14.20 -26.32
N GLY G 35 7.52 14.72 -25.17
CA GLY G 35 7.55 13.92 -23.97
C GLY G 35 8.91 13.28 -23.79
N GLU G 36 9.06 12.52 -22.72
CA GLU G 36 10.32 11.85 -22.40
C GLU G 36 10.77 10.90 -23.49
N ILE G 37 12.08 10.81 -23.66
CA ILE G 37 12.65 9.93 -24.67
C ILE G 37 13.05 8.59 -24.04
N ASN G 38 12.57 7.50 -24.63
CA ASN G 38 12.88 6.16 -24.16
C ASN G 38 12.86 5.21 -25.35
N ASP G 39 13.19 3.95 -25.10
CA ASP G 39 13.23 2.95 -26.16
C ASP G 39 11.90 2.89 -26.92
N SER G 40 10.82 3.04 -26.18
CA SER G 40 9.49 3.01 -26.77
C SER G 40 9.30 4.16 -27.73
N VAL G 41 9.59 5.36 -27.26
CA VAL G 41 9.45 6.56 -28.09
C VAL G 41 10.48 6.54 -29.22
N ALA G 42 11.69 6.10 -28.90
CA ALA G 42 12.76 6.03 -29.88
C ALA G 42 12.45 5.12 -31.07
N SER G 43 11.91 3.94 -30.81
CA SER G 43 11.60 3.02 -31.90
C SER G 43 10.57 3.66 -32.81
N SER G 44 9.59 4.30 -32.20
CA SER G 44 8.53 4.96 -32.95
C SER G 44 9.11 6.01 -33.90
N ILE G 45 9.88 6.93 -33.34
CA ILE G 45 10.50 7.98 -34.12
C ILE G 45 11.35 7.36 -35.22
N VAL G 46 12.12 6.34 -34.88
CA VAL G 46 12.97 5.68 -35.87
C VAL G 46 12.13 5.07 -36.99
N ALA G 47 11.03 4.42 -36.63
CA ALA G 47 10.16 3.79 -37.61
C ALA G 47 9.65 4.85 -38.61
N GLN G 48 9.03 5.89 -38.08
CA GLN G 48 8.52 6.98 -38.91
C GLN G 48 9.62 7.50 -39.83
N LEU G 49 10.81 7.68 -39.28
CA LEU G 49 11.94 8.15 -40.07
C LEU G 49 12.21 7.17 -41.21
N LEU G 50 12.32 5.89 -40.88
CA LEU G 50 12.57 4.88 -41.90
C LEU G 50 11.45 4.86 -42.95
N PHE G 51 10.22 5.03 -42.49
CA PHE G 51 9.06 5.04 -43.37
C PHE G 51 9.18 6.17 -44.39
N LEU G 52 9.45 7.37 -43.89
CA LEU G 52 9.58 8.53 -44.75
C LEU G 52 10.66 8.34 -45.82
N GLU G 53 11.71 7.57 -45.51
CA GLU G 53 12.74 7.33 -46.49
C GLU G 53 12.15 6.44 -47.58
N ALA G 54 11.33 5.49 -47.14
CA ALA G 54 10.69 4.55 -48.07
C ALA G 54 9.76 5.30 -49.03
N GLU G 55 8.92 6.18 -48.50
CA GLU G 55 7.99 6.94 -49.34
C GLU G 55 8.74 7.77 -50.38
N ASP G 56 9.73 8.53 -49.91
CA ASP G 56 10.52 9.39 -50.80
C ASP G 56 11.80 9.78 -50.06
N PRO G 57 12.94 9.21 -50.45
CA PRO G 57 14.24 9.50 -49.82
C PRO G 57 14.86 10.82 -50.27
N GLU G 58 14.03 11.73 -50.74
CA GLU G 58 14.54 13.00 -51.22
C GLU G 58 14.08 14.23 -50.42
N LYS G 59 12.76 14.36 -50.23
CA LYS G 59 12.20 15.49 -49.50
C LYS G 59 12.69 15.60 -48.06
N ASP G 60 12.63 16.81 -47.53
CA ASP G 60 13.06 17.05 -46.15
C ASP G 60 12.05 16.45 -45.19
N ILE G 61 12.49 16.20 -43.96
CA ILE G 61 11.62 15.67 -42.93
C ILE G 61 11.56 16.72 -41.83
N GLY G 62 10.36 16.98 -41.32
CA GLY G 62 10.21 17.96 -40.26
C GLY G 62 10.04 17.28 -38.92
N LEU G 63 11.10 17.29 -38.11
CA LEU G 63 11.06 16.66 -36.80
C LEU G 63 10.77 17.69 -35.70
N TYR G 64 9.51 17.81 -35.32
CA TYR G 64 9.13 18.75 -34.27
C TYR G 64 9.47 18.18 -32.90
N ILE G 65 10.24 18.94 -32.13
CA ILE G 65 10.70 18.49 -30.83
C ILE G 65 10.26 19.34 -29.64
N ASN G 66 9.53 18.69 -28.74
CA ASN G 66 9.07 19.30 -27.50
C ASN G 66 9.33 18.19 -26.50
N SER G 67 10.54 18.20 -25.95
CA SER G 67 10.92 17.16 -25.01
C SER G 67 11.75 17.69 -23.84
N PRO G 68 11.58 17.06 -22.67
CA PRO G 68 12.27 17.38 -21.41
C PRO G 68 13.59 16.62 -21.34
N GLY G 69 13.73 15.61 -22.18
CA GLY G 69 14.94 14.82 -22.19
C GLY G 69 14.61 13.35 -22.16
N GLY G 70 15.60 12.51 -21.89
CA GLY G 70 15.33 11.07 -21.84
C GLY G 70 16.54 10.17 -21.83
N VAL G 71 16.30 8.88 -22.05
CA VAL G 71 17.36 7.89 -22.06
C VAL G 71 18.37 8.18 -23.17
N ILE G 72 19.64 8.19 -22.82
CA ILE G 72 20.69 8.49 -23.78
C ILE G 72 20.79 7.58 -25.01
N THR G 73 20.97 6.28 -24.80
CA THR G 73 21.08 5.36 -25.93
C THR G 73 19.83 5.41 -26.79
N SER G 74 18.69 5.72 -26.16
CA SER G 74 17.44 5.82 -26.91
C SER G 74 17.54 7.02 -27.84
N GLY G 75 18.10 8.11 -27.31
CA GLY G 75 18.24 9.31 -28.10
C GLY G 75 19.27 9.16 -29.20
N LEU G 76 20.35 8.45 -28.93
CA LEU G 76 21.39 8.26 -29.93
C LEU G 76 20.86 7.47 -31.14
N SER G 77 19.96 6.52 -30.87
CA SER G 77 19.39 5.70 -31.95
C SER G 77 18.57 6.58 -32.89
N ILE G 78 18.00 7.65 -32.36
CA ILE G 78 17.21 8.58 -33.16
C ILE G 78 18.19 9.42 -33.96
N TYR G 79 19.24 9.88 -33.28
CA TYR G 79 20.27 10.70 -33.90
C TYR G 79 20.95 9.97 -35.06
N ASP G 80 21.34 8.72 -34.85
CA ASP G 80 22.01 7.96 -35.89
C ASP G 80 21.09 7.66 -37.06
N THR G 81 19.83 7.36 -36.77
CA THR G 81 18.87 7.07 -37.81
C THR G 81 18.70 8.33 -38.66
N MET G 82 18.69 9.49 -38.02
CA MET G 82 18.57 10.75 -38.74
C MET G 82 19.68 10.90 -39.79
N ASN G 83 20.88 10.47 -39.45
CA ASN G 83 22.01 10.55 -40.38
C ASN G 83 22.09 9.35 -41.31
N PHE G 84 21.62 8.21 -40.81
CA PHE G 84 21.63 6.95 -41.56
C PHE G 84 20.75 7.04 -42.80
N ILE G 85 19.63 7.74 -42.67
CA ILE G 85 18.71 7.90 -43.80
C ILE G 85 19.20 8.96 -44.76
N ARG G 86 18.69 8.91 -45.98
CA ARG G 86 19.09 9.84 -47.03
C ARG G 86 18.55 11.27 -46.88
N PRO G 87 17.25 11.42 -46.60
CA PRO G 87 16.69 12.77 -46.45
C PRO G 87 17.21 13.59 -45.27
N ASP G 88 17.19 14.91 -45.43
CA ASP G 88 17.62 15.81 -44.37
C ASP G 88 16.52 15.92 -43.33
N VAL G 89 16.88 15.69 -42.08
CA VAL G 89 15.91 15.76 -40.99
C VAL G 89 16.04 17.11 -40.30
N SER G 90 15.19 18.05 -40.70
CA SER G 90 15.20 19.37 -40.11
C SER G 90 14.56 19.26 -38.74
N THR G 91 15.08 20.01 -37.78
CA THR G 91 14.53 19.98 -36.43
C THR G 91 13.90 21.32 -36.11
N ILE G 92 12.77 21.29 -35.40
CA ILE G 92 12.07 22.51 -35.01
C ILE G 92 11.71 22.35 -33.53
N CYS G 93 12.13 23.31 -32.71
CA CYS G 93 11.86 23.26 -31.29
C CYS G 93 10.65 24.09 -30.89
N ILE G 94 9.67 23.43 -30.31
CA ILE G 94 8.45 24.09 -29.85
C ILE G 94 8.34 23.75 -28.36
N GLY G 95 7.98 24.73 -27.55
CA GLY G 95 7.86 24.48 -26.12
C GLY G 95 9.26 24.39 -25.56
N GLN G 96 9.84 23.19 -25.53
CA GLN G 96 11.19 23.06 -25.02
C GLN G 96 12.00 21.91 -25.62
N ALA G 97 13.32 22.04 -25.52
CA ALA G 97 14.24 21.01 -25.98
C ALA G 97 15.32 21.06 -24.92
N ALA G 98 15.22 20.18 -23.94
CA ALA G 98 16.19 20.15 -22.85
C ALA G 98 16.95 18.84 -22.84
N ALA G 99 18.21 18.92 -22.45
CA ALA G 99 19.07 17.74 -22.36
C ALA G 99 19.04 16.95 -23.68
N MET G 100 18.80 15.64 -23.59
CA MET G 100 18.78 14.80 -24.79
C MET G 100 17.89 15.42 -25.87
N GLY G 101 16.85 16.12 -25.44
CA GLY G 101 15.96 16.77 -26.38
C GLY G 101 16.73 17.84 -27.15
N ALA G 102 17.53 18.62 -26.43
CA ALA G 102 18.33 19.67 -27.05
C ALA G 102 19.44 19.04 -27.91
N PHE G 103 19.92 17.88 -27.49
CA PHE G 103 20.96 17.16 -28.22
C PHE G 103 20.43 16.85 -29.63
N LEU G 104 19.27 16.20 -29.68
CA LEU G 104 18.66 15.83 -30.94
C LEU G 104 18.39 17.07 -31.78
N LEU G 105 17.97 18.15 -31.12
CA LEU G 105 17.68 19.39 -31.81
C LEU G 105 18.94 19.83 -32.56
N SER G 106 20.05 19.92 -31.83
CA SER G 106 21.32 20.33 -32.40
C SER G 106 21.86 19.37 -33.46
N CYS G 107 21.27 18.18 -33.55
CA CYS G 107 21.71 17.18 -34.52
C CYS G 107 21.01 17.27 -35.87
N GLY G 108 20.08 18.20 -36.00
CA GLY G 108 19.37 18.36 -37.25
C GLY G 108 20.32 18.75 -38.36
N ALA G 109 19.87 18.57 -39.61
CA ALA G 109 20.69 18.91 -40.77
C ALA G 109 21.27 20.31 -40.59
N LYS G 110 22.59 20.40 -40.69
CA LYS G 110 23.29 21.68 -40.53
C LYS G 110 22.59 22.72 -41.40
N GLY G 111 22.08 23.78 -40.78
CA GLY G 111 21.38 24.80 -41.54
C GLY G 111 19.87 24.78 -41.45
N LYS G 112 19.31 23.64 -41.05
CA LYS G 112 17.86 23.51 -40.93
C LYS G 112 17.46 23.14 -39.49
N ARG G 113 18.11 23.77 -38.52
CA ARG G 113 17.80 23.53 -37.12
C ARG G 113 17.08 24.80 -36.65
N PHE G 114 15.76 24.69 -36.48
CA PHE G 114 14.94 25.82 -36.09
C PHE G 114 14.35 25.79 -34.69
N SER G 115 13.75 26.91 -34.32
CA SER G 115 13.10 27.08 -33.03
C SER G 115 12.06 28.19 -33.10
N LEU G 116 10.91 27.96 -32.48
CA LEU G 116 9.86 28.97 -32.43
C LEU G 116 10.40 30.01 -31.43
N PRO G 117 9.88 31.25 -31.47
CA PRO G 117 10.33 32.31 -30.57
C PRO G 117 10.33 32.18 -29.04
N HIS G 118 9.43 31.38 -28.47
CA HIS G 118 9.41 31.29 -27.02
C HIS G 118 9.79 29.93 -26.46
N SER G 119 10.50 29.14 -27.24
CA SER G 119 10.92 27.83 -26.78
C SER G 119 12.16 28.01 -25.89
N ARG G 120 12.42 27.03 -25.03
CA ARG G 120 13.60 27.12 -24.17
C ARG G 120 14.47 25.89 -24.37
N ILE G 121 15.77 26.11 -24.56
CA ILE G 121 16.72 25.05 -24.78
C ILE G 121 17.62 24.89 -23.56
N MET G 122 17.81 23.66 -23.11
CA MET G 122 18.64 23.41 -21.94
C MET G 122 19.53 22.21 -22.18
N ILE G 123 20.79 22.34 -21.78
CA ILE G 123 21.76 21.26 -21.91
C ILE G 123 22.39 20.96 -20.54
N HIS G 124 22.69 19.70 -20.27
CA HIS G 124 23.30 19.29 -19.02
C HIS G 124 23.99 17.93 -19.17
N GLN G 125 24.91 17.62 -18.26
CA GLN G 125 25.63 16.36 -18.32
C GLN G 125 24.69 15.19 -18.02
N PRO G 126 25.14 13.96 -18.26
CA PRO G 126 24.30 12.79 -17.99
C PRO G 126 23.91 12.62 -16.52
N LEU G 127 22.93 11.75 -16.30
CA LEU G 127 22.44 11.44 -14.97
C LEU G 127 22.21 9.94 -14.99
N GLY G 128 22.40 9.28 -13.85
CA GLY G 128 22.19 7.85 -13.82
C GLY G 128 22.35 7.25 -12.45
N GLY G 129 22.63 5.95 -12.42
CA GLY G 129 22.81 5.27 -11.16
C GLY G 129 23.63 4.02 -11.32
N ALA G 130 24.21 3.58 -10.21
CA ALA G 130 25.02 2.37 -10.19
C ALA G 130 24.87 1.72 -8.82
N GLN G 131 24.65 0.42 -8.82
CA GLN G 131 24.49 -0.33 -7.59
C GLN G 131 25.24 -1.65 -7.75
N GLY G 132 25.75 -2.18 -6.64
CA GLY G 132 26.47 -3.44 -6.70
C GLY G 132 27.86 -3.38 -6.06
N GLN G 133 28.73 -4.29 -6.48
CA GLN G 133 30.08 -4.35 -5.94
C GLN G 133 30.88 -3.17 -6.46
N ALA G 134 31.88 -2.75 -5.68
CA ALA G 134 32.72 -1.62 -6.06
C ALA G 134 33.14 -1.76 -7.53
N SER G 135 33.59 -2.95 -7.91
CA SER G 135 34.02 -3.20 -9.29
C SER G 135 32.93 -2.85 -10.29
N ASP G 136 31.68 -3.24 -9.98
CA ASP G 136 30.58 -2.95 -10.89
C ASP G 136 30.34 -1.45 -10.98
N ILE G 137 30.36 -0.77 -9.81
CA ILE G 137 30.14 0.68 -9.78
C ILE G 137 31.16 1.40 -10.66
N GLU G 138 32.42 0.99 -10.57
CA GLU G 138 33.47 1.60 -11.36
C GLU G 138 33.20 1.39 -12.86
N ILE G 139 32.79 0.18 -13.23
CA ILE G 139 32.52 -0.11 -14.64
C ILE G 139 31.38 0.75 -15.16
N ILE G 140 30.33 0.90 -14.34
CA ILE G 140 29.17 1.69 -14.72
C ILE G 140 29.50 3.18 -14.77
N SER G 141 30.33 3.61 -13.82
CA SER G 141 30.74 5.02 -13.76
C SER G 141 31.54 5.39 -15.01
N ASN G 142 32.42 4.51 -15.43
CA ASN G 142 33.21 4.79 -16.63
C ASN G 142 32.32 4.87 -17.86
N GLU G 143 31.36 3.96 -17.98
CA GLU G 143 30.44 3.96 -19.11
C GLU G 143 29.63 5.25 -19.14
N ILE G 144 29.20 5.71 -17.95
CA ILE G 144 28.44 6.94 -17.87
C ILE G 144 29.34 8.11 -18.29
N LEU G 145 30.62 8.01 -17.95
CA LEU G 145 31.55 9.04 -18.33
C LEU G 145 31.81 9.01 -19.84
N ARG G 146 31.82 7.81 -20.43
CA ARG G 146 32.04 7.69 -21.86
C ARG G 146 30.90 8.40 -22.60
N LEU G 147 29.67 8.13 -22.18
CA LEU G 147 28.52 8.76 -22.80
C LEU G 147 28.61 10.28 -22.62
N LYS G 148 29.06 10.71 -21.44
CA LYS G 148 29.21 12.15 -21.20
C LYS G 148 30.23 12.74 -22.18
N GLY G 149 31.30 12.00 -22.46
CA GLY G 149 32.30 12.48 -23.38
C GLY G 149 31.77 12.49 -24.80
N LEU G 150 31.05 11.42 -25.14
CA LEU G 150 30.47 11.31 -26.47
C LEU G 150 29.49 12.44 -26.74
N MET G 151 28.69 12.82 -25.73
CA MET G 151 27.72 13.88 -25.89
C MET G 151 28.37 15.26 -26.01
N ASN G 152 29.31 15.55 -25.11
CA ASN G 152 29.99 16.83 -25.12
C ASN G 152 30.70 17.06 -26.45
N SER G 153 31.38 16.04 -26.96
CA SER G 153 32.10 16.12 -28.22
C SER G 153 31.15 16.48 -29.36
N ILE G 154 30.07 15.73 -29.47
CA ILE G 154 29.06 15.94 -30.50
C ILE G 154 28.39 17.31 -30.34
N LEU G 155 28.16 17.69 -29.09
CA LEU G 155 27.52 18.97 -28.79
C LEU G 155 28.42 20.08 -29.31
N ALA G 156 29.73 19.94 -29.07
CA ALA G 156 30.71 20.91 -29.54
C ALA G 156 30.67 20.97 -31.07
N GLN G 157 30.69 19.79 -31.69
CA GLN G 157 30.67 19.67 -33.15
C GLN G 157 29.45 20.32 -33.80
N ASN G 158 28.28 20.09 -33.23
CA ASN G 158 27.05 20.64 -33.78
C ASN G 158 26.88 22.14 -33.54
N SER G 159 27.50 22.64 -32.48
CA SER G 159 27.38 24.04 -32.10
C SER G 159 28.50 24.95 -32.57
N GLY G 160 29.73 24.45 -32.54
CA GLY G 160 30.87 25.26 -32.93
C GLY G 160 31.62 25.69 -31.69
N GLN G 161 31.17 25.21 -30.54
CA GLN G 161 31.80 25.54 -29.27
C GLN G 161 32.94 24.57 -29.00
N SER G 162 33.93 24.98 -28.21
CA SER G 162 35.04 24.09 -27.91
C SER G 162 34.55 23.01 -26.96
N LEU G 163 35.29 21.92 -26.88
CA LEU G 163 34.91 20.81 -26.02
C LEU G 163 34.88 21.29 -24.56
N GLU G 164 35.97 21.88 -24.11
CA GLU G 164 36.05 22.37 -22.74
C GLU G 164 34.95 23.37 -22.40
N GLN G 165 34.41 24.01 -23.43
CA GLN G 165 33.34 24.98 -23.25
C GLN G 165 32.05 24.24 -22.93
N ILE G 166 31.70 23.28 -23.78
CA ILE G 166 30.48 22.49 -23.57
C ILE G 166 30.57 21.82 -22.20
N ALA G 167 31.78 21.44 -21.82
CA ALA G 167 32.01 20.80 -20.54
C ALA G 167 31.64 21.72 -19.38
N LYS G 168 32.24 22.91 -19.34
CA LYS G 168 31.94 23.86 -18.28
C LYS G 168 30.44 24.15 -18.19
N ASP G 169 29.84 24.48 -19.32
CA ASP G 169 28.42 24.82 -19.38
C ASP G 169 27.40 23.74 -19.01
N THR G 170 27.65 22.49 -19.41
CA THR G 170 26.74 21.41 -19.11
C THR G 170 27.00 20.75 -17.77
N ASP G 171 27.85 21.36 -16.96
CA ASP G 171 28.16 20.81 -15.64
C ASP G 171 26.86 20.76 -14.82
N ARG G 172 26.02 21.78 -15.02
CA ARG G 172 24.73 21.88 -14.35
C ARG G 172 23.74 22.39 -15.39
N ASP G 173 22.44 22.27 -15.10
CA ASP G 173 21.43 22.72 -16.04
C ASP G 173 21.80 24.09 -16.57
N PHE G 174 21.80 24.21 -17.89
CA PHE G 174 22.15 25.45 -18.58
C PHE G 174 21.01 25.86 -19.50
N TYR G 175 20.08 26.64 -18.97
CA TYR G 175 18.92 27.10 -19.72
C TYR G 175 19.18 28.27 -20.67
N MET G 176 18.58 28.19 -21.86
CA MET G 176 18.72 29.23 -22.90
C MET G 176 17.39 29.46 -23.63
N SER G 177 17.26 30.65 -24.20
CA SER G 177 16.09 30.98 -24.99
C SER G 177 16.49 30.66 -26.42
N ALA G 178 15.52 30.59 -27.32
CA ALA G 178 15.79 30.31 -28.72
C ALA G 178 16.91 31.21 -29.28
N LYS G 179 16.79 32.51 -29.07
CA LYS G 179 17.79 33.44 -29.58
C LYS G 179 19.17 33.16 -28.99
N GLU G 180 19.20 32.69 -27.75
CA GLU G 180 20.47 32.37 -27.12
C GLU G 180 21.03 31.06 -27.67
N ALA G 181 20.14 30.13 -27.97
CA ALA G 181 20.54 28.83 -28.51
C ALA G 181 21.23 29.01 -29.87
N LYS G 182 20.79 30.01 -30.63
CA LYS G 182 21.38 30.28 -31.93
C LYS G 182 22.77 30.87 -31.72
N GLU G 183 22.84 31.98 -30.99
CA GLU G 183 24.11 32.62 -30.72
C GLU G 183 25.11 31.62 -30.14
N TYR G 184 24.60 30.55 -29.52
CA TYR G 184 25.46 29.53 -28.91
C TYR G 184 25.85 28.47 -29.94
N GLY G 185 25.01 28.30 -30.96
CA GLY G 185 25.30 27.33 -32.00
C GLY G 185 24.45 26.07 -32.02
N LEU G 186 23.42 26.00 -31.18
CA LEU G 186 22.55 24.83 -31.14
C LEU G 186 21.54 24.79 -32.28
N ILE G 187 21.07 25.95 -32.72
CA ILE G 187 20.11 26.02 -33.82
C ILE G 187 20.61 27.07 -34.83
N ASP G 188 19.98 27.13 -35.99
CA ASP G 188 20.41 28.09 -37.01
C ASP G 188 19.53 29.32 -37.13
N LYS G 189 18.22 29.15 -36.96
CA LYS G 189 17.30 30.28 -37.09
C LYS G 189 16.07 30.17 -36.19
N VAL G 190 15.63 31.32 -35.70
CA VAL G 190 14.43 31.38 -34.86
C VAL G 190 13.30 31.85 -35.75
N LEU G 191 12.34 30.96 -36.01
CA LEU G 191 11.19 31.31 -36.85
C LEU G 191 10.26 32.22 -36.06
N GLN G 192 10.63 33.51 -36.00
CA GLN G 192 9.85 34.48 -35.25
C GLN G 192 9.04 35.39 -36.18
N ALA H 1 18.58 3.33 -18.97
CA ALA H 1 19.69 3.53 -17.98
C ALA H 1 20.07 5.00 -17.85
N ALA H 2 21.34 5.31 -18.12
CA ALA H 2 21.82 6.68 -18.03
C ALA H 2 20.90 7.58 -18.86
N ALA H 3 20.64 8.77 -18.37
CA ALA H 3 19.78 9.70 -19.07
C ALA H 3 20.29 11.13 -19.06
N ALA H 4 19.68 11.94 -19.91
CA ALA H 4 20.00 13.35 -20.03
C ALA H 4 18.65 14.07 -20.12
N ASP I 20 -0.59 0.46 -40.42
CA ASP I 20 0.33 0.53 -39.26
C ASP I 20 1.76 0.86 -39.71
N ILE I 21 2.44 1.68 -38.92
CA ILE I 21 3.79 2.08 -39.25
C ILE I 21 4.75 0.90 -39.24
N TYR I 22 4.79 0.17 -38.13
CA TYR I 22 5.66 -0.98 -38.01
C TYR I 22 5.30 -2.02 -39.06
N SER I 23 4.02 -2.05 -39.43
CA SER I 23 3.55 -3.01 -40.42
C SER I 23 4.04 -2.68 -41.82
N ARG I 24 3.95 -1.42 -42.21
CA ARG I 24 4.41 -1.03 -43.54
C ARG I 24 5.89 -1.37 -43.65
N LEU I 25 6.61 -1.24 -42.54
CA LEU I 25 8.02 -1.55 -42.54
C LEU I 25 8.26 -3.05 -42.70
N LEU I 26 7.36 -3.85 -42.15
CA LEU I 26 7.49 -5.30 -42.24
C LEU I 26 7.35 -5.73 -43.69
N LYS I 27 6.67 -4.90 -44.48
CA LYS I 27 6.47 -5.16 -45.89
C LYS I 27 7.79 -4.94 -46.64
N ASP I 28 8.78 -4.39 -45.92
CA ASP I 28 10.09 -4.15 -46.49
C ASP I 28 11.06 -5.16 -45.89
N ARG I 29 10.51 -6.16 -45.21
CA ARG I 29 11.30 -7.21 -44.57
C ARG I 29 12.12 -6.62 -43.41
N ILE I 30 11.57 -5.57 -42.80
CA ILE I 30 12.19 -4.88 -41.67
C ILE I 30 11.47 -5.24 -40.37
N VAL I 31 12.20 -5.80 -39.41
CA VAL I 31 11.62 -6.15 -38.13
C VAL I 31 12.37 -5.40 -37.02
N LEU I 32 11.61 -4.91 -36.04
CA LEU I 32 12.23 -4.15 -34.96
C LEU I 32 12.17 -4.79 -33.58
N LEU I 33 13.35 -5.13 -33.06
CA LEU I 33 13.42 -5.70 -31.72
C LEU I 33 13.84 -4.56 -30.79
N SER I 34 12.84 -4.00 -30.11
CA SER I 34 13.06 -2.89 -29.19
C SER I 34 12.66 -3.24 -27.76
N GLY I 35 13.45 -2.78 -26.78
CA GLY I 35 13.14 -3.05 -25.39
C GLY I 35 13.61 -4.41 -24.90
N GLU I 36 13.21 -4.74 -23.67
CA GLU I 36 13.60 -5.99 -23.06
C GLU I 36 13.07 -7.24 -23.75
N ILE I 37 13.86 -8.30 -23.70
CA ILE I 37 13.52 -9.56 -24.33
C ILE I 37 12.89 -10.53 -23.31
N ASN I 38 11.72 -11.05 -23.64
CA ASN I 38 11.00 -12.01 -22.80
C ASN I 38 10.20 -12.90 -23.73
N ASP I 39 9.46 -13.88 -23.20
CA ASP I 39 8.70 -14.79 -24.06
C ASP I 39 7.74 -14.05 -25.00
N SER I 40 7.05 -13.05 -24.46
CA SER I 40 6.11 -12.28 -25.26
C SER I 40 6.77 -11.66 -26.49
N VAL I 41 7.85 -10.93 -26.27
CA VAL I 41 8.59 -10.29 -27.34
C VAL I 41 9.18 -11.32 -28.31
N ALA I 42 9.79 -12.36 -27.75
CA ALA I 42 10.40 -13.40 -28.56
C ALA I 42 9.37 -14.04 -29.46
N SER I 43 8.14 -14.15 -28.96
CA SER I 43 7.06 -14.75 -29.70
C SER I 43 6.70 -13.84 -30.88
N SER I 44 6.70 -12.54 -30.61
CA SER I 44 6.40 -11.52 -31.61
C SER I 44 7.46 -11.48 -32.70
N ILE I 45 8.72 -11.67 -32.30
CA ILE I 45 9.82 -11.63 -33.27
C ILE I 45 9.87 -12.90 -34.13
N VAL I 46 9.69 -14.06 -33.51
CA VAL I 46 9.68 -15.33 -34.23
C VAL I 46 8.54 -15.39 -35.22
N ALA I 47 7.38 -14.88 -34.82
CA ALA I 47 6.21 -14.87 -35.68
C ALA I 47 6.50 -14.04 -36.93
N GLN I 48 7.28 -12.97 -36.74
CA GLN I 48 7.63 -12.10 -37.85
C GLN I 48 8.63 -12.75 -38.80
N LEU I 49 9.60 -13.47 -38.26
CA LEU I 49 10.58 -14.13 -39.11
C LEU I 49 9.91 -15.26 -39.90
N LEU I 50 9.01 -15.99 -39.26
CA LEU I 50 8.32 -17.07 -39.95
C LEU I 50 7.47 -16.50 -41.07
N PHE I 51 6.77 -15.40 -40.78
CA PHE I 51 5.93 -14.74 -41.76
C PHE I 51 6.76 -14.34 -42.98
N LEU I 52 7.81 -13.58 -42.76
CA LEU I 52 8.69 -13.15 -43.82
C LEU I 52 9.20 -14.33 -44.66
N GLU I 53 9.52 -15.44 -44.00
CA GLU I 53 9.99 -16.59 -44.76
C GLU I 53 8.84 -17.09 -45.62
N ALA I 54 7.63 -17.01 -45.09
CA ALA I 54 6.46 -17.46 -45.81
C ALA I 54 6.20 -16.57 -47.03
N GLU I 55 6.57 -15.30 -46.90
CA GLU I 55 6.36 -14.34 -47.99
C GLU I 55 7.46 -14.42 -49.04
N ASP I 56 8.66 -14.81 -48.61
CA ASP I 56 9.81 -14.93 -49.51
C ASP I 56 10.98 -15.52 -48.73
N PRO I 57 11.30 -16.80 -48.98
CA PRO I 57 12.40 -17.49 -48.29
C PRO I 57 13.78 -17.24 -48.87
N GLU I 58 13.88 -16.28 -49.78
CA GLU I 58 15.17 -15.97 -50.39
C GLU I 58 15.68 -14.58 -50.02
N LYS I 59 14.82 -13.57 -50.10
CA LYS I 59 15.22 -12.21 -49.77
C LYS I 59 15.69 -12.09 -48.32
N ASP I 60 16.72 -11.26 -48.11
CA ASP I 60 17.27 -11.04 -46.79
C ASP I 60 16.28 -10.35 -45.88
N ILE I 61 16.49 -10.48 -44.57
CA ILE I 61 15.64 -9.86 -43.57
C ILE I 61 16.49 -8.93 -42.72
N GLY I 62 15.96 -7.75 -42.40
CA GLY I 62 16.69 -6.79 -41.60
C GLY I 62 16.13 -6.71 -40.19
N LEU I 63 16.91 -7.19 -39.22
CA LEU I 63 16.51 -7.17 -37.82
C LEU I 63 17.21 -6.08 -37.01
N TYR I 64 16.53 -4.96 -36.83
CA TYR I 64 17.11 -3.86 -36.06
C TYR I 64 16.99 -4.18 -34.58
N ILE I 65 18.09 -4.01 -33.86
CA ILE I 65 18.12 -4.32 -32.44
C ILE I 65 18.53 -3.16 -31.55
N ASN I 66 17.67 -2.87 -30.57
CA ASN I 66 17.91 -1.84 -29.56
C ASN I 66 17.30 -2.44 -28.30
N SER I 67 18.03 -3.36 -27.71
CA SER I 67 17.58 -4.05 -26.51
C SER I 67 18.59 -3.99 -25.38
N PRO I 68 18.10 -3.94 -24.14
CA PRO I 68 18.98 -3.90 -22.97
C PRO I 68 19.21 -5.33 -22.50
N GLY I 69 18.65 -6.28 -23.26
CA GLY I 69 18.80 -7.68 -22.92
C GLY I 69 17.49 -8.32 -22.49
N GLY I 70 17.56 -9.48 -21.87
CA GLY I 70 16.36 -10.16 -21.44
C GLY I 70 16.56 -11.61 -21.08
N VAL I 71 15.44 -12.34 -21.03
CA VAL I 71 15.42 -13.76 -20.69
C VAL I 71 16.25 -14.52 -21.71
N ILE I 72 17.04 -15.49 -21.24
CA ILE I 72 17.91 -16.26 -22.12
C ILE I 72 17.19 -17.26 -23.02
N THR I 73 16.39 -18.15 -22.45
CA THR I 73 15.72 -19.12 -23.31
C THR I 73 14.90 -18.36 -24.35
N SER I 74 14.42 -17.18 -23.97
CA SER I 74 13.62 -16.36 -24.89
C SER I 74 14.48 -15.88 -26.06
N GLY I 75 15.70 -15.44 -25.76
CA GLY I 75 16.58 -14.97 -26.81
C GLY I 75 17.00 -16.11 -27.72
N LEU I 76 17.19 -17.28 -27.14
CA LEU I 76 17.60 -18.45 -27.89
C LEU I 76 16.53 -18.87 -28.91
N SER I 77 15.26 -18.63 -28.59
CA SER I 77 14.20 -18.97 -29.53
C SER I 77 14.37 -18.14 -30.79
N ILE I 78 14.58 -16.84 -30.63
CA ILE I 78 14.77 -15.95 -31.77
C ILE I 78 16.00 -16.42 -32.55
N TYR I 79 17.07 -16.70 -31.82
CA TYR I 79 18.33 -17.16 -32.38
C TYR I 79 18.19 -18.43 -33.24
N ASP I 80 17.58 -19.46 -32.69
CA ASP I 80 17.41 -20.70 -33.44
C ASP I 80 16.45 -20.52 -34.61
N THR I 81 15.58 -19.52 -34.51
CA THR I 81 14.64 -19.25 -35.57
C THR I 81 15.36 -18.59 -36.74
N MET I 82 16.24 -17.63 -36.43
CA MET I 82 16.99 -16.92 -37.45
C MET I 82 17.72 -17.93 -38.34
N ASN I 83 18.12 -19.05 -37.75
CA ASN I 83 18.84 -20.09 -38.48
C ASN I 83 17.96 -21.19 -39.03
N PHE I 84 16.77 -21.35 -38.45
CA PHE I 84 15.81 -22.36 -38.87
C PHE I 84 15.20 -22.01 -40.22
N ILE I 85 14.96 -20.73 -40.46
CA ILE I 85 14.38 -20.27 -41.71
C ILE I 85 15.47 -20.15 -42.76
N ARG I 86 15.08 -20.17 -44.03
CA ARG I 86 16.03 -20.10 -45.15
C ARG I 86 16.67 -18.73 -45.40
N PRO I 87 15.88 -17.65 -45.35
CA PRO I 87 16.45 -16.32 -45.60
C PRO I 87 17.47 -15.83 -44.57
N ASP I 88 18.51 -15.14 -45.05
CA ASP I 88 19.55 -14.60 -44.18
C ASP I 88 18.94 -13.52 -43.31
N VAL I 89 19.33 -13.50 -42.04
CA VAL I 89 18.83 -12.50 -41.13
C VAL I 89 19.96 -11.56 -40.77
N SER I 90 19.96 -10.40 -41.41
CA SER I 90 20.97 -9.37 -41.14
C SER I 90 20.54 -8.64 -39.87
N THR I 91 21.52 -8.29 -39.03
CA THR I 91 21.21 -7.59 -37.79
C THR I 91 21.79 -6.18 -37.79
N ILE I 92 20.98 -5.22 -37.37
CA ILE I 92 21.40 -3.83 -37.31
C ILE I 92 21.19 -3.30 -35.89
N CYS I 93 22.28 -2.96 -35.22
CA CYS I 93 22.19 -2.43 -33.87
C CYS I 93 22.03 -0.91 -33.91
N ILE I 94 20.99 -0.42 -33.23
CA ILE I 94 20.75 1.01 -33.12
C ILE I 94 20.47 1.28 -31.63
N GLY I 95 21.02 2.36 -31.11
CA GLY I 95 20.83 2.67 -29.71
C GLY I 95 21.78 1.78 -28.92
N GLN I 96 21.37 0.54 -28.68
CA GLN I 96 22.22 -0.37 -27.96
C GLN I 96 21.78 -1.81 -28.14
N ALA I 97 22.72 -2.72 -27.89
CA ALA I 97 22.47 -4.15 -27.98
C ALA I 97 23.24 -4.69 -26.78
N ALA I 98 22.56 -4.78 -25.64
CA ALA I 98 23.19 -5.25 -24.42
C ALA I 98 22.85 -6.70 -24.07
N ALA I 99 23.84 -7.39 -23.55
CA ALA I 99 23.70 -8.76 -23.11
C ALA I 99 23.02 -9.65 -24.17
N MET I 100 21.85 -10.19 -23.86
CA MET I 100 21.17 -11.07 -24.80
C MET I 100 20.92 -10.34 -26.11
N GLY I 101 20.89 -9.02 -26.05
CA GLY I 101 20.71 -8.21 -27.24
C GLY I 101 21.97 -8.31 -28.08
N ALA I 102 23.13 -8.11 -27.45
CA ALA I 102 24.40 -8.18 -28.15
C ALA I 102 24.61 -9.58 -28.74
N PHE I 103 24.07 -10.58 -28.05
CA PHE I 103 24.17 -11.98 -28.47
C PHE I 103 23.45 -12.20 -29.79
N LEU I 104 22.21 -11.73 -29.86
CA LEU I 104 21.41 -11.86 -31.07
C LEU I 104 22.07 -11.09 -32.20
N LEU I 105 22.58 -9.90 -31.88
CA LEU I 105 23.27 -9.08 -32.85
C LEU I 105 24.41 -9.89 -33.46
N SER I 106 25.21 -10.52 -32.61
CA SER I 106 26.34 -11.33 -33.09
C SER I 106 25.92 -12.57 -33.87
N CYS I 107 24.67 -13.00 -33.69
CA CYS I 107 24.15 -14.18 -34.37
C CYS I 107 23.66 -13.93 -35.79
N GLY I 108 23.74 -12.69 -36.26
CA GLY I 108 23.29 -12.39 -37.60
C GLY I 108 24.13 -13.12 -38.64
N ALA I 109 23.56 -13.26 -39.84
CA ALA I 109 24.26 -13.94 -40.94
C ALA I 109 25.61 -13.29 -41.17
N LYS I 110 26.66 -14.11 -41.21
CA LYS I 110 28.03 -13.66 -41.40
C LYS I 110 28.20 -12.63 -42.52
N GLY I 111 28.79 -11.49 -42.16
CA GLY I 111 29.00 -10.43 -43.12
C GLY I 111 27.87 -9.42 -43.16
N LYS I 112 26.79 -9.72 -42.44
CA LYS I 112 25.63 -8.82 -42.42
C LYS I 112 25.23 -8.40 -41.02
N ARG I 113 26.22 -8.31 -40.13
CA ARG I 113 25.98 -7.86 -38.77
C ARG I 113 26.47 -6.42 -38.75
N PHE I 114 25.55 -5.49 -38.66
CA PHE I 114 25.87 -4.06 -38.69
C PHE I 114 25.50 -3.31 -37.42
N SER I 115 25.99 -2.07 -37.36
CA SER I 115 25.72 -1.20 -36.24
C SER I 115 25.86 0.24 -36.68
N LEU I 116 24.98 1.10 -36.18
CA LEU I 116 25.06 2.51 -36.50
C LEU I 116 26.25 3.00 -35.68
N PRO I 117 26.92 4.06 -36.15
CA PRO I 117 28.10 4.64 -35.49
C PRO I 117 28.08 4.94 -33.99
N HIS I 118 26.93 5.25 -33.41
CA HIS I 118 26.91 5.58 -32.00
C HIS I 118 26.19 4.59 -31.09
N SER I 119 26.03 3.36 -31.56
CA SER I 119 25.39 2.32 -30.77
C SER I 119 26.45 1.77 -29.82
N ARG I 120 26.03 1.32 -28.65
CA ARG I 120 26.97 0.73 -27.71
C ARG I 120 26.60 -0.74 -27.62
N ILE I 121 27.60 -1.60 -27.45
CA ILE I 121 27.35 -3.04 -27.34
C ILE I 121 27.92 -3.45 -26.00
N MET I 122 27.24 -4.37 -25.32
CA MET I 122 27.69 -4.81 -24.01
C MET I 122 27.39 -6.27 -23.82
N ILE I 123 28.34 -7.01 -23.26
CA ILE I 123 28.12 -8.42 -23.03
C ILE I 123 28.48 -8.74 -21.58
N HIS I 124 27.85 -9.78 -21.02
CA HIS I 124 28.11 -10.19 -19.64
C HIS I 124 27.53 -11.57 -19.35
N GLN I 125 27.94 -12.17 -18.23
CA GLN I 125 27.44 -13.49 -17.90
C GLN I 125 25.99 -13.37 -17.46
N PRO I 126 25.25 -14.49 -17.49
CA PRO I 126 23.84 -14.48 -17.09
C PRO I 126 23.58 -14.14 -15.62
N LEU I 127 22.36 -13.66 -15.37
CA LEU I 127 21.93 -13.29 -14.02
C LEU I 127 20.69 -14.11 -13.71
N GLY I 128 20.53 -14.48 -12.44
CA GLY I 128 19.38 -15.26 -12.06
C GLY I 128 19.07 -15.28 -10.57
N GLY I 129 18.34 -16.30 -10.15
CA GLY I 129 17.99 -16.43 -8.75
C GLY I 129 17.51 -17.84 -8.48
N ALA I 130 17.54 -18.24 -7.21
CA ALA I 130 17.09 -19.57 -6.83
C ALA I 130 16.62 -19.58 -5.37
N GLN I 131 15.56 -20.34 -5.10
CA GLN I 131 15.03 -20.45 -3.75
C GLN I 131 14.65 -21.89 -3.46
N GLY I 132 14.55 -22.22 -2.17
CA GLY I 132 14.15 -23.55 -1.81
C GLY I 132 15.24 -24.34 -1.12
N GLN I 133 15.06 -25.66 -1.12
CA GLN I 133 16.00 -26.58 -0.52
C GLN I 133 17.37 -26.49 -1.20
N ALA I 134 18.42 -26.89 -0.48
CA ALA I 134 19.77 -26.89 -1.04
C ALA I 134 19.85 -27.68 -2.35
N SER I 135 19.10 -28.77 -2.44
CA SER I 135 19.07 -29.61 -3.64
C SER I 135 18.60 -28.84 -4.88
N ASP I 136 17.51 -28.08 -4.72
CA ASP I 136 16.95 -27.30 -5.82
C ASP I 136 17.88 -26.15 -6.22
N ILE I 137 18.49 -25.51 -5.21
CA ILE I 137 19.40 -24.41 -5.46
C ILE I 137 20.61 -24.87 -6.27
N GLU I 138 21.11 -26.07 -6.01
CA GLU I 138 22.25 -26.60 -6.76
C GLU I 138 21.83 -26.91 -8.19
N ILE I 139 20.64 -27.49 -8.34
CA ILE I 139 20.09 -27.82 -9.64
C ILE I 139 19.92 -26.57 -10.50
N ILE I 140 19.54 -25.46 -9.88
CA ILE I 140 19.34 -24.21 -10.62
C ILE I 140 20.67 -23.54 -10.92
N SER I 141 21.63 -23.69 -10.01
CA SER I 141 22.95 -23.11 -10.19
C SER I 141 23.65 -23.76 -11.38
N ASN I 142 23.61 -25.09 -11.46
CA ASN I 142 24.25 -25.80 -12.55
C ASN I 142 23.61 -25.43 -13.89
N GLU I 143 22.29 -25.31 -13.90
CA GLU I 143 21.58 -24.98 -15.13
C GLU I 143 21.95 -23.59 -15.62
N ILE I 144 22.00 -22.61 -14.71
CA ILE I 144 22.37 -21.28 -15.13
C ILE I 144 23.81 -21.28 -15.61
N LEU I 145 24.64 -22.12 -14.99
CA LEU I 145 26.04 -22.22 -15.39
C LEU I 145 26.08 -22.85 -16.79
N ARG I 146 25.21 -23.82 -17.03
CA ARG I 146 25.16 -24.45 -18.36
C ARG I 146 24.80 -23.39 -19.40
N LEU I 147 23.82 -22.54 -19.08
CA LEU I 147 23.41 -21.49 -19.99
C LEU I 147 24.53 -20.46 -20.17
N LYS I 148 25.40 -20.36 -19.18
CA LYS I 148 26.52 -19.44 -19.24
C LYS I 148 27.58 -20.02 -20.17
N GLY I 149 27.88 -21.30 -20.01
CA GLY I 149 28.86 -21.94 -20.86
C GLY I 149 28.38 -21.95 -22.30
N LEU I 150 27.09 -22.20 -22.47
CA LEU I 150 26.49 -22.28 -23.80
C LEU I 150 26.56 -20.97 -24.58
N MET I 151 26.29 -19.86 -23.91
CA MET I 151 26.32 -18.55 -24.57
C MET I 151 27.74 -18.08 -24.83
N ASN I 152 28.65 -18.40 -23.91
CA ASN I 152 30.04 -18.01 -24.08
C ASN I 152 30.64 -18.69 -25.31
N SER I 153 30.43 -20.00 -25.45
CA SER I 153 30.98 -20.71 -26.60
C SER I 153 30.38 -20.19 -27.91
N ILE I 154 29.08 -19.97 -27.94
CA ILE I 154 28.40 -19.47 -29.13
C ILE I 154 28.90 -18.05 -29.44
N LEU I 155 29.11 -17.29 -28.37
CA LEU I 155 29.59 -15.91 -28.49
C LEU I 155 30.99 -15.98 -29.07
N ALA I 156 31.75 -16.98 -28.64
CA ALA I 156 33.11 -17.20 -29.11
C ALA I 156 33.11 -17.60 -30.58
N GLN I 157 32.19 -18.48 -30.96
CA GLN I 157 32.09 -18.94 -32.34
C GLN I 157 31.76 -17.77 -33.24
N ASN I 158 30.94 -16.86 -32.73
CA ASN I 158 30.51 -15.70 -33.52
C ASN I 158 31.53 -14.58 -33.68
N SER I 159 32.41 -14.43 -32.71
CA SER I 159 33.39 -13.35 -32.75
C SER I 159 34.79 -13.76 -33.20
N GLY I 160 35.14 -15.02 -32.95
CA GLY I 160 36.46 -15.50 -33.31
C GLY I 160 37.33 -15.54 -32.08
N GLN I 161 36.79 -15.08 -30.95
CA GLN I 161 37.53 -15.08 -29.70
C GLN I 161 37.50 -16.48 -29.08
N SER I 162 38.51 -16.80 -28.29
CA SER I 162 38.56 -18.10 -27.64
C SER I 162 37.53 -18.10 -26.52
N LEU I 163 37.10 -19.30 -26.12
CA LEU I 163 36.13 -19.44 -25.05
C LEU I 163 36.67 -18.87 -23.74
N GLU I 164 37.99 -18.85 -23.61
CA GLU I 164 38.63 -18.31 -22.41
C GLU I 164 38.52 -16.79 -22.38
N GLN I 165 38.67 -16.18 -23.56
CA GLN I 165 38.60 -14.73 -23.69
C GLN I 165 37.20 -14.23 -23.37
N ILE I 166 36.20 -14.89 -23.94
CA ILE I 166 34.80 -14.51 -23.70
C ILE I 166 34.51 -14.73 -22.22
N ALA I 167 35.00 -15.83 -21.67
CA ALA I 167 34.76 -16.12 -20.27
C ALA I 167 35.29 -14.99 -19.40
N LYS I 168 36.51 -14.52 -19.68
CA LYS I 168 37.11 -13.44 -18.91
C LYS I 168 36.40 -12.10 -19.09
N ASP I 169 36.14 -11.71 -20.33
CA ASP I 169 35.50 -10.43 -20.60
C ASP I 169 34.05 -10.27 -20.15
N THR I 170 33.33 -11.38 -20.00
CA THR I 170 31.93 -11.30 -19.61
C THR I 170 31.70 -11.56 -18.14
N ASP I 171 32.79 -11.68 -17.37
CA ASP I 171 32.67 -11.90 -15.94
C ASP I 171 31.83 -10.79 -15.35
N ARG I 172 32.07 -9.56 -15.81
CA ARG I 172 31.31 -8.39 -15.38
C ARG I 172 30.91 -7.65 -16.64
N ASP I 173 30.11 -6.59 -16.49
CA ASP I 173 29.66 -5.79 -17.62
C ASP I 173 30.84 -5.31 -18.46
N PHE I 174 30.75 -5.54 -19.76
CA PHE I 174 31.79 -5.15 -20.69
C PHE I 174 31.19 -4.29 -21.82
N TYR I 175 31.31 -2.96 -21.70
CA TYR I 175 30.76 -2.06 -22.71
C TYR I 175 31.69 -1.82 -23.89
N MET I 176 31.12 -1.51 -25.03
CA MET I 176 31.89 -1.28 -26.25
C MET I 176 31.20 -0.33 -27.19
N SER I 177 32.00 0.42 -27.94
CA SER I 177 31.48 1.31 -28.95
C SER I 177 31.28 0.41 -30.17
N ALA I 178 30.59 0.90 -31.19
CA ALA I 178 30.36 0.11 -32.39
C ALA I 178 31.70 -0.32 -32.98
N LYS I 179 32.65 0.63 -33.04
CA LYS I 179 33.98 0.40 -33.56
C LYS I 179 34.69 -0.76 -32.85
N GLU I 180 34.67 -0.73 -31.52
CA GLU I 180 35.31 -1.75 -30.72
C GLU I 180 34.65 -3.12 -30.91
N ALA I 181 33.31 -3.13 -30.93
CA ALA I 181 32.57 -4.36 -31.10
C ALA I 181 32.89 -5.02 -32.45
N LYS I 182 33.23 -4.19 -33.43
CA LYS I 182 33.59 -4.66 -34.76
C LYS I 182 34.94 -5.37 -34.64
N GLU I 183 35.91 -4.68 -34.05
CA GLU I 183 37.25 -5.21 -33.85
C GLU I 183 37.20 -6.46 -32.97
N TYR I 184 36.16 -6.57 -32.15
CA TYR I 184 36.02 -7.73 -31.26
C TYR I 184 35.45 -8.91 -32.04
N GLY I 185 34.76 -8.62 -33.13
CA GLY I 185 34.18 -9.67 -33.95
C GLY I 185 32.69 -9.88 -33.76
N LEU I 186 32.05 -9.06 -32.93
CA LEU I 186 30.61 -9.18 -32.67
C LEU I 186 29.76 -8.69 -33.85
N ILE I 187 30.31 -7.77 -34.62
CA ILE I 187 29.65 -7.25 -35.80
C ILE I 187 30.66 -7.21 -36.94
N ASP I 188 30.17 -7.03 -38.15
CA ASP I 188 31.01 -7.00 -39.33
C ASP I 188 31.36 -5.61 -39.83
N LYS I 189 30.37 -4.72 -39.81
CA LYS I 189 30.58 -3.37 -40.30
C LYS I 189 29.75 -2.31 -39.58
N VAL I 190 30.32 -1.12 -39.46
CA VAL I 190 29.65 0.01 -38.84
C VAL I 190 29.19 0.93 -39.97
N LEU I 191 27.87 1.08 -40.12
CA LEU I 191 27.33 1.94 -41.16
C LEU I 191 27.59 3.38 -40.71
N GLN I 192 28.87 3.73 -40.67
CA GLN I 192 29.28 5.07 -40.26
C GLN I 192 29.33 6.04 -41.43
N ALA J 1 13.60 -16.62 -14.34
CA ALA J 1 14.63 -17.54 -14.88
C ALA J 1 15.83 -16.78 -15.42
N ALA J 2 16.92 -17.49 -15.64
CA ALA J 2 18.16 -16.91 -16.13
C ALA J 2 17.96 -15.83 -17.20
N ALA J 3 18.67 -14.72 -17.03
CA ALA J 3 18.58 -13.62 -17.98
C ALA J 3 19.94 -13.04 -18.28
N ALA J 4 20.02 -12.37 -19.42
CA ALA J 4 21.25 -11.72 -19.85
C ALA J 4 20.93 -10.26 -20.08
N ASP K 20 -3.42 -9.35 -39.17
CA ASP K 20 -2.63 -9.89 -38.03
C ASP K 20 -1.48 -10.78 -38.49
N ILE K 21 -0.44 -10.88 -37.68
CA ILE K 21 0.71 -11.70 -38.00
C ILE K 21 0.41 -13.16 -37.67
N TYR K 22 -0.12 -13.39 -36.47
CA TYR K 22 -0.46 -14.72 -36.01
C TYR K 22 -1.57 -15.35 -36.86
N SER K 23 -2.39 -14.50 -37.48
CA SER K 23 -3.48 -14.98 -38.32
C SER K 23 -2.95 -15.53 -39.64
N ARG K 24 -1.90 -14.91 -40.16
CA ARG K 24 -1.32 -15.37 -41.41
C ARG K 24 -0.65 -16.71 -41.15
N LEU K 25 0.02 -16.82 -40.02
CA LEU K 25 0.70 -18.06 -39.68
C LEU K 25 -0.32 -19.18 -39.47
N LEU K 26 -1.43 -18.85 -38.83
CA LEU K 26 -2.48 -19.84 -38.58
C LEU K 26 -2.96 -20.38 -39.92
N LYS K 27 -2.96 -19.52 -40.93
CA LYS K 27 -3.37 -19.91 -42.28
C LYS K 27 -2.46 -21.02 -42.82
N ASP K 28 -1.26 -21.12 -42.27
CA ASP K 28 -0.30 -22.15 -42.67
C ASP K 28 -0.35 -23.28 -41.63
N ARG K 29 -1.41 -23.27 -40.83
CA ARG K 29 -1.61 -24.28 -39.79
C ARG K 29 -0.46 -24.30 -38.77
N ILE K 30 0.01 -23.10 -38.43
CA ILE K 30 1.08 -22.91 -37.46
C ILE K 30 0.46 -22.29 -36.22
N VAL K 31 0.62 -22.95 -35.08
CA VAL K 31 0.08 -22.45 -33.83
C VAL K 31 1.22 -22.21 -32.85
N LEU K 32 1.24 -21.03 -32.25
CA LEU K 32 2.27 -20.69 -31.30
C LEU K 32 1.80 -20.72 -29.85
N LEU K 33 2.46 -21.53 -29.04
CA LEU K 33 2.14 -21.60 -27.63
C LEU K 33 3.34 -20.99 -26.94
N SER K 34 3.16 -19.77 -26.45
CA SER K 34 4.23 -19.03 -25.80
C SER K 34 3.83 -18.51 -24.43
N GLY K 35 4.68 -18.76 -23.44
CA GLY K 35 4.40 -18.30 -22.10
C GLY K 35 3.71 -19.34 -21.24
N GLU K 36 3.31 -18.92 -20.04
CA GLU K 36 2.65 -19.80 -19.10
C GLU K 36 1.32 -20.34 -19.61
N ILE K 37 1.04 -21.58 -19.23
CA ILE K 37 -0.18 -22.25 -19.61
C ILE K 37 -1.22 -22.11 -18.49
N ASN K 38 -2.38 -21.58 -18.85
CA ASN K 38 -3.51 -21.38 -17.95
C ASN K 38 -4.78 -21.55 -18.77
N ASP K 39 -5.94 -21.51 -18.12
CA ASP K 39 -7.20 -21.68 -18.82
C ASP K 39 -7.34 -20.73 -20.00
N SER K 40 -6.86 -19.51 -19.82
CA SER K 40 -6.95 -18.50 -20.86
C SER K 40 -6.13 -18.96 -22.08
N VAL K 41 -4.85 -19.23 -21.86
CA VAL K 41 -3.98 -19.70 -22.93
C VAL K 41 -4.50 -21.00 -23.52
N ALA K 42 -5.02 -21.87 -22.67
CA ALA K 42 -5.55 -23.14 -23.14
C ALA K 42 -6.77 -23.00 -24.05
N SER K 43 -7.69 -22.11 -23.70
CA SER K 43 -8.87 -21.97 -24.54
C SER K 43 -8.47 -21.46 -25.92
N SER K 44 -7.45 -20.60 -25.96
CA SER K 44 -6.97 -20.04 -27.21
C SER K 44 -6.38 -21.11 -28.11
N ILE K 45 -5.48 -21.92 -27.56
CA ILE K 45 -4.85 -23.00 -28.31
C ILE K 45 -5.90 -24.01 -28.76
N VAL K 46 -6.73 -24.44 -27.82
CA VAL K 46 -7.78 -25.40 -28.13
C VAL K 46 -8.68 -24.84 -29.23
N ALA K 47 -8.99 -23.55 -29.13
CA ALA K 47 -9.83 -22.87 -30.10
C ALA K 47 -9.20 -22.90 -31.49
N GLN K 48 -7.89 -22.65 -31.53
CA GLN K 48 -7.16 -22.67 -32.80
C GLN K 48 -7.09 -24.08 -33.36
N LEU K 49 -6.88 -25.08 -32.51
CA LEU K 49 -6.81 -26.46 -32.97
C LEU K 49 -8.13 -26.95 -33.56
N LEU K 50 -9.24 -26.57 -32.92
CA LEU K 50 -10.55 -26.98 -33.41
C LEU K 50 -10.78 -26.30 -34.76
N PHE K 51 -10.27 -25.08 -34.90
CA PHE K 51 -10.42 -24.32 -36.13
C PHE K 51 -9.72 -25.00 -37.31
N LEU K 52 -8.42 -25.28 -37.16
CA LEU K 52 -7.66 -25.93 -38.22
C LEU K 52 -8.31 -27.25 -38.64
N GLU K 53 -8.89 -27.95 -37.67
CA GLU K 53 -9.54 -29.22 -37.95
C GLU K 53 -10.70 -28.99 -38.92
N ALA K 54 -11.52 -27.98 -38.63
CA ALA K 54 -12.66 -27.67 -39.49
C ALA K 54 -12.21 -27.25 -40.89
N GLU K 55 -11.06 -26.59 -40.97
CA GLU K 55 -10.53 -26.12 -42.25
C GLU K 55 -9.98 -27.26 -43.11
N ASP K 56 -9.55 -28.34 -42.46
CA ASP K 56 -8.99 -29.51 -43.15
C ASP K 56 -8.51 -30.53 -42.11
N PRO K 57 -9.32 -31.56 -41.82
CA PRO K 57 -8.96 -32.59 -40.85
C PRO K 57 -7.79 -33.50 -41.21
N GLU K 58 -7.19 -33.30 -42.38
CA GLU K 58 -6.07 -34.16 -42.77
C GLU K 58 -4.70 -33.49 -42.77
N LYS K 59 -4.65 -32.19 -43.06
CA LYS K 59 -3.37 -31.47 -43.09
C LYS K 59 -2.77 -31.30 -41.71
N ASP K 60 -1.51 -31.70 -41.57
CA ASP K 60 -0.80 -31.58 -40.32
C ASP K 60 -0.87 -30.17 -39.73
N ILE K 61 -0.58 -30.08 -38.44
CA ILE K 61 -0.58 -28.82 -37.71
C ILE K 61 0.77 -28.67 -37.02
N GLY K 62 1.28 -27.45 -36.96
CA GLY K 62 2.55 -27.23 -36.31
C GLY K 62 2.39 -26.46 -35.02
N LEU K 63 2.52 -27.14 -33.88
CA LEU K 63 2.40 -26.47 -32.58
C LEU K 63 3.77 -26.12 -32.05
N TYR K 64 4.13 -24.83 -32.13
CA TYR K 64 5.42 -24.35 -31.65
C TYR K 64 5.30 -24.07 -30.16
N ILE K 65 6.20 -24.66 -29.38
CA ILE K 65 6.17 -24.48 -27.93
C ILE K 65 7.38 -23.79 -27.32
N ASN K 66 7.08 -22.73 -26.58
CA ASN K 66 8.07 -21.94 -25.85
C ASN K 66 7.31 -21.57 -24.58
N SER K 67 7.35 -22.49 -23.62
CA SER K 67 6.64 -22.30 -22.38
C SER K 67 7.38 -22.84 -21.17
N PRO K 68 7.25 -22.15 -20.03
CA PRO K 68 7.92 -22.56 -18.78
C PRO K 68 7.03 -23.50 -17.99
N GLY K 69 5.85 -23.80 -18.53
CA GLY K 69 4.91 -24.66 -17.84
C GLY K 69 3.65 -23.94 -17.42
N GLY K 70 2.90 -24.55 -16.50
CA GLY K 70 1.67 -23.94 -16.02
C GLY K 70 0.64 -24.92 -15.47
N VAL K 71 -0.57 -24.41 -15.28
CA VAL K 71 -1.68 -25.22 -14.75
C VAL K 71 -1.83 -26.55 -15.48
N ILE K 72 -1.87 -27.63 -14.71
CA ILE K 72 -1.99 -28.97 -15.26
C ILE K 72 -3.29 -29.25 -16.02
N THR K 73 -4.43 -29.00 -15.40
CA THR K 73 -5.68 -29.28 -16.08
C THR K 73 -5.75 -28.49 -17.40
N SER K 74 -5.20 -27.28 -17.40
CA SER K 74 -5.18 -26.43 -18.59
C SER K 74 -4.34 -27.13 -19.65
N GLY K 75 -3.26 -27.75 -19.21
CA GLY K 75 -2.39 -28.47 -20.13
C GLY K 75 -3.04 -29.74 -20.65
N LEU K 76 -3.82 -30.39 -19.79
CA LEU K 76 -4.51 -31.61 -20.16
C LEU K 76 -5.59 -31.32 -21.22
N SER K 77 -6.16 -30.12 -21.18
CA SER K 77 -7.19 -29.76 -22.14
C SER K 77 -6.54 -29.67 -23.51
N ILE K 78 -5.35 -29.08 -23.56
CA ILE K 78 -4.65 -28.94 -24.82
C ILE K 78 -4.29 -30.33 -25.35
N TYR K 79 -3.70 -31.15 -24.50
CA TYR K 79 -3.29 -32.52 -24.86
C TYR K 79 -4.44 -33.40 -25.32
N ASP K 80 -5.56 -33.37 -24.60
CA ASP K 80 -6.70 -34.18 -25.02
C ASP K 80 -7.23 -33.69 -26.36
N THR K 81 -7.18 -32.38 -26.57
CA THR K 81 -7.66 -31.83 -27.83
C THR K 81 -6.78 -32.26 -29.01
N MET K 82 -5.47 -32.24 -28.81
CA MET K 82 -4.52 -32.63 -29.84
C MET K 82 -4.85 -34.01 -30.40
N ASN K 83 -5.25 -34.92 -29.52
CA ASN K 83 -5.60 -36.27 -29.94
C ASN K 83 -7.07 -36.41 -30.29
N PHE K 84 -7.88 -35.43 -29.92
CA PHE K 84 -9.31 -35.46 -30.20
C PHE K 84 -9.55 -35.16 -31.67
N ILE K 85 -8.74 -34.26 -32.22
CA ILE K 85 -8.84 -33.87 -33.64
C ILE K 85 -8.17 -34.89 -34.55
N ARG K 86 -8.53 -34.86 -35.83
CA ARG K 86 -7.96 -35.81 -36.80
C ARG K 86 -6.53 -35.49 -37.24
N PRO K 87 -6.23 -34.22 -37.55
CA PRO K 87 -4.88 -33.87 -37.98
C PRO K 87 -3.81 -34.29 -36.98
N ASP K 88 -2.62 -34.63 -37.49
CA ASP K 88 -1.50 -34.98 -36.62
C ASP K 88 -0.98 -33.61 -36.17
N VAL K 89 -0.74 -33.46 -34.87
CA VAL K 89 -0.22 -32.21 -34.35
C VAL K 89 1.28 -32.36 -34.07
N SER K 90 2.10 -31.79 -34.93
CA SER K 90 3.54 -31.85 -34.73
C SER K 90 3.91 -30.82 -33.66
N THR K 91 4.94 -31.09 -32.88
CA THR K 91 5.35 -30.15 -31.84
C THR K 91 6.79 -29.70 -32.05
N ILE K 92 7.02 -28.40 -31.97
CA ILE K 92 8.37 -27.87 -32.14
C ILE K 92 8.74 -27.01 -30.94
N CYS K 93 9.84 -27.37 -30.29
CA CYS K 93 10.29 -26.65 -29.12
C CYS K 93 11.35 -25.58 -29.45
N ILE K 94 11.00 -24.32 -29.24
CA ILE K 94 11.93 -23.23 -29.47
C ILE K 94 12.01 -22.52 -28.13
N GLY K 95 13.20 -22.06 -27.76
CA GLY K 95 13.34 -21.41 -26.47
C GLY K 95 13.41 -22.51 -25.42
N GLN K 96 12.26 -22.88 -24.87
CA GLN K 96 12.23 -23.94 -23.87
C GLN K 96 10.85 -24.60 -23.79
N ALA K 97 10.85 -25.83 -23.25
CA ALA K 97 9.63 -26.58 -23.04
C ALA K 97 9.83 -27.16 -21.64
N ALA K 98 9.25 -26.50 -20.64
CA ALA K 98 9.42 -26.94 -19.26
C ALA K 98 8.15 -27.41 -18.56
N ALA K 99 8.30 -28.47 -17.76
CA ALA K 99 7.20 -29.03 -16.99
C ALA K 99 6.03 -29.31 -17.92
N MET K 100 4.92 -28.59 -17.73
CA MET K 100 3.77 -28.83 -18.58
C MET K 100 4.12 -28.61 -20.06
N GLY K 101 5.08 -27.74 -20.32
CA GLY K 101 5.51 -27.48 -21.70
C GLY K 101 6.19 -28.70 -22.32
N ALA K 102 7.06 -29.34 -21.55
CA ALA K 102 7.77 -30.53 -22.01
C ALA K 102 6.75 -31.63 -22.21
N PHE K 103 5.79 -31.70 -21.30
CA PHE K 103 4.72 -32.69 -21.35
C PHE K 103 4.01 -32.60 -22.71
N LEU K 104 3.52 -31.41 -23.04
CA LEU K 104 2.80 -31.19 -24.30
C LEU K 104 3.64 -31.51 -25.52
N LEU K 105 4.92 -31.14 -25.46
CA LEU K 105 5.85 -31.37 -26.55
C LEU K 105 5.97 -32.87 -26.81
N SER K 106 5.99 -33.66 -25.75
CA SER K 106 6.11 -35.10 -25.88
C SER K 106 4.80 -35.75 -26.31
N CYS K 107 3.71 -35.00 -26.21
CA CYS K 107 2.40 -35.51 -26.61
C CYS K 107 2.15 -35.28 -28.08
N GLY K 108 3.16 -34.77 -28.78
CA GLY K 108 3.00 -34.52 -30.20
C GLY K 108 2.94 -35.85 -30.93
N ALA K 109 2.44 -35.84 -32.15
CA ALA K 109 2.33 -37.05 -32.96
C ALA K 109 3.68 -37.76 -33.08
N LYS K 110 3.69 -39.07 -32.86
CA LYS K 110 4.93 -39.84 -32.95
C LYS K 110 5.67 -39.57 -34.26
N GLY K 111 6.99 -39.45 -34.17
CA GLY K 111 7.80 -39.19 -35.34
C GLY K 111 7.84 -37.72 -35.68
N LYS K 112 6.89 -36.94 -35.16
CA LYS K 112 6.84 -35.51 -35.45
C LYS K 112 7.05 -34.57 -34.26
N ARG K 113 7.81 -35.02 -33.26
CA ARG K 113 8.11 -34.20 -32.09
C ARG K 113 9.52 -33.66 -32.30
N PHE K 114 9.60 -32.36 -32.55
CA PHE K 114 10.86 -31.70 -32.83
C PHE K 114 11.33 -30.65 -31.82
N SER K 115 12.57 -30.21 -32.01
CA SER K 115 13.17 -29.19 -31.17
C SER K 115 14.29 -28.51 -31.93
N LEU K 116 14.41 -27.19 -31.76
CA LEU K 116 15.50 -26.49 -32.41
C LEU K 116 16.74 -26.87 -31.59
N PRO K 117 17.95 -26.76 -32.19
CA PRO K 117 19.21 -27.10 -31.54
C PRO K 117 19.59 -26.52 -30.17
N HIS K 118 19.09 -25.34 -29.83
CA HIS K 118 19.49 -24.76 -28.55
C HIS K 118 18.39 -24.65 -27.51
N SER K 119 17.31 -25.39 -27.69
CA SER K 119 16.19 -25.36 -26.76
C SER K 119 16.54 -26.13 -25.48
N ARG K 120 15.84 -25.82 -24.39
CA ARG K 120 16.08 -26.57 -23.17
C ARG K 120 14.74 -27.20 -22.77
N ILE K 121 14.78 -28.47 -22.42
CA ILE K 121 13.59 -29.21 -22.02
C ILE K 121 13.73 -29.59 -20.56
N MET K 122 12.68 -29.35 -19.77
CA MET K 122 12.72 -29.68 -18.35
C MET K 122 11.44 -30.39 -17.92
N ILE K 123 11.59 -31.35 -17.02
CA ILE K 123 10.44 -32.08 -16.51
C ILE K 123 10.57 -32.15 -15.00
N HIS K 124 9.42 -32.05 -14.30
CA HIS K 124 9.40 -32.15 -12.86
C HIS K 124 8.02 -32.53 -12.39
N GLN K 125 7.90 -32.91 -11.12
CA GLN K 125 6.62 -33.31 -10.57
C GLN K 125 5.72 -32.11 -10.32
N PRO K 126 4.42 -32.34 -10.12
CA PRO K 126 3.49 -31.23 -9.87
C PRO K 126 3.89 -30.39 -8.65
N LEU K 127 3.47 -29.13 -8.65
CA LEU K 127 3.71 -28.19 -7.56
C LEU K 127 2.34 -27.60 -7.26
N GLY K 128 2.07 -27.30 -5.99
CA GLY K 128 0.77 -26.75 -5.66
C GLY K 128 0.65 -26.30 -4.22
N GLY K 129 -0.59 -26.13 -3.78
CA GLY K 129 -0.86 -25.70 -2.41
C GLY K 129 -2.19 -26.23 -1.93
N ALA K 130 -2.39 -26.20 -0.62
CA ALA K 130 -3.62 -26.68 -0.01
C ALA K 130 -3.80 -26.00 1.34
N GLN K 131 -5.02 -25.56 1.63
CA GLN K 131 -5.26 -24.88 2.90
C GLN K 131 -6.62 -25.23 3.51
N GLY K 132 -6.70 -25.23 4.83
CA GLY K 132 -7.95 -25.52 5.50
C GLY K 132 -7.87 -26.64 6.51
N GLN K 133 -8.96 -27.38 6.65
CA GLN K 133 -9.03 -28.50 7.58
C GLN K 133 -8.21 -29.69 7.10
N ALA K 134 -7.76 -30.50 8.05
CA ALA K 134 -6.97 -31.68 7.73
C ALA K 134 -7.61 -32.49 6.63
N SER K 135 -8.93 -32.66 6.70
CA SER K 135 -9.70 -33.42 5.73
C SER K 135 -9.55 -32.87 4.32
N ASP K 136 -9.70 -31.55 4.19
CA ASP K 136 -9.58 -30.84 2.92
C ASP K 136 -8.17 -30.93 2.35
N ILE K 137 -7.17 -30.73 3.20
CA ILE K 137 -5.79 -30.79 2.75
C ILE K 137 -5.48 -32.19 2.24
N GLU K 138 -5.97 -33.21 2.95
CA GLU K 138 -5.77 -34.60 2.56
C GLU K 138 -6.36 -34.86 1.16
N ILE K 139 -7.62 -34.47 0.96
CA ILE K 139 -8.28 -34.65 -0.32
C ILE K 139 -7.45 -34.00 -1.44
N ILE K 140 -7.07 -32.74 -1.24
CA ILE K 140 -6.28 -32.00 -2.23
C ILE K 140 -4.96 -32.68 -2.51
N SER K 141 -4.30 -33.13 -1.45
CA SER K 141 -3.02 -33.82 -1.57
C SER K 141 -3.19 -35.07 -2.45
N ASN K 142 -4.22 -35.87 -2.16
CA ASN K 142 -4.46 -37.09 -2.95
C ASN K 142 -4.70 -36.77 -4.43
N GLU K 143 -5.44 -35.70 -4.69
CA GLU K 143 -5.72 -35.32 -6.07
C GLU K 143 -4.44 -34.82 -6.76
N ILE K 144 -3.55 -34.17 -6.01
CA ILE K 144 -2.31 -33.68 -6.58
C ILE K 144 -1.46 -34.89 -6.96
N LEU K 145 -1.47 -35.89 -6.09
CA LEU K 145 -0.71 -37.11 -6.34
C LEU K 145 -1.31 -37.87 -7.51
N ARG K 146 -2.63 -37.84 -7.64
CA ARG K 146 -3.29 -38.51 -8.75
C ARG K 146 -2.76 -37.88 -10.04
N LEU K 147 -2.74 -36.55 -10.08
CA LEU K 147 -2.23 -35.82 -11.25
C LEU K 147 -0.75 -36.13 -11.47
N LYS K 148 -0.02 -36.35 -10.38
CA LYS K 148 1.40 -36.67 -10.47
C LYS K 148 1.60 -38.05 -11.12
N GLY K 149 0.82 -39.02 -10.66
CA GLY K 149 0.92 -40.37 -11.21
C GLY K 149 0.45 -40.35 -12.66
N LEU K 150 -0.61 -39.58 -12.90
CA LEU K 150 -1.19 -39.47 -14.23
C LEU K 150 -0.17 -38.96 -15.27
N MET K 151 0.56 -37.90 -14.91
CA MET K 151 1.54 -37.35 -15.84
C MET K 151 2.77 -38.23 -16.03
N ASN K 152 3.19 -38.92 -14.98
CA ASN K 152 4.35 -39.79 -15.10
C ASN K 152 4.04 -40.93 -16.04
N SER K 153 2.84 -41.52 -15.90
CA SER K 153 2.41 -42.61 -16.75
C SER K 153 2.50 -42.18 -18.21
N ILE K 154 1.98 -40.99 -18.49
CA ILE K 154 1.97 -40.46 -19.85
C ILE K 154 3.38 -40.12 -20.34
N LEU K 155 4.19 -39.57 -19.44
CA LEU K 155 5.56 -39.23 -19.78
C LEU K 155 6.30 -40.53 -20.15
N ALA K 156 6.03 -41.58 -19.39
CA ALA K 156 6.66 -42.88 -19.64
C ALA K 156 6.21 -43.42 -20.99
N GLN K 157 4.92 -43.30 -21.26
CA GLN K 157 4.34 -43.78 -22.51
C GLN K 157 4.93 -43.04 -23.72
N ASN K 158 4.93 -41.71 -23.67
CA ASN K 158 5.45 -40.90 -24.77
C ASN K 158 6.95 -41.05 -25.01
N SER K 159 7.71 -41.35 -23.95
CA SER K 159 9.15 -41.48 -24.07
C SER K 159 9.71 -42.89 -24.18
N GLY K 160 8.93 -43.89 -23.76
CA GLY K 160 9.40 -45.25 -23.82
C GLY K 160 10.10 -45.65 -22.51
N GLN K 161 10.34 -44.66 -21.65
CA GLN K 161 11.00 -44.92 -20.36
C GLN K 161 10.03 -45.61 -19.43
N SER K 162 10.56 -46.17 -18.35
CA SER K 162 9.71 -46.85 -17.38
C SER K 162 9.09 -45.85 -16.40
N LEU K 163 7.99 -46.25 -15.77
CA LEU K 163 7.31 -45.40 -14.81
C LEU K 163 8.29 -45.01 -13.70
N GLU K 164 8.96 -46.01 -13.14
CA GLU K 164 9.92 -45.77 -12.06
C GLU K 164 11.01 -44.78 -12.46
N GLN K 165 11.47 -44.88 -13.70
CA GLN K 165 12.52 -43.99 -14.21
C GLN K 165 12.02 -42.55 -14.30
N ILE K 166 10.77 -42.38 -14.76
CA ILE K 166 10.19 -41.05 -14.89
C ILE K 166 9.97 -40.47 -13.50
N ALA K 167 9.37 -41.28 -12.64
CA ALA K 167 9.09 -40.88 -11.27
C ALA K 167 10.33 -40.40 -10.51
N LYS K 168 11.46 -41.05 -10.74
CA LYS K 168 12.70 -40.67 -10.07
C LYS K 168 13.33 -39.43 -10.71
N ASP K 169 13.37 -39.39 -12.02
CA ASP K 169 13.96 -38.26 -12.73
C ASP K 169 13.21 -36.95 -12.56
N THR K 170 11.91 -37.00 -12.33
CA THR K 170 11.13 -35.79 -12.17
C THR K 170 10.90 -35.39 -10.72
N ASP K 171 11.51 -36.11 -9.79
CA ASP K 171 11.37 -35.80 -8.38
C ASP K 171 11.76 -34.34 -8.13
N ARG K 172 12.69 -33.84 -8.94
CA ARG K 172 13.15 -32.47 -8.85
C ARG K 172 13.39 -31.99 -10.30
N ASP K 173 13.62 -30.69 -10.49
CA ASP K 173 13.84 -30.16 -11.84
C ASP K 173 14.87 -30.99 -12.62
N PHE K 174 14.47 -31.47 -13.79
CA PHE K 174 15.34 -32.29 -14.62
C PHE K 174 15.57 -31.57 -15.95
N TYR K 175 16.64 -30.80 -16.03
CA TYR K 175 16.95 -30.06 -17.24
C TYR K 175 17.68 -30.89 -18.30
N MET K 176 17.43 -30.56 -19.57
CA MET K 176 18.04 -31.27 -20.70
C MET K 176 18.20 -30.39 -21.91
N SER K 177 19.16 -30.75 -22.75
CA SER K 177 19.40 -30.07 -24.00
C SER K 177 18.50 -30.79 -25.01
N ALA K 178 18.33 -30.21 -26.20
CA ALA K 178 17.48 -30.86 -27.21
C ALA K 178 17.97 -32.27 -27.54
N LYS K 179 19.28 -32.42 -27.67
CA LYS K 179 19.84 -33.73 -27.98
C LYS K 179 19.58 -34.75 -26.87
N GLU K 180 19.65 -34.30 -25.62
CA GLU K 180 19.42 -35.22 -24.49
C GLU K 180 17.93 -35.57 -24.36
N ALA K 181 17.08 -34.62 -24.73
CA ALA K 181 15.63 -34.82 -24.67
C ALA K 181 15.27 -35.88 -25.70
N LYS K 182 15.98 -35.85 -26.83
CA LYS K 182 15.79 -36.79 -27.91
C LYS K 182 16.24 -38.18 -27.45
N GLU K 183 17.44 -38.24 -26.88
CA GLU K 183 18.00 -39.52 -26.41
C GLU K 183 17.15 -40.08 -25.27
N TYR K 184 16.31 -39.24 -24.68
CA TYR K 184 15.45 -39.64 -23.57
C TYR K 184 14.09 -40.15 -24.04
N GLY K 185 13.65 -39.69 -25.21
CA GLY K 185 12.37 -40.12 -25.76
C GLY K 185 11.29 -39.03 -25.77
N LEU K 186 11.63 -37.82 -25.34
CA LEU K 186 10.67 -36.72 -25.30
C LEU K 186 10.39 -36.12 -26.67
N ILE K 187 11.40 -36.16 -27.55
CA ILE K 187 11.23 -35.66 -28.91
C ILE K 187 11.84 -36.68 -29.88
N ASP K 188 11.50 -36.56 -31.16
CA ASP K 188 11.98 -37.49 -32.17
C ASP K 188 13.20 -37.02 -32.96
N LYS K 189 13.32 -35.71 -33.17
CA LYS K 189 14.45 -35.19 -33.91
C LYS K 189 14.78 -33.74 -33.57
N VAL K 190 16.03 -33.35 -33.81
CA VAL K 190 16.49 -31.98 -33.57
C VAL K 190 16.85 -31.39 -34.94
N LEU K 191 16.17 -30.31 -35.35
CA LEU K 191 16.45 -29.68 -36.63
C LEU K 191 17.86 -29.09 -36.66
N GLN K 192 18.81 -29.88 -37.14
CA GLN K 192 20.21 -29.47 -37.21
C GLN K 192 20.46 -28.19 -38.00
N ALA L 1 -4.10 -23.41 -8.27
CA ALA L 1 -4.41 -24.73 -8.89
C ALA L 1 -3.12 -25.51 -9.10
N ALA L 2 -3.22 -26.83 -9.10
CA ALA L 2 -2.06 -27.68 -9.31
C ALA L 2 -1.32 -27.23 -10.56
N ALA L 3 0.00 -27.24 -10.50
CA ALA L 3 0.77 -26.82 -11.65
C ALA L 3 2.02 -27.65 -11.81
N ALA L 4 2.53 -27.62 -13.03
CA ALA L 4 3.75 -28.32 -13.38
C ALA L 4 4.48 -27.26 -14.18
N ASP M 20 -11.63 -12.71 -35.61
CA ASP M 20 -11.69 -13.41 -34.30
C ASP M 20 -11.96 -14.90 -34.53
N ILE M 21 -11.26 -15.76 -33.77
CA ILE M 21 -11.43 -17.20 -33.93
C ILE M 21 -12.60 -17.76 -33.13
N TYR M 22 -12.97 -17.07 -32.06
CA TYR M 22 -14.09 -17.50 -31.25
C TYR M 22 -15.39 -17.25 -32.00
N SER M 23 -15.41 -16.17 -32.77
CA SER M 23 -16.58 -15.85 -33.57
C SER M 23 -16.74 -16.88 -34.67
N ARG M 24 -15.62 -17.33 -35.22
CA ARG M 24 -15.67 -18.32 -36.28
C ARG M 24 -16.25 -19.63 -35.73
N LEU M 25 -15.81 -20.02 -34.54
CA LEU M 25 -16.31 -21.24 -33.93
C LEU M 25 -17.80 -21.14 -33.61
N LEU M 26 -18.23 -19.95 -33.23
CA LEU M 26 -19.63 -19.73 -32.89
C LEU M 26 -20.47 -19.96 -34.16
N LYS M 27 -19.87 -19.70 -35.32
CA LYS M 27 -20.56 -19.91 -36.59
C LYS M 27 -20.85 -21.41 -36.73
N ASP M 28 -19.97 -22.24 -36.17
CA ASP M 28 -20.14 -23.69 -36.21
C ASP M 28 -20.94 -24.14 -34.98
N ARG M 29 -21.59 -23.19 -34.32
CA ARG M 29 -22.38 -23.48 -33.13
C ARG M 29 -21.56 -24.06 -31.98
N ILE M 30 -20.31 -23.61 -31.88
CA ILE M 30 -19.39 -24.04 -30.83
C ILE M 30 -19.16 -22.92 -29.83
N VAL M 31 -19.67 -23.10 -28.61
CA VAL M 31 -19.52 -22.11 -27.55
C VAL M 31 -18.48 -22.59 -26.57
N LEU M 32 -17.66 -21.67 -26.07
CA LEU M 32 -16.62 -22.02 -25.11
C LEU M 32 -16.82 -21.33 -23.77
N LEU M 33 -16.81 -22.12 -22.71
CA LEU M 33 -16.92 -21.59 -21.35
C LEU M 33 -15.60 -21.95 -20.70
N SER M 34 -14.75 -20.94 -20.53
CA SER M 34 -13.44 -21.14 -19.95
C SER M 34 -13.22 -20.26 -18.73
N GLY M 35 -12.69 -20.85 -17.66
CA GLY M 35 -12.44 -20.08 -16.46
C GLY M 35 -13.59 -20.05 -15.49
N GLU M 36 -13.48 -19.19 -14.48
CA GLU M 36 -14.52 -19.09 -13.48
C GLU M 36 -15.82 -18.48 -13.97
N ILE M 37 -16.89 -18.98 -13.37
CA ILE M 37 -18.24 -18.56 -13.70
C ILE M 37 -18.70 -17.42 -12.79
N ASN M 38 -19.08 -16.30 -13.41
CA ASN M 38 -19.60 -15.12 -12.71
C ASN M 38 -20.67 -14.52 -13.63
N ASP M 39 -21.31 -13.43 -13.21
CA ASP M 39 -22.36 -12.83 -14.04
C ASP M 39 -21.90 -12.36 -15.39
N SER M 40 -20.69 -11.78 -15.44
CA SER M 40 -20.15 -11.30 -16.69
C SER M 40 -19.99 -12.46 -17.67
N VAL M 41 -19.40 -13.56 -17.19
CA VAL M 41 -19.19 -14.75 -17.99
C VAL M 41 -20.51 -15.39 -18.40
N ALA M 42 -21.44 -15.48 -17.46
CA ALA M 42 -22.76 -16.06 -17.72
C ALA M 42 -23.51 -15.31 -18.81
N SER M 43 -23.51 -13.99 -18.73
CA SER M 43 -24.21 -13.19 -19.72
C SER M 43 -23.65 -13.43 -21.13
N SER M 44 -22.36 -13.71 -21.23
CA SER M 44 -21.77 -13.96 -22.53
C SER M 44 -22.29 -15.30 -23.03
N ILE M 45 -22.23 -16.33 -22.17
CA ILE M 45 -22.71 -17.64 -22.57
C ILE M 45 -24.20 -17.58 -22.92
N VAL M 46 -25.00 -16.98 -22.03
CA VAL M 46 -26.44 -16.85 -22.27
C VAL M 46 -26.70 -16.15 -23.60
N ALA M 47 -25.96 -15.08 -23.87
CA ALA M 47 -26.12 -14.32 -25.12
C ALA M 47 -25.81 -15.17 -26.36
N GLN M 48 -24.79 -16.02 -26.25
CA GLN M 48 -24.42 -16.88 -27.37
C GLN M 48 -25.46 -17.97 -27.60
N LEU M 49 -26.05 -18.47 -26.51
CA LEU M 49 -27.07 -19.50 -26.60
C LEU M 49 -28.33 -18.94 -27.27
N LEU M 50 -28.71 -17.72 -26.89
CA LEU M 50 -29.88 -17.07 -27.46
C LEU M 50 -29.62 -16.76 -28.93
N PHE M 51 -28.39 -16.32 -29.22
CA PHE M 51 -28.02 -16.01 -30.59
C PHE M 51 -28.12 -17.25 -31.48
N LEU M 52 -27.52 -18.36 -31.03
CA LEU M 52 -27.55 -19.60 -31.81
C LEU M 52 -28.97 -20.06 -32.10
N GLU M 53 -29.86 -19.90 -31.14
CA GLU M 53 -31.25 -20.30 -31.34
C GLU M 53 -31.91 -19.42 -32.39
N ALA M 54 -31.63 -18.12 -32.34
CA ALA M 54 -32.21 -17.19 -33.30
C ALA M 54 -31.65 -17.51 -34.68
N GLU M 55 -30.45 -18.07 -34.70
CA GLU M 55 -29.80 -18.42 -35.95
C GLU M 55 -30.40 -19.69 -36.53
N ASP M 56 -30.71 -20.66 -35.66
CA ASP M 56 -31.29 -21.93 -36.07
C ASP M 56 -31.71 -22.74 -34.84
N PRO M 57 -32.97 -22.62 -34.41
CA PRO M 57 -33.53 -23.32 -33.24
C PRO M 57 -33.68 -24.83 -33.38
N GLU M 58 -32.91 -25.43 -34.27
CA GLU M 58 -32.99 -26.87 -34.45
C GLU M 58 -31.64 -27.60 -34.36
N LYS M 59 -30.61 -27.00 -34.95
CA LYS M 59 -29.28 -27.62 -34.92
C LYS M 59 -28.73 -27.63 -33.50
N ASP M 60 -27.97 -28.67 -33.18
CA ASP M 60 -27.37 -28.81 -31.86
C ASP M 60 -26.32 -27.73 -31.65
N ILE M 61 -26.02 -27.47 -30.38
CA ILE M 61 -25.01 -26.49 -30.00
C ILE M 61 -23.97 -27.25 -29.21
N GLY M 62 -22.70 -26.86 -29.34
CA GLY M 62 -21.64 -27.51 -28.61
C GLY M 62 -21.06 -26.59 -27.55
N LEU M 63 -21.31 -26.88 -26.27
CA LEU M 63 -20.80 -26.05 -25.18
C LEU M 63 -19.59 -26.70 -24.51
N TYR M 64 -18.40 -26.41 -25.01
CA TYR M 64 -17.17 -26.94 -24.43
C TYR M 64 -16.90 -26.27 -23.10
N ILE M 65 -16.68 -27.08 -22.07
CA ILE M 65 -16.45 -26.54 -20.74
C ILE M 65 -15.13 -26.90 -20.08
N ASN M 66 -14.42 -25.86 -19.68
CA ASN M 66 -13.18 -26.00 -18.94
C ASN M 66 -13.34 -24.91 -17.89
N SER M 67 -13.78 -25.32 -16.71
CA SER M 67 -14.03 -24.38 -15.65
C SER M 67 -13.79 -24.94 -14.27
N PRO M 68 -13.28 -24.10 -13.34
CA PRO M 68 -12.99 -24.52 -11.97
C PRO M 68 -14.19 -24.20 -11.08
N GLY M 69 -15.23 -23.62 -11.68
CA GLY M 69 -16.44 -23.28 -10.95
C GLY M 69 -16.73 -21.80 -10.89
N GLY M 70 -17.61 -21.39 -9.98
CA GLY M 70 -17.95 -19.98 -9.83
C GLY M 70 -19.25 -19.68 -9.12
N VAL M 71 -19.78 -18.46 -9.33
CA VAL M 71 -21.01 -18.00 -8.71
C VAL M 71 -22.23 -18.88 -9.08
N ILE M 72 -22.90 -19.39 -8.06
CA ILE M 72 -24.05 -20.27 -8.26
C ILE M 72 -25.20 -19.70 -9.11
N THR M 73 -25.71 -18.54 -8.74
CA THR M 73 -26.79 -17.96 -9.52
C THR M 73 -26.37 -17.71 -10.97
N SER M 74 -25.08 -17.48 -11.19
CA SER M 74 -24.55 -17.25 -12.53
C SER M 74 -24.66 -18.56 -13.33
N GLY M 75 -24.32 -19.67 -12.67
CA GLY M 75 -24.38 -20.95 -13.35
C GLY M 75 -25.81 -21.36 -13.64
N LEU M 76 -26.69 -21.08 -12.68
CA LEU M 76 -28.09 -21.42 -12.83
C LEU M 76 -28.72 -20.73 -14.04
N SER M 77 -28.27 -19.51 -14.33
CA SER M 77 -28.83 -18.79 -15.47
C SER M 77 -28.40 -19.42 -16.80
N ILE M 78 -27.21 -20.00 -16.83
CA ILE M 78 -26.70 -20.66 -18.03
C ILE M 78 -27.49 -21.95 -18.21
N TYR M 79 -27.67 -22.65 -17.10
CA TYR M 79 -28.41 -23.92 -17.06
C TYR M 79 -29.85 -23.76 -17.49
N ASP M 80 -30.54 -22.75 -16.96
CA ASP M 80 -31.94 -22.52 -17.33
C ASP M 80 -32.04 -22.11 -18.78
N THR M 81 -31.08 -21.31 -19.25
CA THR M 81 -31.09 -20.87 -20.64
C THR M 81 -30.86 -22.05 -21.58
N MET M 82 -30.13 -23.07 -21.10
CA MET M 82 -29.87 -24.26 -21.91
C MET M 82 -31.17 -25.01 -22.16
N ASN M 83 -32.02 -25.08 -21.13
CA ASN M 83 -33.31 -25.77 -21.25
C ASN M 83 -34.43 -24.87 -21.77
N PHE M 84 -34.18 -23.56 -21.75
CA PHE M 84 -35.15 -22.57 -22.21
C PHE M 84 -35.21 -22.52 -23.74
N ILE M 85 -34.05 -22.51 -24.39
CA ILE M 85 -34.01 -22.48 -25.85
C ILE M 85 -34.38 -23.84 -26.41
N ARG M 86 -34.72 -23.86 -27.70
CA ARG M 86 -35.13 -25.07 -28.41
C ARG M 86 -34.01 -26.06 -28.70
N PRO M 87 -32.83 -25.59 -29.12
CA PRO M 87 -31.72 -26.49 -29.41
C PRO M 87 -31.23 -27.37 -28.26
N ASP M 88 -30.73 -28.54 -28.61
CA ASP M 88 -30.13 -29.47 -27.64
C ASP M 88 -28.76 -28.87 -27.42
N VAL M 89 -28.39 -28.61 -26.17
CA VAL M 89 -27.08 -28.07 -25.89
C VAL M 89 -26.21 -29.20 -25.36
N SER M 90 -25.35 -29.73 -26.20
CA SER M 90 -24.44 -30.79 -25.82
C SER M 90 -23.27 -30.18 -25.02
N THR M 91 -22.81 -30.90 -24.01
CA THR M 91 -21.71 -30.40 -23.19
C THR M 91 -20.47 -31.30 -23.34
N ILE M 92 -19.31 -30.67 -23.50
CA ILE M 92 -18.03 -31.37 -23.64
C ILE M 92 -17.02 -30.81 -22.64
N CYS M 93 -16.55 -31.66 -21.72
CA CYS M 93 -15.57 -31.22 -20.74
C CYS M 93 -14.13 -31.41 -21.22
N ILE M 94 -13.35 -30.34 -21.19
CA ILE M 94 -11.95 -30.37 -21.58
C ILE M 94 -11.18 -29.73 -20.44
N GLY M 95 -10.09 -30.38 -20.03
CA GLY M 95 -9.31 -29.85 -18.92
C GLY M 95 -10.00 -30.23 -17.64
N GLN M 96 -11.04 -29.51 -17.26
CA GLN M 96 -11.77 -29.84 -16.05
C GLN M 96 -13.15 -29.19 -16.00
N ALA M 97 -14.02 -29.82 -15.24
CA ALA M 97 -15.36 -29.30 -15.00
C ALA M 97 -15.49 -29.50 -13.50
N ALA M 98 -15.39 -28.42 -12.73
CA ALA M 98 -15.48 -28.56 -11.29
C ALA M 98 -16.62 -27.79 -10.65
N ALA M 99 -17.19 -28.39 -9.61
CA ALA M 99 -18.28 -27.78 -8.88
C ALA M 99 -19.33 -27.25 -9.83
N MET M 100 -19.47 -25.92 -9.90
CA MET M 100 -20.48 -25.33 -10.78
C MET M 100 -20.23 -25.69 -12.24
N GLY M 101 -18.97 -25.95 -12.58
CA GLY M 101 -18.63 -26.34 -13.94
C GLY M 101 -19.14 -27.73 -14.20
N ALA M 102 -18.96 -28.62 -13.23
CA ALA M 102 -19.42 -30.00 -13.36
C ALA M 102 -20.95 -29.98 -13.41
N PHE M 103 -21.56 -29.22 -12.51
CA PHE M 103 -23.01 -29.08 -12.44
C PHE M 103 -23.57 -28.81 -13.84
N LEU M 104 -23.01 -27.81 -14.51
CA LEU M 104 -23.44 -27.42 -15.84
C LEU M 104 -23.18 -28.53 -16.84
N LEU M 105 -22.00 -29.14 -16.75
CA LEU M 105 -21.63 -30.22 -17.63
C LEU M 105 -22.72 -31.28 -17.61
N SER M 106 -23.20 -31.59 -16.41
CA SER M 106 -24.24 -32.60 -16.21
C SER M 106 -25.62 -32.17 -16.70
N CYS M 107 -25.78 -30.87 -16.96
CA CYS M 107 -27.05 -30.33 -17.42
C CYS M 107 -27.26 -30.39 -18.94
N GLY M 108 -26.23 -30.78 -19.68
CA GLY M 108 -26.34 -30.86 -21.13
C GLY M 108 -27.42 -31.81 -21.58
N ALA M 109 -27.82 -31.70 -22.84
CA ALA M 109 -28.85 -32.57 -23.39
C ALA M 109 -28.54 -34.01 -23.01
N LYS M 110 -29.57 -34.78 -22.66
CA LYS M 110 -29.37 -36.17 -22.29
C LYS M 110 -28.88 -36.99 -23.47
N GLY M 111 -27.77 -37.69 -23.25
CA GLY M 111 -27.18 -38.50 -24.29
C GLY M 111 -26.09 -37.73 -25.03
N LYS M 112 -25.95 -36.45 -24.70
CA LYS M 112 -24.93 -35.64 -25.37
C LYS M 112 -23.97 -34.93 -24.40
N ARG M 113 -23.82 -35.48 -23.21
CA ARG M 113 -22.91 -34.92 -22.23
C ARG M 113 -21.63 -35.72 -22.40
N PHE M 114 -20.58 -35.04 -22.86
CA PHE M 114 -19.30 -35.68 -23.12
C PHE M 114 -18.12 -35.08 -22.34
N SER M 115 -16.99 -35.75 -22.46
CA SER M 115 -15.74 -35.32 -21.84
C SER M 115 -14.57 -35.97 -22.55
N LEU M 116 -13.44 -35.27 -22.61
CA LEU M 116 -12.27 -35.89 -23.23
C LEU M 116 -11.74 -36.80 -22.11
N PRO M 117 -10.96 -37.83 -22.47
CA PRO M 117 -10.43 -38.79 -21.50
C PRO M 117 -9.63 -38.37 -20.25
N HIS M 118 -8.86 -37.29 -20.33
CA HIS M 118 -8.07 -36.91 -19.17
C HIS M 118 -8.64 -35.76 -18.35
N SER M 119 -9.89 -35.42 -18.64
CA SER M 119 -10.55 -34.35 -17.91
C SER M 119 -10.78 -34.80 -16.47
N ARG M 120 -10.81 -33.85 -15.55
CA ARG M 120 -11.07 -34.22 -14.17
C ARG M 120 -12.38 -33.54 -13.73
N ILE M 121 -13.32 -34.33 -13.26
CA ILE M 121 -14.61 -33.80 -12.81
C ILE M 121 -14.63 -33.77 -11.29
N MET M 122 -15.25 -32.75 -10.73
CA MET M 122 -15.32 -32.60 -9.28
C MET M 122 -16.60 -31.90 -8.85
N ILE M 123 -17.24 -32.41 -7.78
CA ILE M 123 -18.45 -31.81 -7.25
C ILE M 123 -18.35 -31.56 -5.74
N HIS M 124 -18.96 -30.47 -5.28
CA HIS M 124 -18.95 -30.16 -3.85
C HIS M 124 -20.12 -29.24 -3.48
N GLN M 125 -20.32 -29.04 -2.18
CA GLN M 125 -21.38 -28.18 -1.70
C GLN M 125 -21.00 -26.73 -1.90
N PRO M 126 -21.98 -25.82 -1.84
CA PRO M 126 -21.70 -24.40 -2.03
C PRO M 126 -20.72 -23.84 -1.00
N LEU M 127 -20.13 -22.70 -1.32
CA LEU M 127 -19.18 -22.01 -0.44
C LEU M 127 -19.68 -20.57 -0.41
N GLY M 128 -19.46 -19.89 0.71
CA GLY M 128 -19.90 -18.51 0.80
C GLY M 128 -19.45 -17.77 2.03
N GLY M 129 -20.14 -16.68 2.34
CA GLY M 129 -19.81 -15.89 3.49
C GLY M 129 -20.92 -14.92 3.87
N ALA M 130 -21.14 -14.78 5.17
CA ALA M 130 -22.17 -13.89 5.67
C ALA M 130 -21.54 -13.01 6.74
N GLN M 131 -22.05 -11.79 6.89
CA GLN M 131 -21.50 -10.88 7.87
C GLN M 131 -22.58 -9.90 8.34
N GLY M 132 -22.52 -9.52 9.61
CA GLY M 132 -23.48 -8.59 10.16
C GLY M 132 -24.21 -9.10 11.39
N GLN M 133 -25.45 -8.65 11.55
CA GLN M 133 -26.28 -9.07 12.68
C GLN M 133 -26.61 -10.55 12.56
N ALA M 134 -26.77 -11.19 13.72
CA ALA M 134 -27.11 -12.60 13.77
C ALA M 134 -28.29 -12.91 12.87
N SER M 135 -29.27 -12.00 12.85
CA SER M 135 -30.45 -12.17 12.01
C SER M 135 -30.13 -12.26 10.53
N ASP M 136 -29.20 -11.45 10.06
CA ASP M 136 -28.83 -11.46 8.65
C ASP M 136 -28.01 -12.72 8.35
N ILE M 137 -27.10 -13.06 9.25
CA ILE M 137 -26.27 -14.24 9.08
C ILE M 137 -27.14 -15.47 8.92
N GLU M 138 -28.22 -15.54 9.70
CA GLU M 138 -29.12 -16.66 9.60
C GLU M 138 -29.85 -16.71 8.25
N ILE M 139 -30.31 -15.54 7.80
CA ILE M 139 -31.01 -15.45 6.52
C ILE M 139 -30.13 -15.93 5.38
N ILE M 140 -28.89 -15.46 5.35
CA ILE M 140 -27.95 -15.86 4.30
C ILE M 140 -27.62 -17.36 4.40
N SER M 141 -27.45 -17.84 5.63
CA SER M 141 -27.15 -19.25 5.87
C SER M 141 -28.28 -20.14 5.35
N ASN M 142 -29.52 -19.73 5.59
CA ASN M 142 -30.67 -20.51 5.12
C ASN M 142 -30.72 -20.46 3.60
N GLU M 143 -30.42 -19.29 3.03
CA GLU M 143 -30.42 -19.16 1.58
C GLU M 143 -29.32 -20.01 0.95
N ILE M 144 -28.14 -20.02 1.57
CA ILE M 144 -27.02 -20.79 1.05
C ILE M 144 -27.38 -22.27 1.14
N LEU M 145 -28.20 -22.62 2.13
CA LEU M 145 -28.63 -24.00 2.30
C LEU M 145 -29.72 -24.35 1.26
N ARG M 146 -30.51 -23.36 0.89
CA ARG M 146 -31.56 -23.58 -0.10
C ARG M 146 -30.86 -23.97 -1.40
N LEU M 147 -29.81 -23.25 -1.74
CA LEU M 147 -29.04 -23.51 -2.96
C LEU M 147 -28.32 -24.87 -2.88
N LYS M 148 -27.80 -25.20 -1.70
CA LYS M 148 -27.12 -26.47 -1.53
C LYS M 148 -28.07 -27.62 -1.89
N GLY M 149 -29.28 -27.57 -1.32
CA GLY M 149 -30.28 -28.60 -1.57
C GLY M 149 -30.77 -28.59 -3.01
N LEU M 150 -30.92 -27.39 -3.58
CA LEU M 150 -31.40 -27.26 -4.96
C LEU M 150 -30.41 -27.90 -5.93
N MET M 151 -29.11 -27.65 -5.71
CA MET M 151 -28.10 -28.22 -6.57
C MET M 151 -27.95 -29.73 -6.38
N ASN M 152 -28.09 -30.20 -5.13
CA ASN M 152 -27.99 -31.62 -4.87
C ASN M 152 -29.16 -32.37 -5.55
N SER M 153 -30.35 -31.77 -5.50
CA SER M 153 -31.52 -32.39 -6.12
C SER M 153 -31.38 -32.45 -7.63
N ILE M 154 -30.89 -31.37 -8.22
CA ILE M 154 -30.70 -31.29 -9.65
C ILE M 154 -29.58 -32.23 -10.08
N LEU M 155 -28.57 -32.38 -9.22
CA LEU M 155 -27.47 -33.29 -9.52
C LEU M 155 -27.98 -34.73 -9.48
N ALA M 156 -28.88 -35.01 -8.53
CA ALA M 156 -29.46 -36.34 -8.39
C ALA M 156 -30.25 -36.65 -9.66
N GLN M 157 -31.11 -35.74 -10.06
CA GLN M 157 -31.92 -35.93 -11.25
C GLN M 157 -31.05 -36.11 -12.49
N ASN M 158 -30.02 -35.28 -12.62
CA ASN M 158 -29.12 -35.35 -13.78
C ASN M 158 -28.29 -36.63 -13.89
N SER M 159 -27.85 -37.15 -12.75
CA SER M 159 -27.01 -38.35 -12.72
C SER M 159 -27.74 -39.67 -12.46
N GLY M 160 -28.94 -39.59 -11.89
CA GLY M 160 -29.69 -40.79 -11.60
C GLY M 160 -29.50 -41.26 -10.16
N GLN M 161 -28.54 -40.68 -9.45
CA GLN M 161 -28.27 -41.08 -8.05
C GLN M 161 -29.30 -40.48 -7.10
N SER M 162 -29.38 -41.03 -5.89
CA SER M 162 -30.32 -40.51 -4.91
C SER M 162 -29.79 -39.23 -4.28
N LEU M 163 -30.71 -38.39 -3.80
CA LEU M 163 -30.36 -37.15 -3.14
C LEU M 163 -29.40 -37.43 -1.99
N GLU M 164 -29.61 -38.56 -1.31
CA GLU M 164 -28.77 -38.96 -0.20
C GLU M 164 -27.32 -39.18 -0.66
N GLN M 165 -27.17 -39.91 -1.75
CA GLN M 165 -25.85 -40.21 -2.29
C GLN M 165 -25.11 -38.93 -2.71
N ILE M 166 -25.82 -38.01 -3.35
CA ILE M 166 -25.23 -36.75 -3.78
C ILE M 166 -24.82 -35.90 -2.56
N ALA M 167 -25.69 -35.88 -1.55
CA ALA M 167 -25.40 -35.12 -0.33
C ALA M 167 -24.16 -35.65 0.37
N LYS M 168 -24.04 -36.97 0.43
CA LYS M 168 -22.88 -37.58 1.07
C LYS M 168 -21.62 -37.27 0.26
N ASP M 169 -21.66 -37.55 -1.04
CA ASP M 169 -20.52 -37.33 -1.93
C ASP M 169 -20.07 -35.88 -2.11
N THR M 170 -20.94 -34.90 -1.85
CA THR M 170 -20.54 -33.50 -2.02
C THR M 170 -20.19 -32.77 -0.73
N ASP M 171 -20.16 -33.51 0.39
CA ASP M 171 -19.82 -32.92 1.67
C ASP M 171 -18.49 -32.18 1.53
N ARG M 172 -17.52 -32.83 0.90
CA ARG M 172 -16.22 -32.23 0.65
C ARG M 172 -15.89 -32.48 -0.81
N ASP M 173 -14.78 -31.92 -1.28
CA ASP M 173 -14.37 -32.09 -2.67
C ASP M 173 -14.34 -33.57 -3.07
N PHE M 174 -15.02 -33.88 -4.18
CA PHE M 174 -15.10 -35.23 -4.70
C PHE M 174 -14.58 -35.23 -6.14
N TYR M 175 -13.31 -35.56 -6.31
CA TYR M 175 -12.67 -35.62 -7.63
C TYR M 175 -12.83 -36.98 -8.27
N MET M 176 -12.97 -37.00 -9.59
CA MET M 176 -13.10 -38.24 -10.32
C MET M 176 -12.72 -38.02 -11.78
N SER M 177 -12.38 -39.11 -12.44
CA SER M 177 -11.99 -39.07 -13.84
C SER M 177 -13.24 -39.08 -14.70
N ALA M 178 -13.06 -38.85 -16.00
CA ALA M 178 -14.17 -38.84 -16.94
C ALA M 178 -14.90 -40.19 -16.87
N LYS M 179 -14.14 -41.28 -16.91
CA LYS M 179 -14.74 -42.60 -16.82
C LYS M 179 -15.57 -42.74 -15.54
N GLU M 180 -15.03 -42.24 -14.42
CA GLU M 180 -15.77 -42.34 -13.18
C GLU M 180 -17.02 -41.48 -13.26
N ALA M 181 -16.85 -40.25 -13.74
CA ALA M 181 -17.96 -39.32 -13.88
C ALA M 181 -19.06 -39.89 -14.77
N LYS M 182 -18.68 -40.64 -15.80
CA LYS M 182 -19.68 -41.23 -16.69
C LYS M 182 -20.41 -42.33 -15.93
N GLU M 183 -19.66 -43.12 -15.19
CA GLU M 183 -20.25 -44.20 -14.43
C GLU M 183 -21.09 -43.65 -13.29
N TYR M 184 -20.77 -42.43 -12.87
CA TYR M 184 -21.50 -41.78 -11.80
C TYR M 184 -22.83 -41.24 -12.34
N GLY M 185 -22.83 -40.89 -13.63
CA GLY M 185 -24.05 -40.37 -14.24
C GLY M 185 -23.97 -38.91 -14.64
N LEU M 186 -22.85 -38.24 -14.34
CA LEU M 186 -22.68 -36.83 -14.65
C LEU M 186 -22.52 -36.55 -16.15
N ILE M 187 -22.00 -37.52 -16.90
CA ILE M 187 -21.87 -37.38 -18.35
C ILE M 187 -22.30 -38.70 -18.98
N ASP M 188 -22.50 -38.69 -20.29
CA ASP M 188 -22.95 -39.87 -21.01
C ASP M 188 -21.83 -40.72 -21.60
N LYS M 189 -20.90 -40.08 -22.29
CA LYS M 189 -19.84 -40.81 -22.94
C LYS M 189 -18.46 -40.12 -22.89
N VAL M 190 -17.40 -40.92 -22.90
CA VAL M 190 -16.05 -40.38 -22.90
C VAL M 190 -15.45 -40.60 -24.29
N LEU M 191 -15.18 -39.50 -24.99
CA LEU M 191 -14.61 -39.59 -26.34
C LEU M 191 -13.19 -40.16 -26.26
N GLN M 192 -12.98 -41.29 -26.93
CA GLN M 192 -11.68 -41.95 -26.93
C GLN M 192 -10.59 -41.19 -27.68
N ALA N 1 -21.38 -13.38 -3.02
CA ALA N 1 -22.38 -14.33 -3.60
C ALA N 1 -21.95 -15.76 -3.35
N ALA N 2 -22.91 -16.66 -3.16
CA ALA N 2 -22.59 -18.06 -2.94
C ALA N 2 -21.94 -18.62 -4.21
N ALA N 3 -21.01 -19.55 -4.03
CA ALA N 3 -20.34 -20.15 -5.18
C ALA N 3 -20.13 -21.64 -4.98
N ALA N 4 -19.83 -22.32 -6.08
CA ALA N 4 -19.54 -23.75 -6.08
C ALA N 4 -18.37 -23.88 -7.02
N ASP O 20 7.99 12.62 36.73
CA ASP O 20 6.80 12.95 35.88
C ASP O 20 6.26 14.33 36.22
N ILE O 21 6.29 15.22 35.23
CA ILE O 21 5.83 16.59 35.41
C ILE O 21 4.33 16.69 35.71
N TYR O 22 3.54 15.87 35.02
CA TYR O 22 2.09 15.86 35.21
C TYR O 22 1.68 15.34 36.58
N SER O 23 2.34 14.29 37.01
CA SER O 23 2.07 13.69 38.32
C SER O 23 2.35 14.71 39.42
N ARG O 24 3.32 15.58 39.17
CA ARG O 24 3.69 16.60 40.13
C ARG O 24 2.58 17.64 40.22
N LEU O 25 2.10 18.09 39.06
CA LEU O 25 1.04 19.08 38.98
C LEU O 25 -0.27 18.52 39.57
N LEU O 26 -0.45 17.22 39.43
CA LEU O 26 -1.65 16.56 39.94
C LEU O 26 -1.64 16.71 41.46
N LYS O 27 -0.45 16.70 42.04
CA LYS O 27 -0.27 16.84 43.47
C LYS O 27 -0.82 18.20 43.92
N ASP O 28 -0.83 19.16 42.99
CA ASP O 28 -1.35 20.49 43.27
C ASP O 28 -2.81 20.60 42.81
N ARG O 29 -3.40 19.46 42.48
CA ARG O 29 -4.78 19.39 42.02
C ARG O 29 -5.00 20.03 40.66
N ILE O 30 -3.98 19.95 39.80
CA ILE O 30 -4.08 20.50 38.45
C ILE O 30 -4.18 19.35 37.48
N VAL O 31 -5.26 19.32 36.70
CA VAL O 31 -5.46 18.27 35.70
C VAL O 31 -5.38 18.86 34.30
N LEU O 32 -4.76 18.13 33.37
CA LEU O 32 -4.64 18.64 32.02
C LEU O 32 -5.32 17.82 30.94
N LEU O 33 -6.25 18.45 30.24
CA LEU O 33 -6.94 17.80 29.14
C LEU O 33 -6.46 18.50 27.86
N SER O 34 -5.58 17.81 27.16
CA SER O 34 -4.97 18.31 25.94
C SER O 34 -5.24 17.34 24.79
N GLY O 35 -5.56 17.89 23.61
CA GLY O 35 -5.81 17.05 22.44
C GLY O 35 -7.22 16.50 22.29
N GLU O 36 -7.41 15.68 21.25
CA GLU O 36 -8.69 15.05 20.94
C GLU O 36 -9.26 14.32 22.16
N ILE O 37 -10.58 14.39 22.30
CA ILE O 37 -11.27 13.73 23.40
C ILE O 37 -11.84 12.40 22.95
N ASN O 38 -11.45 11.34 23.63
CA ASN O 38 -11.93 10.00 23.31
C ASN O 38 -12.03 9.16 24.59
N ASP O 39 -12.50 7.92 24.47
CA ASP O 39 -12.65 7.06 25.63
C ASP O 39 -11.37 6.90 26.44
N SER O 40 -10.25 6.76 25.73
CA SER O 40 -8.94 6.60 26.36
C SER O 40 -8.61 7.83 27.20
N VAL O 41 -8.69 9.00 26.57
CA VAL O 41 -8.42 10.26 27.24
C VAL O 41 -9.40 10.51 28.37
N ALA O 42 -10.67 10.17 28.14
CA ALA O 42 -11.71 10.36 29.14
C ALA O 42 -11.48 9.53 30.40
N SER O 43 -11.08 8.28 30.23
CA SER O 43 -10.84 7.43 31.38
C SER O 43 -9.73 8.03 32.22
N SER O 44 -8.76 8.61 31.52
CA SER O 44 -7.62 9.24 32.18
C SER O 44 -8.04 10.43 33.02
N ILE O 45 -8.91 11.27 32.47
CA ILE O 45 -9.37 12.44 33.20
C ILE O 45 -10.37 12.03 34.29
N VAL O 46 -11.05 10.90 34.10
CA VAL O 46 -12.01 10.44 35.09
C VAL O 46 -11.24 9.91 36.30
N ALA O 47 -10.24 9.09 36.02
CA ALA O 47 -9.41 8.52 37.08
C ALA O 47 -8.76 9.63 37.90
N GLN O 48 -8.30 10.69 37.25
CA GLN O 48 -7.67 11.80 37.96
C GLN O 48 -8.66 12.59 38.82
N LEU O 49 -9.89 12.73 38.34
CA LEU O 49 -10.90 13.45 39.10
C LEU O 49 -11.27 12.65 40.33
N LEU O 50 -11.54 11.36 40.12
CA LEU O 50 -11.91 10.47 41.22
C LEU O 50 -10.77 10.42 42.23
N PHE O 51 -9.54 10.35 41.73
CA PHE O 51 -8.37 10.30 42.59
C PHE O 51 -8.28 11.56 43.45
N LEU O 52 -8.42 12.71 42.83
CA LEU O 52 -8.32 13.97 43.56
C LEU O 52 -9.38 14.08 44.65
N GLU O 53 -10.62 13.67 44.36
CA GLU O 53 -11.66 13.75 45.38
C GLU O 53 -11.22 12.89 46.57
N ALA O 54 -10.67 11.72 46.28
CA ALA O 54 -10.22 10.84 47.36
C ALA O 54 -9.20 11.57 48.23
N GLU O 55 -8.33 12.37 47.60
CA GLU O 55 -7.32 13.12 48.34
C GLU O 55 -7.91 14.27 49.16
N ASP O 56 -8.93 14.93 48.62
CA ASP O 56 -9.57 16.04 49.31
C ASP O 56 -10.87 16.40 48.59
N PRO O 57 -12.01 15.93 49.13
CA PRO O 57 -13.33 16.19 48.54
C PRO O 57 -13.80 17.63 48.66
N GLU O 58 -12.99 18.47 49.30
CA GLU O 58 -13.34 19.87 49.51
C GLU O 58 -12.55 20.82 48.59
N LYS O 59 -11.23 20.63 48.56
CA LYS O 59 -10.36 21.47 47.75
C LYS O 59 -10.81 21.55 46.29
N ASP O 60 -10.69 22.74 45.71
CA ASP O 60 -11.06 22.94 44.32
C ASP O 60 -10.10 22.14 43.45
N ILE O 61 -10.45 21.97 42.18
CA ILE O 61 -9.61 21.26 41.23
C ILE O 61 -9.50 22.14 39.99
N GLY O 62 -8.29 22.22 39.42
CA GLY O 62 -8.10 23.03 38.24
C GLY O 62 -7.97 22.19 36.98
N LEU O 63 -9.00 22.22 36.13
CA LEU O 63 -9.00 21.46 34.88
C LEU O 63 -8.62 22.37 33.69
N TYR O 64 -7.36 22.31 33.28
CA TYR O 64 -6.91 23.12 32.15
C TYR O 64 -7.31 22.41 30.86
N ILE O 65 -7.95 23.16 29.97
CA ILE O 65 -8.42 22.57 28.72
C ILE O 65 -7.86 23.16 27.46
N ASN O 66 -7.24 22.30 26.64
CA ASN O 66 -6.73 22.70 25.33
C ASN O 66 -7.09 21.50 24.47
N SER O 67 -8.29 21.56 23.89
CA SER O 67 -8.76 20.46 23.05
C SER O 67 -9.50 20.92 21.82
N PRO O 68 -9.41 20.15 20.72
CA PRO O 68 -10.11 20.51 19.48
C PRO O 68 -11.50 19.85 19.52
N GLY O 69 -11.74 19.08 20.58
CA GLY O 69 -13.01 18.40 20.73
C GLY O 69 -12.84 16.90 20.76
N GLY O 70 -13.90 16.17 20.41
CA GLY O 70 -13.82 14.72 20.43
C GLY O 70 -15.17 14.00 20.50
N VAL O 71 -15.11 12.73 20.88
CA VAL O 71 -16.30 11.90 21.01
C VAL O 71 -17.25 12.40 22.08
N ILE O 72 -18.53 12.52 21.72
CA ILE O 72 -19.53 13.02 22.65
C ILE O 72 -19.75 12.20 23.92
N THR O 73 -20.00 10.90 23.80
CA THR O 73 -20.21 10.11 25.02
C THR O 73 -19.01 10.23 25.94
N SER O 74 -17.82 10.25 25.35
CA SER O 74 -16.59 10.39 26.13
C SER O 74 -16.60 11.70 26.89
N GLY O 75 -16.96 12.78 26.19
CA GLY O 75 -17.02 14.08 26.84
C GLY O 75 -18.04 14.08 27.96
N LEU O 76 -19.19 13.44 27.73
CA LEU O 76 -20.24 13.37 28.75
C LEU O 76 -19.77 12.65 30.01
N SER O 77 -18.87 11.69 29.85
CA SER O 77 -18.38 10.93 31.00
C SER O 77 -17.56 11.83 31.93
N ILE O 78 -16.85 12.82 31.35
CA ILE O 78 -16.04 13.75 32.14
C ILE O 78 -16.95 14.77 32.81
N TYR O 79 -17.93 15.26 32.06
CA TYR O 79 -18.89 16.23 32.56
C TYR O 79 -19.64 15.67 33.77
N ASP O 80 -20.12 14.43 33.64
CA ASP O 80 -20.85 13.80 34.74
C ASP O 80 -19.95 13.58 35.95
N THR O 81 -18.71 13.16 35.72
CA THR O 81 -17.79 12.94 36.83
C THR O 81 -17.53 14.28 37.53
N MET O 82 -17.37 15.35 36.73
CA MET O 82 -17.12 16.67 37.30
C MET O 82 -18.21 17.01 38.32
N ASN O 83 -19.44 16.58 38.07
CA ASN O 83 -20.55 16.84 38.99
C ASN O 83 -20.85 15.66 39.91
N PHE O 84 -20.09 14.58 39.76
CA PHE O 84 -20.29 13.40 40.60
C PHE O 84 -19.47 13.58 41.87
N ILE O 85 -18.24 14.06 41.70
CA ILE O 85 -17.35 14.28 42.82
C ILE O 85 -17.74 15.56 43.57
N ARG O 86 -17.33 15.65 44.82
CA ARG O 86 -17.64 16.80 45.68
C ARG O 86 -16.87 18.08 45.37
N PRO O 87 -15.57 17.95 45.06
CA PRO O 87 -14.79 19.16 44.76
C PRO O 87 -15.33 19.98 43.59
N ASP O 88 -15.05 21.28 43.64
CA ASP O 88 -15.44 22.20 42.57
C ASP O 88 -14.39 21.98 41.50
N VAL O 89 -14.83 21.73 40.26
CA VAL O 89 -13.86 21.56 39.19
C VAL O 89 -13.90 22.84 38.37
N SER O 90 -12.85 23.65 38.56
CA SER O 90 -12.71 24.90 37.85
C SER O 90 -12.14 24.57 36.48
N THR O 91 -12.58 25.29 35.45
CA THR O 91 -12.05 25.04 34.12
C THR O 91 -11.28 26.27 33.64
N ILE O 92 -10.15 26.01 32.97
CA ILE O 92 -9.32 27.09 32.44
C ILE O 92 -8.95 26.76 31.01
N CYS O 93 -9.39 27.58 30.08
CA CYS O 93 -9.08 27.38 28.67
C CYS O 93 -7.78 28.08 28.25
N ILE O 94 -6.86 27.28 27.72
CA ILE O 94 -5.59 27.81 27.22
C ILE O 94 -5.48 27.26 25.79
N GLY O 95 -5.01 28.08 24.86
CA GLY O 95 -4.91 27.61 23.49
C GLY O 95 -6.29 27.55 22.89
N GLN O 96 -7.00 26.45 23.10
CA GLN O 96 -8.34 26.35 22.57
C GLN O 96 -9.26 25.35 23.25
N ALA O 97 -10.55 25.66 23.19
CA ALA O 97 -11.61 24.82 23.73
C ALA O 97 -12.64 24.83 22.60
N ALA O 98 -12.57 23.84 21.72
CA ALA O 98 -13.50 23.77 20.60
C ALA O 98 -14.49 22.62 20.72
N ALA O 99 -15.70 22.85 20.21
CA ALA O 99 -16.78 21.88 20.22
C ALA O 99 -16.95 21.21 21.59
N MET O 100 -16.66 19.91 21.70
CA MET O 100 -16.80 19.22 22.97
C MET O 100 -15.85 19.80 24.01
N GLY O 101 -14.77 20.42 23.55
CA GLY O 101 -13.84 21.07 24.45
C GLY O 101 -14.48 22.31 25.04
N ALA O 102 -15.20 23.06 24.21
CA ALA O 102 -15.88 24.27 24.67
C ALA O 102 -17.00 23.87 25.63
N PHE O 103 -17.66 22.75 25.31
CA PHE O 103 -18.73 22.21 26.13
C PHE O 103 -18.26 21.98 27.59
N LEU O 104 -17.12 21.30 27.74
CA LEU O 104 -16.59 21.00 29.07
C LEU O 104 -16.17 22.29 29.78
N LEU O 105 -15.59 23.21 29.02
CA LEU O 105 -15.17 24.49 29.60
C LEU O 105 -16.40 25.12 30.25
N SER O 106 -17.51 25.15 29.51
CA SER O 106 -18.75 25.75 30.02
C SER O 106 -19.32 25.03 31.23
N CYS O 107 -19.01 23.75 31.35
CA CYS O 107 -19.51 22.93 32.45
C CYS O 107 -18.75 23.13 33.77
N GLY O 108 -17.65 23.88 33.75
CA GLY O 108 -16.89 24.10 34.97
C GLY O 108 -17.76 24.68 36.08
N ALA O 109 -17.32 24.54 37.33
CA ALA O 109 -18.06 25.07 38.49
C ALA O 109 -18.46 26.52 38.23
N LYS O 110 -19.71 26.86 38.50
CA LYS O 110 -20.19 28.21 38.29
C LYS O 110 -19.30 29.27 38.93
N GLY O 111 -18.98 30.31 38.17
CA GLY O 111 -18.12 31.36 38.68
C GLY O 111 -16.66 31.00 38.63
N LYS O 112 -16.35 29.77 38.24
CA LYS O 112 -14.96 29.35 38.17
C LYS O 112 -14.52 28.83 36.80
N ARG O 113 -15.15 29.34 35.76
CA ARG O 113 -14.82 28.94 34.39
C ARG O 113 -13.95 30.07 33.81
N PHE O 114 -12.67 29.77 33.59
CA PHE O 114 -11.74 30.78 33.11
C PHE O 114 -11.08 30.50 31.76
N SER O 115 -10.41 31.53 31.25
CA SER O 115 -9.68 31.44 30.01
C SER O 115 -8.55 32.46 29.98
N LEU O 116 -7.47 32.13 29.28
CA LEU O 116 -6.38 33.06 29.15
C LEU O 116 -6.87 33.99 28.03
N PRO O 117 -6.33 35.20 27.94
CA PRO O 117 -6.74 36.19 26.92
C PRO O 117 -6.66 35.88 25.42
N HIS O 118 -5.82 34.93 25.02
CA HIS O 118 -5.72 34.66 23.59
C HIS O 118 -6.24 33.30 23.16
N SER O 119 -7.00 32.66 24.05
CA SER O 119 -7.57 31.37 23.75
C SER O 119 -8.76 31.57 22.82
N ARG O 120 -9.02 30.61 21.95
CA ARG O 120 -10.18 30.74 21.09
C ARG O 120 -11.13 29.66 21.55
N ILE O 121 -12.42 29.95 21.45
CA ILE O 121 -13.45 29.02 21.86
C ILE O 121 -14.45 28.84 20.72
N MET O 122 -14.81 27.60 20.42
CA MET O 122 -15.73 27.32 19.34
C MET O 122 -16.77 26.26 19.69
N ILE O 123 -18.00 26.48 19.24
CA ILE O 123 -19.07 25.53 19.49
C ILE O 123 -19.73 25.20 18.16
N HIS O 124 -20.21 23.98 18.04
CA HIS O 124 -20.91 23.54 16.85
C HIS O 124 -21.69 22.27 17.14
N GLN O 125 -22.56 21.89 16.22
CA GLN O 125 -23.38 20.71 16.38
C GLN O 125 -22.58 19.42 16.18
N PRO O 126 -23.12 18.29 16.65
CA PRO O 126 -22.48 16.98 16.53
C PRO O 126 -22.20 16.55 15.10
N LEU O 127 -21.23 15.67 14.95
CA LEU O 127 -20.84 15.15 13.66
C LEU O 127 -20.73 13.64 13.79
N GLY O 128 -21.02 12.93 12.72
CA GLY O 128 -20.95 11.48 12.77
C GLY O 128 -21.16 10.84 11.42
N GLY O 129 -21.50 9.55 11.45
CA GLY O 129 -21.74 8.80 10.24
C GLY O 129 -22.73 7.68 10.52
N ALA O 130 -23.47 7.28 9.49
CA ALA O 130 -24.45 6.22 9.59
C ALA O 130 -24.34 5.35 8.36
N GLN O 131 -24.20 4.05 8.58
CA GLN O 131 -24.06 3.11 7.48
C GLN O 131 -24.93 1.88 7.75
N GLY O 132 -25.64 1.41 6.71
CA GLY O 132 -26.49 0.25 6.87
C GLY O 132 -27.81 0.34 6.13
N GLN O 133 -28.85 -0.28 6.69
CA GLN O 133 -30.17 -0.25 6.09
C GLN O 133 -30.85 1.05 6.48
N ALA O 134 -31.88 1.43 5.71
CA ALA O 134 -32.63 2.65 6.00
C ALA O 134 -32.96 2.72 7.49
N SER O 135 -33.51 1.64 8.02
CA SER O 135 -33.87 1.54 9.43
C SER O 135 -32.75 1.90 10.40
N ASP O 136 -31.53 1.44 10.13
CA ASP O 136 -30.39 1.72 11.02
C ASP O 136 -29.93 3.16 10.92
N ILE O 137 -29.87 3.68 9.71
CA ILE O 137 -29.45 5.05 9.50
C ILE O 137 -30.41 5.98 10.22
N GLU O 138 -31.69 5.64 10.17
CA GLU O 138 -32.71 6.44 10.81
C GLU O 138 -32.51 6.41 12.33
N ILE O 139 -32.24 5.22 12.85
CA ILE O 139 -32.00 5.05 14.28
C ILE O 139 -30.77 5.82 14.74
N ILE O 140 -29.70 5.77 13.96
CA ILE O 140 -28.47 6.48 14.30
C ILE O 140 -28.69 7.97 14.17
N SER O 141 -29.43 8.34 13.14
CA SER O 141 -29.74 9.75 12.89
C SER O 141 -30.50 10.30 14.09
N ASN O 142 -31.56 9.61 14.52
CA ASN O 142 -32.33 10.08 15.68
C ASN O 142 -31.45 10.15 16.94
N GLU O 143 -30.49 9.24 17.03
CA GLU O 143 -29.60 9.22 18.19
C GLU O 143 -28.62 10.41 18.12
N ILE O 144 -28.14 10.76 16.93
CA ILE O 144 -27.22 11.88 16.85
C ILE O 144 -28.00 13.15 17.17
N LEU O 145 -29.28 13.18 16.76
CA LEU O 145 -30.14 14.33 17.03
C LEU O 145 -30.42 14.48 18.52
N ARG O 146 -30.68 13.35 19.18
CA ARG O 146 -30.95 13.39 20.62
C ARG O 146 -29.72 13.93 21.35
N LEU O 147 -28.53 13.49 20.93
CA LEU O 147 -27.29 13.95 21.54
C LEU O 147 -27.11 15.44 21.26
N LYS O 148 -27.54 15.85 20.07
CA LYS O 148 -27.47 17.25 19.66
C LYS O 148 -28.36 18.11 20.57
N GLY O 149 -29.60 17.68 20.78
CA GLY O 149 -30.50 18.43 21.64
C GLY O 149 -30.02 18.44 23.09
N LEU O 150 -29.41 17.35 23.53
CA LEU O 150 -28.90 17.26 24.89
C LEU O 150 -27.78 18.29 25.14
N MET O 151 -26.81 18.34 24.24
CA MET O 151 -25.67 19.25 24.35
C MET O 151 -26.11 20.70 24.26
N ASN O 152 -27.01 20.99 23.32
CA ASN O 152 -27.53 22.33 23.15
C ASN O 152 -28.28 22.75 24.41
N SER O 153 -28.94 21.78 25.03
CA SER O 153 -29.73 22.00 26.22
C SER O 153 -28.85 22.43 27.41
N ILE O 154 -27.75 21.71 27.60
CA ILE O 154 -26.82 22.02 28.67
C ILE O 154 -26.03 23.29 28.35
N LEU O 155 -25.61 23.40 27.10
CA LEU O 155 -24.86 24.56 26.65
C LEU O 155 -25.73 25.79 26.93
N ALA O 156 -27.03 25.66 26.73
CA ALA O 156 -27.98 26.75 26.97
C ALA O 156 -28.10 27.08 28.45
N GLN O 157 -28.22 26.04 29.26
CA GLN O 157 -28.33 26.22 30.69
C GLN O 157 -27.03 26.77 31.29
N ASN O 158 -25.90 26.37 30.72
CA ASN O 158 -24.58 26.82 31.20
C ASN O 158 -24.24 28.24 30.83
N SER O 159 -24.85 28.74 29.76
CA SER O 159 -24.55 30.07 29.26
C SER O 159 -25.62 31.13 29.47
N GLY O 160 -26.84 30.72 29.77
CA GLY O 160 -27.90 31.69 29.95
C GLY O 160 -28.50 32.05 28.61
N GLN O 161 -28.21 31.24 27.59
CA GLN O 161 -28.75 31.46 26.24
C GLN O 161 -30.02 30.62 26.13
N SER O 162 -30.89 30.96 25.18
CA SER O 162 -32.10 30.17 24.99
C SER O 162 -31.70 28.96 24.15
N LEU O 163 -32.46 27.89 24.27
CA LEU O 163 -32.19 26.67 23.51
C LEU O 163 -32.23 26.97 22.01
N GLU O 164 -33.20 27.77 21.61
CA GLU O 164 -33.35 28.13 20.21
C GLU O 164 -32.13 28.90 19.67
N GLN O 165 -31.55 29.77 20.50
CA GLN O 165 -30.39 30.55 20.08
C GLN O 165 -29.14 29.68 19.93
N ILE O 166 -28.93 28.75 20.86
CA ILE O 166 -27.79 27.84 20.81
C ILE O 166 -27.86 26.97 19.54
N ALA O 167 -29.06 26.54 19.19
CA ALA O 167 -29.25 25.69 18.01
C ALA O 167 -28.87 26.47 16.76
N LYS O 168 -29.18 27.76 16.75
CA LYS O 168 -28.85 28.55 15.58
C LYS O 168 -27.37 28.84 15.50
N ASP O 169 -26.76 29.17 16.63
CA ASP O 169 -25.35 29.49 16.64
C ASP O 169 -24.40 28.32 16.43
N THR O 170 -24.83 27.12 16.77
CA THR O 170 -23.95 25.96 16.58
C THR O 170 -24.22 25.23 15.26
N ASP O 171 -25.18 25.74 14.49
CA ASP O 171 -25.51 25.13 13.21
C ASP O 171 -24.23 24.85 12.42
N ARG O 172 -23.31 25.80 12.47
CA ARG O 172 -22.01 25.70 11.81
C ARG O 172 -20.92 26.16 12.80
N ASP O 173 -19.65 26.00 12.44
CA ASP O 173 -18.57 26.40 13.34
C ASP O 173 -18.72 27.86 13.75
N PHE O 174 -18.81 28.07 15.05
CA PHE O 174 -19.00 29.39 15.64
C PHE O 174 -17.78 29.72 16.52
N TYR O 175 -16.83 30.45 15.96
CA TYR O 175 -15.61 30.83 16.68
C TYR O 175 -15.71 32.10 17.52
N MET O 176 -15.10 32.05 18.70
CA MET O 176 -15.08 33.17 19.63
C MET O 176 -13.72 33.40 20.29
N SER O 177 -13.44 34.66 20.59
CA SER O 177 -12.22 35.02 21.29
C SER O 177 -12.57 34.72 22.75
N ALA O 178 -11.61 34.89 23.66
CA ALA O 178 -11.91 34.63 25.06
C ALA O 178 -12.92 35.67 25.54
N LYS O 179 -12.73 36.92 25.16
CA LYS O 179 -13.64 37.99 25.58
C LYS O 179 -15.07 37.70 25.15
N GLU O 180 -15.25 37.30 23.90
CA GLU O 180 -16.59 37.03 23.37
C GLU O 180 -17.26 35.80 23.97
N ALA O 181 -16.47 34.79 24.35
CA ALA O 181 -17.03 33.58 24.95
C ALA O 181 -17.51 33.92 26.35
N LYS O 182 -16.86 34.91 26.97
CA LYS O 182 -17.22 35.33 28.31
C LYS O 182 -18.52 36.13 28.20
N GLU O 183 -18.60 36.98 27.19
CA GLU O 183 -19.80 37.78 27.00
C GLU O 183 -20.94 36.86 26.57
N TYR O 184 -20.60 35.75 25.91
CA TYR O 184 -21.61 34.80 25.46
C TYR O 184 -22.15 33.97 26.64
N GLY O 185 -21.34 33.82 27.69
CA GLY O 185 -21.78 33.06 28.85
C GLY O 185 -21.14 31.69 29.06
N LEU O 186 -20.18 31.34 28.19
CA LEU O 186 -19.52 30.05 28.31
C LEU O 186 -18.48 30.01 29.43
N ILE O 187 -17.93 31.17 29.79
CA ILE O 187 -16.97 31.24 30.87
C ILE O 187 -17.32 32.45 31.74
N ASP O 188 -16.70 32.54 32.91
CA ASP O 188 -16.99 33.64 33.83
C ASP O 188 -15.98 34.77 33.84
N LYS O 189 -14.71 34.43 33.64
CA LYS O 189 -13.66 35.44 33.66
C LYS O 189 -12.49 35.13 32.74
N VAL O 190 -11.97 36.18 32.15
CA VAL O 190 -10.81 36.08 31.28
C VAL O 190 -9.67 36.59 32.14
N LEU O 191 -8.80 35.67 32.58
CA LEU O 191 -7.66 36.04 33.42
C LEU O 191 -6.70 36.94 32.64
N GLN O 192 -6.80 38.24 32.90
CA GLN O 192 -5.99 39.25 32.22
C GLN O 192 -4.50 39.20 32.60
N ALA P 1 -18.60 6.95 16.00
CA ALA P 1 -19.12 7.49 17.30
C ALA P 1 -19.36 8.99 17.14
N ALA P 2 -20.60 9.42 17.34
CA ALA P 2 -20.95 10.83 17.22
C ALA P 2 -19.89 11.70 17.91
N ALA P 3 -19.44 12.73 17.21
CA ALA P 3 -18.44 13.61 17.76
C ALA P 3 -18.82 15.08 17.64
N ALA P 4 -18.14 15.89 18.44
CA ALA P 4 -18.33 17.32 18.44
C ALA P 4 -16.92 17.85 18.58
N ASP Q 20 16.92 11.84 34.52
CA ASP Q 20 16.74 12.40 33.15
C ASP Q 20 17.60 13.64 32.97
N ILE Q 21 18.04 13.87 31.74
CA ILE Q 21 18.88 15.02 31.44
C ILE Q 21 18.09 16.33 31.51
N TYR Q 22 16.90 16.32 30.91
CA TYR Q 22 16.04 17.50 30.91
C TYR Q 22 15.56 17.78 32.31
N SER Q 23 15.35 16.71 33.09
CA SER Q 23 14.89 16.86 34.46
C SER Q 23 15.90 17.66 35.27
N ARG Q 24 17.17 17.38 35.03
CA ARG Q 24 18.24 18.07 35.74
C ARG Q 24 18.26 19.54 35.32
N LEU Q 25 18.12 19.78 34.02
CA LEU Q 25 18.12 21.15 33.51
C LEU Q 25 16.94 21.96 34.03
N LEU Q 26 15.82 21.29 34.21
CA LEU Q 26 14.62 21.94 34.71
C LEU Q 26 14.89 22.50 36.11
N LYS Q 27 15.70 21.79 36.89
CA LYS Q 27 16.06 22.25 38.24
C LYS Q 27 16.79 23.58 38.13
N ASP Q 28 17.35 23.83 36.95
CA ASP Q 28 18.08 25.07 36.67
C ASP Q 28 17.14 26.09 36.05
N ARG Q 29 15.87 25.73 35.96
CA ARG Q 29 14.85 26.60 35.38
C ARG Q 29 15.09 26.76 33.88
N ILE Q 30 15.59 25.70 33.27
CA ILE Q 30 15.87 25.71 31.84
C ILE Q 30 14.85 24.83 31.12
N VAL Q 31 14.20 25.40 30.12
CA VAL Q 31 13.20 24.67 29.36
C VAL Q 31 13.58 24.72 27.88
N LEU Q 32 13.43 23.59 27.21
CA LEU Q 32 13.76 23.50 25.80
C LEU Q 32 12.56 23.22 24.89
N LEU Q 33 12.27 24.16 24.02
CA LEU Q 33 11.19 23.97 23.04
C LEU Q 33 11.89 23.66 21.72
N SER Q 34 11.82 22.39 21.32
CA SER Q 34 12.47 21.93 20.11
C SER Q 34 11.52 21.23 19.12
N GLY Q 35 11.65 21.60 17.84
CA GLY Q 35 10.82 20.99 16.80
C GLY Q 35 9.44 21.59 16.61
N GLU Q 36 8.61 20.88 15.83
CA GLU Q 36 7.26 21.30 15.52
C GLU Q 36 6.42 21.56 16.76
N ILE Q 37 5.65 22.63 16.73
CA ILE Q 37 4.77 22.98 17.84
C ILE Q 37 3.36 22.46 17.59
N ASN Q 38 2.85 21.71 18.55
CA ASN Q 38 1.52 21.14 18.49
C ASN Q 38 1.02 21.03 19.93
N ASP Q 39 -0.13 20.39 20.13
CA ASP Q 39 -0.70 20.26 21.47
C ASP Q 39 0.14 19.45 22.44
N SER Q 40 0.73 18.36 21.98
CA SER Q 40 1.57 17.55 22.86
C SER Q 40 2.71 18.41 23.38
N VAL Q 41 3.49 18.98 22.46
CA VAL Q 41 4.61 19.81 22.85
C VAL Q 41 4.14 20.99 23.68
N ALA Q 42 3.06 21.63 23.25
CA ALA Q 42 2.52 22.79 23.97
C ALA Q 42 2.17 22.45 25.43
N SER Q 43 1.53 21.31 25.65
CA SER Q 43 1.15 20.90 26.99
C SER Q 43 2.39 20.65 27.85
N SER Q 44 3.40 20.05 27.24
CA SER Q 44 4.66 19.77 27.93
C SER Q 44 5.25 21.08 28.43
N ILE Q 45 5.39 22.05 27.53
CA ILE Q 45 5.96 23.35 27.90
C ILE Q 45 5.06 24.09 28.90
N VAL Q 46 3.75 24.01 28.71
CA VAL Q 46 2.82 24.68 29.62
C VAL Q 46 3.00 24.07 31.01
N ALA Q 47 3.01 22.75 31.05
CA ALA Q 47 3.17 22.00 32.28
C ALA Q 47 4.48 22.38 32.97
N GLN Q 48 5.56 22.50 32.21
CA GLN Q 48 6.86 22.86 32.78
C GLN Q 48 6.88 24.29 33.32
N LEU Q 49 6.22 25.23 32.65
CA LEU Q 49 6.21 26.60 33.15
C LEU Q 49 5.38 26.67 34.44
N LEU Q 50 4.27 25.94 34.49
CA LEU Q 50 3.43 25.92 35.68
C LEU Q 50 4.26 25.34 36.83
N PHE Q 51 4.94 24.22 36.57
CA PHE Q 51 5.79 23.57 37.55
C PHE Q 51 6.81 24.54 38.14
N LEU Q 52 7.60 25.17 37.28
CA LEU Q 52 8.62 26.12 37.74
C LEU Q 52 8.00 27.24 38.57
N GLU Q 53 6.82 27.69 38.15
CA GLU Q 53 6.10 28.73 38.88
C GLU Q 53 5.88 28.29 40.33
N ALA Q 54 5.46 27.04 40.50
CA ALA Q 54 5.20 26.49 41.83
C ALA Q 54 6.51 26.31 42.61
N GLU Q 55 7.57 25.96 41.90
CA GLU Q 55 8.87 25.75 42.53
C GLU Q 55 9.54 27.06 42.92
N ASP Q 56 9.07 28.16 42.34
CA ASP Q 56 9.63 29.47 42.64
C ASP Q 56 9.07 30.52 41.68
N PRO Q 57 8.15 31.36 42.16
CA PRO Q 57 7.53 32.40 41.33
C PRO Q 57 8.37 33.66 41.15
N GLU Q 58 9.62 33.64 41.59
CA GLU Q 58 10.48 34.83 41.47
C GLU Q 58 11.59 34.76 40.44
N LYS Q 59 12.38 33.69 40.46
CA LYS Q 59 13.50 33.55 39.54
C LYS Q 59 13.12 33.45 38.08
N ASP Q 60 13.97 34.00 37.22
CA ASP Q 60 13.73 33.96 35.78
C ASP Q 60 13.71 32.52 35.32
N ILE Q 61 13.11 32.29 34.15
CA ILE Q 61 13.06 30.98 33.55
C ILE Q 61 13.68 31.15 32.16
N GLY Q 62 14.46 30.15 31.73
CA GLY Q 62 15.08 30.23 30.43
C GLY Q 62 14.43 29.32 29.41
N LEU Q 63 13.72 29.91 28.46
CA LEU Q 63 13.06 29.14 27.41
C LEU Q 63 13.89 29.19 26.13
N TYR Q 64 14.68 28.16 25.90
CA TYR Q 64 15.51 28.08 24.71
C TYR Q 64 14.62 27.54 23.60
N ILE Q 65 14.57 28.26 22.49
CA ILE Q 65 13.73 27.90 21.37
C ILE Q 65 14.47 27.56 20.07
N ASN Q 66 14.14 26.39 19.54
CA ASN Q 66 14.70 25.90 18.29
C ASN Q 66 13.52 25.21 17.62
N SER Q 67 12.68 26.02 16.98
CA SER Q 67 11.48 25.50 16.33
C SER Q 67 11.21 26.04 14.93
N PRO Q 68 10.68 25.19 14.06
CA PRO Q 68 10.36 25.58 12.70
C PRO Q 68 8.95 26.18 12.66
N GLY Q 69 8.27 26.12 13.80
CA GLY Q 69 6.92 26.66 13.88
C GLY Q 69 5.88 25.62 14.29
N GLY Q 70 4.61 25.87 13.98
CA GLY Q 70 3.58 24.90 14.33
C GLY Q 70 2.16 25.42 14.44
N VAL Q 71 1.32 24.64 15.13
CA VAL Q 71 -0.08 25.00 15.29
C VAL Q 71 -0.21 26.30 16.08
N ILE Q 72 -1.07 27.19 15.59
CA ILE Q 72 -1.25 28.48 16.23
C ILE Q 72 -1.92 28.45 17.60
N THR Q 73 -3.06 27.78 17.75
CA THR Q 73 -3.67 27.76 19.07
C THR Q 73 -2.68 27.15 20.07
N SER Q 74 -1.91 26.16 19.63
CA SER Q 74 -0.91 25.51 20.50
C SER Q 74 0.11 26.55 20.97
N GLY Q 75 0.66 27.29 20.01
CA GLY Q 75 1.65 28.30 20.34
C GLY Q 75 1.12 29.38 21.26
N LEU Q 76 -0.14 29.77 21.09
CA LEU Q 76 -0.72 30.82 21.93
C LEU Q 76 -0.88 30.39 23.39
N SER Q 77 -1.16 29.11 23.63
CA SER Q 77 -1.32 28.63 24.99
C SER Q 77 0.00 28.82 25.74
N ILE Q 78 1.11 28.59 25.05
CA ILE Q 78 2.44 28.76 25.64
C ILE Q 78 2.62 30.23 25.97
N TYR Q 79 2.38 31.07 24.97
CA TYR Q 79 2.48 32.52 25.09
C TYR Q 79 1.66 33.05 26.25
N ASP Q 80 0.40 32.65 26.31
CA ASP Q 80 -0.47 33.08 27.38
C ASP Q 80 0.01 32.56 28.73
N THR Q 81 0.56 31.34 28.73
CA THR Q 81 1.05 30.79 29.97
C THR Q 81 2.27 31.55 30.47
N MET Q 82 3.08 32.05 29.53
CA MET Q 82 4.30 32.80 29.88
C MET Q 82 3.97 34.09 30.61
N ASN Q 83 2.80 34.65 30.33
CA ASN Q 83 2.40 35.89 30.97
C ASN Q 83 1.44 35.61 32.10
N PHE Q 84 0.96 34.37 32.16
CA PHE Q 84 0.04 33.95 33.19
C PHE Q 84 0.78 33.67 34.50
N ILE Q 85 1.99 33.12 34.39
CA ILE Q 85 2.80 32.81 35.57
C ILE Q 85 3.54 34.07 36.04
N ARG Q 86 4.04 34.05 37.27
CA ARG Q 86 4.74 35.19 37.85
C ARG Q 86 6.16 35.50 37.33
N PRO Q 87 7.04 34.49 37.28
CA PRO Q 87 8.40 34.73 36.81
C PRO Q 87 8.54 35.24 35.37
N ASP Q 88 9.69 35.88 35.10
CA ASP Q 88 9.98 36.38 33.77
C ASP Q 88 10.43 35.17 32.97
N VAL Q 89 9.93 35.05 31.75
CA VAL Q 89 10.32 33.93 30.91
C VAL Q 89 11.23 34.46 29.82
N SER Q 90 12.53 34.23 30.02
CA SER Q 90 13.56 34.66 29.08
C SER Q 90 13.54 33.72 27.89
N THR Q 91 13.71 34.26 26.69
CA THR Q 91 13.72 33.41 25.50
C THR Q 91 15.08 33.49 24.80
N ILE Q 92 15.59 32.33 24.43
CA ILE Q 92 16.86 32.24 23.74
C ILE Q 92 16.71 31.39 22.49
N CYS Q 93 16.93 32.00 21.33
CA CYS Q 93 16.82 31.28 20.07
C CYS Q 93 18.12 30.57 19.71
N ILE Q 94 18.01 29.27 19.46
CA ILE Q 94 19.17 28.46 19.09
C ILE Q 94 18.79 27.70 17.81
N GLY Q 95 19.69 27.69 16.84
CA GLY Q 95 19.40 27.01 15.60
C GLY Q 95 18.49 27.90 14.78
N GLN Q 96 17.21 27.91 15.13
CA GLN Q 96 16.24 28.73 14.41
C GLN Q 96 14.95 28.97 15.21
N ALA Q 97 14.26 30.05 14.87
CA ALA Q 97 12.98 30.39 15.49
C ALA Q 97 12.14 30.88 14.31
N ALA Q 98 11.35 29.97 13.74
CA ALA Q 98 10.55 30.31 12.57
C ALA Q 98 9.06 30.31 12.83
N ALA Q 99 8.38 31.33 12.31
CA ALA Q 99 6.94 31.50 12.43
C ALA Q 99 6.46 31.50 13.89
N MET Q 100 5.68 30.49 14.26
CA MET Q 100 5.18 30.40 15.63
C MET Q 100 6.37 30.38 16.61
N GLY Q 101 7.47 29.79 16.18
CA GLY Q 101 8.66 29.74 17.02
C GLY Q 101 9.22 31.14 17.21
N ALA Q 102 9.25 31.92 16.13
CA ALA Q 102 9.76 33.28 16.22
C ALA Q 102 8.78 34.15 17.02
N PHE Q 103 7.50 33.82 16.89
CA PHE Q 103 6.43 34.53 17.59
C PHE Q 103 6.64 34.42 19.11
N LEU Q 104 6.89 33.20 19.58
CA LEU Q 104 7.12 32.97 20.99
C LEU Q 104 8.38 33.68 21.45
N LEU Q 105 9.41 33.65 20.60
CA LEU Q 105 10.67 34.30 20.92
C LEU Q 105 10.38 35.76 21.23
N SER Q 106 9.71 36.44 20.32
CA SER Q 106 9.38 37.85 20.47
C SER Q 106 8.54 38.14 21.71
N CYS Q 107 7.86 37.13 22.23
CA CYS Q 107 7.00 37.27 23.41
C CYS Q 107 7.73 37.24 24.74
N GLY Q 108 8.99 36.82 24.73
CA GLY Q 108 9.77 36.74 25.96
C GLY Q 108 9.79 38.04 26.74
N ALA Q 109 10.17 37.95 28.02
CA ALA Q 109 10.24 39.13 28.88
C ALA Q 109 11.05 40.22 28.21
N LYS Q 110 10.50 41.41 28.09
CA LYS Q 110 11.21 42.50 27.45
C LYS Q 110 12.60 42.70 28.05
N GLY Q 111 13.59 42.85 27.18
CA GLY Q 111 14.96 43.02 27.65
C GLY Q 111 15.60 41.68 27.87
N LYS Q 112 14.81 40.61 27.83
CA LYS Q 112 15.34 39.28 28.02
C LYS Q 112 15.04 38.29 26.88
N ARG Q 113 15.04 38.79 25.65
CA ARG Q 113 14.83 37.98 24.47
C ARG Q 113 16.18 37.94 23.78
N PHE Q 114 16.78 36.75 23.73
CA PHE Q 114 18.10 36.58 23.16
C PHE Q 114 18.13 35.62 21.98
N SER Q 115 19.33 35.47 21.44
CA SER Q 115 19.57 34.58 20.32
C SER Q 115 21.07 34.37 20.17
N LEU Q 116 21.47 33.14 19.86
CA LEU Q 116 22.89 32.86 19.65
C LEU Q 116 23.22 33.47 18.28
N PRO Q 117 24.48 33.91 18.09
CA PRO Q 117 24.97 34.54 16.85
C PRO Q 117 24.61 33.95 15.48
N HIS Q 118 24.43 32.64 15.38
CA HIS Q 118 24.12 32.08 14.07
C HIS Q 118 22.69 31.54 13.89
N SER Q 119 21.83 31.84 14.85
CA SER Q 119 20.45 31.40 14.76
C SER Q 119 19.82 32.17 13.64
N ARG Q 120 18.74 31.64 13.09
CA ARG Q 120 18.03 32.34 12.03
C ARG Q 120 16.58 32.48 12.51
N ILE Q 121 15.99 33.63 12.25
CA ILE Q 121 14.62 33.93 12.66
C ILE Q 121 13.75 34.17 11.41
N MET Q 122 12.51 33.68 11.44
CA MET Q 122 11.62 33.86 10.30
C MET Q 122 10.18 34.09 10.72
N ILE Q 123 9.51 34.97 10.01
CA ILE Q 123 8.12 35.25 10.29
C ILE Q 123 7.29 35.24 9.00
N HIS Q 124 6.04 34.79 9.09
CA HIS Q 124 5.15 34.75 7.93
C HIS Q 124 3.69 34.61 8.39
N GLN Q 125 2.76 34.79 7.47
CA GLN Q 125 1.36 34.69 7.81
C GLN Q 125 0.94 33.23 8.07
N PRO Q 126 -0.27 33.02 8.61
CA PRO Q 126 -0.77 31.67 8.89
C PRO Q 126 -1.00 30.85 7.65
N LEU Q 127 -0.84 29.54 7.78
CA LEU Q 127 -1.09 28.62 6.68
C LEU Q 127 -2.14 27.65 7.20
N GLY Q 128 -2.96 27.12 6.29
CA GLY Q 128 -3.97 26.18 6.71
C GLY Q 128 -4.77 25.57 5.57
N GLY Q 129 -5.92 25.05 5.91
CA GLY Q 129 -6.77 24.42 4.93
C GLY Q 129 -8.22 24.43 5.37
N ALA Q 130 -9.10 24.37 4.39
CA ALA Q 130 -10.52 24.36 4.65
C ALA Q 130 -11.19 23.54 3.56
N GLN Q 131 -12.11 22.68 3.95
CA GLN Q 131 -12.83 21.87 2.99
C GLN Q 131 -14.27 21.78 3.45
N GLY Q 132 -15.18 21.62 2.49
CA GLY Q 132 -16.59 21.51 2.84
C GLY Q 132 -17.45 22.41 2.00
N GLN Q 133 -18.61 22.76 2.54
CA GLN Q 133 -19.55 23.64 1.86
C GLN Q 133 -18.97 25.05 1.81
N ALA Q 134 -19.44 25.85 0.85
CA ALA Q 134 -18.99 27.22 0.71
C ALA Q 134 -19.14 27.95 2.05
N SER Q 135 -20.25 27.68 2.75
CA SER Q 135 -20.53 28.29 4.04
C SER Q 135 -19.46 28.02 5.10
N ASP Q 136 -19.00 26.78 5.16
CA ASP Q 136 -17.98 26.39 6.13
C ASP Q 136 -16.61 26.92 5.73
N ILE Q 137 -16.32 26.89 4.44
CA ILE Q 137 -15.03 27.36 3.94
C ILE Q 137 -14.83 28.82 4.30
N GLU Q 138 -15.90 29.60 4.16
CA GLU Q 138 -15.86 31.02 4.46
C GLU Q 138 -15.60 31.25 5.95
N ILE Q 139 -16.31 30.50 6.79
CA ILE Q 139 -16.17 30.59 8.25
C ILE Q 139 -14.74 30.30 8.66
N ILE Q 140 -14.19 29.21 8.14
CA ILE Q 140 -12.83 28.81 8.43
C ILE Q 140 -11.87 29.89 7.94
N SER Q 141 -12.14 30.43 6.76
CA SER Q 141 -11.32 31.49 6.18
C SER Q 141 -11.30 32.69 7.12
N ASN Q 142 -12.48 33.07 7.59
CA ASN Q 142 -12.61 34.19 8.50
C ASN Q 142 -11.82 33.98 9.79
N GLU Q 143 -11.89 32.78 10.34
CA GLU Q 143 -11.18 32.48 11.58
C GLU Q 143 -9.65 32.52 11.38
N ILE Q 144 -9.15 31.96 10.29
CA ILE Q 144 -7.72 31.98 10.05
C ILE Q 144 -7.25 33.41 9.84
N LEU Q 145 -8.06 34.22 9.15
CA LEU Q 145 -7.70 35.61 8.96
C LEU Q 145 -7.71 36.31 10.33
N ARG Q 146 -8.58 35.86 11.22
CA ARG Q 146 -8.66 36.44 12.56
C ARG Q 146 -7.33 36.13 13.29
N LEU Q 147 -6.84 34.90 13.15
CA LEU Q 147 -5.59 34.52 13.77
C LEU Q 147 -4.42 35.27 13.12
N LYS Q 148 -4.57 35.61 11.84
CA LYS Q 148 -3.54 36.36 11.13
C LYS Q 148 -3.43 37.75 11.74
N GLY Q 149 -4.57 38.44 11.84
CA GLY Q 149 -4.57 39.77 12.43
C GLY Q 149 -4.11 39.75 13.87
N LEU Q 150 -4.49 38.73 14.62
CA LEU Q 150 -4.10 38.62 16.02
C LEU Q 150 -2.58 38.58 16.19
N MET Q 151 -1.93 37.69 15.47
CA MET Q 151 -0.48 37.57 15.55
C MET Q 151 0.25 38.81 15.05
N ASN Q 152 -0.15 39.32 13.89
CA ASN Q 152 0.49 40.51 13.37
C ASN Q 152 0.44 41.62 14.42
N SER Q 153 -0.73 41.78 15.04
CA SER Q 153 -0.93 42.79 16.06
C SER Q 153 0.09 42.64 17.18
N ILE Q 154 0.17 41.45 17.75
CA ILE Q 154 1.12 41.16 18.84
C ILE Q 154 2.57 41.30 18.37
N LEU Q 155 2.81 40.92 17.13
CA LEU Q 155 4.15 40.99 16.54
C LEU Q 155 4.59 42.44 16.45
N ALA Q 156 3.64 43.33 16.18
CA ALA Q 156 3.95 44.75 16.07
C ALA Q 156 4.23 45.27 17.47
N GLN Q 157 3.38 44.91 18.41
CA GLN Q 157 3.53 45.34 19.80
C GLN Q 157 4.85 44.85 20.40
N ASN Q 158 5.25 43.62 20.10
CA ASN Q 158 6.49 43.09 20.63
C ASN Q 158 7.75 43.65 19.98
N SER Q 159 7.67 43.92 18.67
CA SER Q 159 8.83 44.42 17.92
C SER Q 159 8.96 45.93 17.90
N GLY Q 160 7.83 46.62 17.96
CA GLY Q 160 7.85 48.06 17.90
C GLY Q 160 7.59 48.52 16.48
N GLN Q 161 7.25 47.57 15.61
CA GLN Q 161 6.95 47.89 14.20
C GLN Q 161 5.47 48.23 14.11
N SER Q 162 5.07 48.80 12.98
CA SER Q 162 3.68 49.15 12.77
C SER Q 162 2.96 47.92 12.19
N LEU Q 163 1.68 47.81 12.48
CA LEU Q 163 0.85 46.70 12.00
C LEU Q 163 0.98 46.55 10.48
N GLU Q 164 1.02 47.67 9.77
CA GLU Q 164 1.14 47.66 8.31
C GLU Q 164 2.50 47.14 7.88
N GLN Q 165 3.52 47.37 8.69
CA GLN Q 165 4.86 46.91 8.37
C GLN Q 165 4.93 45.40 8.58
N ILE Q 166 4.42 44.94 9.72
CA ILE Q 166 4.42 43.52 10.07
C ILE Q 166 3.64 42.77 8.98
N ALA Q 167 2.49 43.31 8.62
CA ALA Q 167 1.63 42.71 7.61
C ALA Q 167 2.33 42.60 6.24
N LYS Q 168 3.06 43.65 5.86
CA LYS Q 168 3.76 43.62 4.58
C LYS Q 168 4.87 42.59 4.65
N ASP Q 169 5.61 42.59 5.75
CA ASP Q 169 6.72 41.66 5.92
C ASP Q 169 6.37 40.19 6.11
N THR Q 170 5.21 39.87 6.69
CA THR Q 170 4.85 38.47 6.88
C THR Q 170 4.00 37.92 5.73
N ASP Q 171 3.86 38.70 4.66
CA ASP Q 171 3.08 38.26 3.52
C ASP Q 171 3.65 36.92 3.02
N ARG Q 172 4.97 36.87 2.89
CA ARG Q 172 5.65 35.64 2.45
C ARG Q 172 6.80 35.44 3.44
N ASP Q 173 7.46 34.29 3.38
CA ASP Q 173 8.56 34.04 4.33
C ASP Q 173 9.56 35.19 4.35
N PHE Q 174 9.89 35.63 5.57
CA PHE Q 174 10.81 36.72 5.80
C PHE Q 174 11.93 36.27 6.74
N TYR Q 175 13.02 35.80 6.15
CA TYR Q 175 14.17 35.31 6.89
C TYR Q 175 15.17 36.39 7.27
N MET Q 176 15.65 36.35 8.51
CA MET Q 176 16.62 37.31 8.95
C MET Q 176 17.62 36.67 9.89
N SER Q 177 18.76 37.33 10.04
CA SER Q 177 19.83 36.87 10.91
C SER Q 177 19.51 37.35 12.32
N ALA Q 178 20.20 36.80 13.29
CA ALA Q 178 20.01 37.18 14.68
C ALA Q 178 20.16 38.70 14.79
N LYS Q 179 21.27 39.24 14.27
CA LYS Q 179 21.50 40.68 14.33
C LYS Q 179 20.34 41.44 13.69
N GLU Q 180 19.81 40.90 12.60
CA GLU Q 180 18.69 41.53 11.90
C GLU Q 180 17.41 41.45 12.72
N ALA Q 181 17.23 40.37 13.47
CA ALA Q 181 16.04 40.22 14.29
C ALA Q 181 16.08 41.26 15.41
N LYS Q 182 17.29 41.62 15.85
CA LYS Q 182 17.46 42.61 16.90
C LYS Q 182 17.10 43.97 16.29
N GLU Q 183 17.64 44.24 15.10
CA GLU Q 183 17.35 45.48 14.41
C GLU Q 183 15.84 45.59 14.26
N TYR Q 184 15.20 44.48 13.90
CA TYR Q 184 13.75 44.43 13.70
C TYR Q 184 12.93 44.61 14.97
N GLY Q 185 13.47 44.17 16.11
CA GLY Q 185 12.74 44.33 17.36
C GLY Q 185 12.22 43.04 17.96
N LEU Q 186 12.45 41.93 17.27
CA LEU Q 186 12.00 40.64 17.75
C LEU Q 186 12.79 40.17 18.97
N ILE Q 187 14.06 40.55 19.03
CA ILE Q 187 14.89 40.17 20.17
C ILE Q 187 15.63 41.38 20.72
N ASP Q 188 16.17 41.23 21.93
CA ASP Q 188 16.89 42.32 22.58
C ASP Q 188 18.41 42.23 22.47
N LYS Q 189 18.95 41.03 22.42
CA LYS Q 189 20.39 40.89 22.36
C LYS Q 189 20.89 39.58 21.80
N VAL Q 190 21.99 39.67 21.04
CA VAL Q 190 22.61 38.50 20.44
C VAL Q 190 23.81 38.14 21.31
N LEU Q 191 23.68 37.06 22.08
CA LEU Q 191 24.76 36.60 22.96
C LEU Q 191 25.89 36.05 22.11
N GLN Q 192 26.96 36.82 21.95
CA GLN Q 192 28.08 36.39 21.13
C GLN Q 192 29.28 35.89 21.93
N ALA R 1 -5.19 22.93 13.54
CA ALA R 1 -5.79 23.70 12.41
C ALA R 1 -4.77 24.63 11.75
N ALA R 2 -5.07 25.92 11.77
CA ALA R 2 -4.19 26.93 11.19
C ALA R 2 -2.79 26.77 11.79
N ALA R 3 -1.78 26.95 10.95
CA ALA R 3 -0.41 26.84 11.42
C ALA R 3 0.41 28.05 10.99
N ALA R 4 1.52 28.27 11.69
CA ALA R 4 2.44 29.36 11.40
C ALA R 4 3.82 28.74 11.53
N ASP S 20 22.54 3.09 32.64
CA ASP S 20 22.63 3.47 31.20
C ASP S 20 24.09 3.72 30.83
N ILE S 21 24.58 2.98 29.84
CA ILE S 21 25.95 3.10 29.39
C ILE S 21 26.32 4.54 29.03
N TYR S 22 25.47 5.21 28.25
CA TYR S 22 25.69 6.58 27.83
C TYR S 22 25.70 7.57 28.99
N SER S 23 24.82 7.33 29.96
CA SER S 23 24.74 8.20 31.13
C SER S 23 26.04 8.10 31.91
N ARG S 24 26.63 6.91 31.91
CA ARG S 24 27.88 6.69 32.62
C ARG S 24 29.02 7.47 31.96
N LEU S 25 29.19 7.30 30.66
CA LEU S 25 30.24 8.01 29.92
C LEU S 25 30.02 9.52 30.02
N LEU S 26 28.76 9.93 30.09
CA LEU S 26 28.44 11.35 30.20
C LEU S 26 29.02 11.90 31.49
N LYS S 27 29.07 11.04 32.51
CA LYS S 27 29.61 11.40 33.81
C LYS S 27 31.12 11.70 33.68
N ASP S 28 31.72 11.32 32.56
CA ASP S 28 33.13 11.57 32.30
C ASP S 28 33.25 12.68 31.27
N ARG S 29 32.14 13.37 31.04
CA ARG S 29 32.06 14.48 30.09
C ARG S 29 32.28 14.03 28.64
N ILE S 30 31.74 12.86 28.34
CA ILE S 30 31.82 12.28 27.00
C ILE S 30 30.44 12.30 26.37
N VAL S 31 30.32 12.99 25.24
CA VAL S 31 29.05 13.09 24.52
C VAL S 31 29.19 12.47 23.13
N LEU S 32 28.31 11.53 22.81
CA LEU S 32 28.36 10.86 21.52
C LEU S 32 27.29 11.34 20.53
N LEU S 33 27.73 11.94 19.43
CA LEU S 33 26.81 12.40 18.39
C LEU S 33 26.90 11.35 17.30
N SER S 34 25.88 10.51 17.22
CA SER S 34 25.85 9.42 16.25
C SER S 34 24.61 9.47 15.36
N GLY S 35 24.79 9.22 14.06
CA GLY S 35 23.66 9.24 13.16
C GLY S 35 23.36 10.58 12.53
N GLU S 36 22.21 10.67 11.88
CA GLU S 36 21.81 11.91 11.21
C GLU S 36 21.45 13.03 12.19
N ILE S 37 21.87 14.23 11.84
CA ILE S 37 21.63 15.42 12.64
C ILE S 37 20.29 16.06 12.33
N ASN S 38 19.45 16.22 13.35
CA ASN S 38 18.14 16.85 13.21
C ASN S 38 17.79 17.51 14.55
N ASP S 39 16.68 18.24 14.58
CA ASP S 39 16.24 18.93 15.78
C ASP S 39 16.21 18.06 17.03
N SER S 40 15.73 16.83 16.87
CA SER S 40 15.63 15.89 17.95
C SER S 40 17.03 15.58 18.51
N VAL S 41 17.94 15.18 17.63
CA VAL S 41 19.31 14.85 18.03
C VAL S 41 19.99 16.09 18.58
N ALA S 42 19.73 17.22 17.92
CA ALA S 42 20.32 18.49 18.33
C ALA S 42 19.92 18.88 19.74
N SER S 43 18.63 18.88 20.05
CA SER S 43 18.18 19.26 21.38
C SER S 43 18.86 18.38 22.46
N SER S 44 19.09 17.13 22.12
CA SER S 44 19.74 16.19 23.02
C SER S 44 21.20 16.58 23.28
N ILE S 45 21.97 16.76 22.20
CA ILE S 45 23.38 17.14 22.32
C ILE S 45 23.50 18.46 23.07
N VAL S 46 22.58 19.37 22.79
CA VAL S 46 22.55 20.68 23.44
C VAL S 46 22.29 20.58 24.94
N ALA S 47 21.33 19.73 25.31
CA ALA S 47 21.00 19.54 26.73
C ALA S 47 22.21 18.97 27.46
N GLN S 48 22.86 17.97 26.84
CA GLN S 48 24.04 17.35 27.43
C GLN S 48 25.15 18.37 27.60
N LEU S 49 25.29 19.25 26.62
CA LEU S 49 26.31 20.29 26.68
C LEU S 49 26.04 21.23 27.83
N LEU S 50 24.82 21.75 27.90
CA LEU S 50 24.42 22.66 28.97
C LEU S 50 24.55 21.99 30.35
N PHE S 51 24.08 20.75 30.43
CA PHE S 51 24.16 19.98 31.66
C PHE S 51 25.61 19.90 32.15
N LEU S 52 26.50 19.46 31.25
CA LEU S 52 27.91 19.32 31.59
C LEU S 52 28.56 20.63 32.06
N GLU S 53 28.19 21.77 31.48
CA GLU S 53 28.81 23.01 31.92
C GLU S 53 28.19 23.45 33.25
N ALA S 54 27.00 22.96 33.55
CA ALA S 54 26.36 23.28 34.82
C ALA S 54 27.09 22.48 35.89
N GLU S 55 27.52 21.28 35.51
CA GLU S 55 28.25 20.40 36.42
C GLU S 55 29.64 20.97 36.71
N ASP S 56 30.32 21.42 35.66
CA ASP S 56 31.65 22.00 35.80
C ASP S 56 31.99 22.85 34.57
N PRO S 57 31.88 24.19 34.70
CA PRO S 57 32.17 25.10 33.59
C PRO S 57 33.64 25.17 33.19
N GLU S 58 34.50 24.48 33.92
CA GLU S 58 35.92 24.49 33.61
C GLU S 58 36.37 23.28 32.78
N LYS S 59 35.99 22.08 33.21
CA LYS S 59 36.38 20.86 32.53
C LYS S 59 36.02 20.77 31.04
N ASP S 60 36.94 20.17 30.29
CA ASP S 60 36.77 19.96 28.85
C ASP S 60 35.68 18.92 28.62
N ILE S 61 35.13 18.92 27.40
CA ILE S 61 34.10 17.98 27.03
C ILE S 61 34.57 17.23 25.80
N GLY S 62 34.25 15.93 25.74
CA GLY S 62 34.64 15.13 24.60
C GLY S 62 33.42 14.82 23.73
N LEU S 63 33.31 15.52 22.60
CA LEU S 63 32.21 15.32 21.66
C LEU S 63 32.63 14.39 20.54
N TYR S 64 32.30 13.11 20.65
CA TYR S 64 32.64 12.16 19.58
C TYR S 64 31.60 12.28 18.48
N ILE S 65 32.07 12.26 17.23
CA ILE S 65 31.21 12.43 16.09
C ILE S 65 31.26 11.34 15.03
N ASN S 66 30.10 10.75 14.75
CA ASN S 66 29.97 9.74 13.70
C ASN S 66 28.62 10.06 13.05
N SER S 67 28.65 11.00 12.12
CA SER S 67 27.43 11.43 11.46
C SER S 67 27.60 11.61 9.96
N PRO S 68 26.52 11.38 9.19
CA PRO S 68 26.50 11.52 7.74
C PRO S 68 26.04 12.93 7.38
N GLY S 69 25.71 13.71 8.42
CA GLY S 69 25.24 15.07 8.23
C GLY S 69 23.81 15.29 8.69
N GLY S 70 23.16 16.36 8.21
CA GLY S 70 21.79 16.62 8.61
C GLY S 70 21.25 18.02 8.38
N VAL S 71 20.23 18.38 9.15
CA VAL S 71 19.57 19.68 9.07
C VAL S 71 20.53 20.78 9.53
N ILE S 72 20.80 21.73 8.64
CA ILE S 72 21.74 22.82 8.92
C ILE S 72 21.48 23.64 10.19
N THR S 73 20.25 24.08 10.40
CA THR S 73 19.95 24.86 11.59
C THR S 73 20.10 24.00 12.85
N SER S 74 19.86 22.70 12.69
CA SER S 74 20.00 21.79 13.82
C SER S 74 21.49 21.76 14.18
N GLY S 75 22.33 21.76 13.15
CA GLY S 75 23.76 21.76 13.36
C GLY S 75 24.19 23.04 14.04
N LEU S 76 23.79 24.17 13.47
CA LEU S 76 24.15 25.48 14.01
C LEU S 76 23.77 25.68 15.46
N SER S 77 22.70 25.04 15.92
CA SER S 77 22.29 25.18 17.32
C SER S 77 23.34 24.50 18.19
N ILE S 78 23.93 23.42 17.68
CA ILE S 78 24.94 22.67 18.41
C ILE S 78 26.25 23.48 18.36
N TYR S 79 26.55 24.00 17.19
CA TYR S 79 27.74 24.81 17.00
C TYR S 79 27.72 26.04 17.90
N ASP S 80 26.62 26.78 17.92
CA ASP S 80 26.55 27.97 18.76
C ASP S 80 26.59 27.63 20.25
N THR S 81 25.99 26.51 20.61
CA THR S 81 26.00 26.09 22.00
C THR S 81 27.44 25.72 22.43
N MET S 82 28.19 25.11 21.51
CA MET S 82 29.56 24.71 21.78
C MET S 82 30.38 25.93 22.20
N ASN S 83 30.10 27.08 21.58
CA ASN S 83 30.81 28.31 21.88
C ASN S 83 30.10 29.14 22.97
N PHE S 84 28.84 28.80 23.22
CA PHE S 84 28.02 29.48 24.23
C PHE S 84 28.54 29.19 25.64
N ILE S 85 28.69 27.91 25.96
CA ILE S 85 29.16 27.49 27.27
C ILE S 85 30.64 27.81 27.43
N ARG S 86 31.16 27.67 28.65
CA ARG S 86 32.57 28.00 28.92
C ARG S 86 33.57 26.88 28.60
N PRO S 87 33.21 25.62 28.89
CA PRO S 87 34.14 24.54 28.59
C PRO S 87 34.53 24.46 27.12
N ASP S 88 35.74 23.99 26.85
CA ASP S 88 36.13 23.80 25.48
C ASP S 88 35.40 22.52 25.14
N VAL S 89 34.92 22.44 23.92
CA VAL S 89 34.24 21.24 23.47
C VAL S 89 35.20 20.60 22.49
N SER S 90 35.92 19.58 22.96
CA SER S 90 36.85 18.87 22.11
C SER S 90 36.05 17.97 21.17
N THR S 91 36.50 17.86 19.92
CA THR S 91 35.80 17.03 18.95
C THR S 91 36.70 15.89 18.49
N ILE S 92 36.12 14.70 18.44
CA ILE S 92 36.84 13.50 17.99
C ILE S 92 35.97 12.79 16.93
N CYS S 93 36.50 12.67 15.72
CA CYS S 93 35.78 12.01 14.66
C CYS S 93 36.06 10.52 14.64
N ILE S 94 34.98 9.72 14.67
CA ILE S 94 35.08 8.27 14.62
C ILE S 94 34.05 7.81 13.58
N GLY S 95 34.45 6.89 12.71
CA GLY S 95 33.58 6.43 11.65
C GLY S 95 33.67 7.46 10.53
N GLN S 96 32.84 8.48 10.61
CA GLN S 96 32.89 9.55 9.61
C GLN S 96 32.26 10.80 10.18
N ALA S 97 32.51 11.90 9.50
CA ALA S 97 31.94 13.20 9.84
C ALA S 97 31.76 13.79 8.46
N ALA S 98 30.54 13.68 7.94
CA ALA S 98 30.22 14.18 6.61
C ALA S 98 29.33 15.40 6.65
N ALA S 99 29.57 16.31 5.72
CA ALA S 99 28.81 17.54 5.58
C ALA S 99 28.64 18.23 6.94
N MET S 100 27.40 18.36 7.41
CA MET S 100 27.17 19.02 8.70
C MET S 100 28.00 18.42 9.83
N GLY S 101 28.26 17.11 9.74
CA GLY S 101 29.06 16.45 10.76
C GLY S 101 30.49 16.95 10.69
N ALA S 102 30.96 17.24 9.47
CA ALA S 102 32.31 17.72 9.28
C ALA S 102 32.38 19.17 9.75
N PHE S 103 31.26 19.87 9.62
CA PHE S 103 31.17 21.25 10.03
C PHE S 103 31.43 21.30 11.54
N LEU S 104 30.63 20.53 12.28
CA LEU S 104 30.73 20.48 13.73
C LEU S 104 32.10 20.03 14.23
N LEU S 105 32.69 19.06 13.54
CA LEU S 105 34.01 18.56 13.91
C LEU S 105 35.03 19.72 13.91
N SER S 106 35.00 20.52 12.83
CA SER S 106 35.91 21.66 12.68
C SER S 106 35.60 22.81 13.65
N CYS S 107 34.42 22.78 14.27
CA CYS S 107 34.05 23.84 15.21
C CYS S 107 34.57 23.58 16.61
N GLY S 108 35.19 22.42 16.81
CA GLY S 108 35.71 22.11 18.13
C GLY S 108 36.74 23.15 18.55
N ALA S 109 37.03 23.21 19.85
CA ALA S 109 38.00 24.18 20.35
C ALA S 109 39.35 24.01 19.63
N LYS S 110 39.96 25.13 19.21
CA LYS S 110 41.24 25.11 18.51
C LYS S 110 42.28 24.25 19.22
N GLY S 111 42.91 23.36 18.44
CA GLY S 111 43.91 22.47 19.00
C GLY S 111 43.33 21.23 19.65
N LYS S 112 42.01 21.11 19.66
CA LYS S 112 41.39 19.94 20.27
C LYS S 112 40.40 19.24 19.34
N ARG S 113 40.59 19.44 18.04
CA ARG S 113 39.75 18.80 17.03
C ARG S 113 40.53 17.57 16.58
N PHE S 114 39.97 16.39 16.88
CA PHE S 114 40.65 15.13 16.59
C PHE S 114 39.86 14.17 15.71
N SER S 115 40.54 13.08 15.35
CA SER S 115 39.97 12.02 14.54
C SER S 115 40.80 10.75 14.70
N LEU S 116 40.11 9.61 14.72
CA LEU S 116 40.79 8.35 14.83
C LEU S 116 41.38 8.06 13.45
N PRO S 117 42.32 7.11 13.38
CA PRO S 117 43.02 6.70 12.16
C PRO S 117 42.22 6.55 10.85
N HIS S 118 41.16 5.75 10.86
CA HIS S 118 40.45 5.52 9.61
C HIS S 118 39.11 6.22 9.40
N SER S 119 38.90 7.33 10.09
CA SER S 119 37.68 8.09 9.92
C SER S 119 37.77 8.82 8.59
N ARG S 120 36.64 9.07 7.96
CA ARG S 120 36.68 9.83 6.72
C ARG S 120 35.92 11.14 6.97
N ILE S 121 36.38 12.20 6.34
CA ILE S 121 35.75 13.50 6.48
C ILE S 121 35.32 13.95 5.09
N MET S 122 34.09 14.46 4.98
CA MET S 122 33.59 14.92 3.70
C MET S 122 32.82 16.23 3.87
N ILE S 123 33.06 17.17 2.96
CA ILE S 123 32.35 18.45 3.01
C ILE S 123 31.68 18.75 1.66
N HIS S 124 30.56 19.46 1.71
CA HIS S 124 29.84 19.82 0.50
C HIS S 124 28.86 20.95 0.78
N GLN S 125 28.33 21.54 -0.28
CA GLN S 125 27.37 22.63 -0.13
C GLN S 125 26.02 22.09 0.34
N PRO S 126 25.13 22.98 0.79
CA PRO S 126 23.81 22.56 1.26
C PRO S 126 22.91 21.90 0.21
N LEU S 127 22.07 20.99 0.68
CA LEU S 127 21.10 20.28 -0.15
C LEU S 127 19.74 20.76 0.36
N GLY S 128 18.71 20.66 -0.48
CA GLY S 128 17.40 21.08 -0.05
C GLY S 128 16.33 21.01 -1.13
N GLY S 129 15.20 21.67 -0.87
CA GLY S 129 14.12 21.69 -1.82
C GLY S 129 13.19 22.87 -1.65
N ALA S 130 12.41 23.17 -2.68
CA ALA S 130 11.46 24.27 -2.63
C ALA S 130 10.31 24.03 -3.59
N GLN S 131 9.10 24.31 -3.11
CA GLN S 131 7.90 24.16 -3.92
C GLN S 131 6.92 25.32 -3.71
N GLY S 132 6.03 25.52 -4.68
CA GLY S 132 5.05 26.58 -4.56
C GLY S 132 5.16 27.62 -5.67
N GLN S 133 4.78 28.86 -5.33
CA GLN S 133 4.84 29.96 -6.28
C GLN S 133 6.27 30.41 -6.55
N ALA S 134 6.51 30.88 -7.77
CA ALA S 134 7.84 31.34 -8.14
C ALA S 134 8.41 32.24 -7.04
N SER S 135 7.56 33.08 -6.46
CA SER S 135 7.99 33.99 -5.40
C SER S 135 8.58 33.27 -4.20
N ASP S 136 7.86 32.25 -3.73
CA ASP S 136 8.30 31.46 -2.60
C ASP S 136 9.59 30.71 -2.91
N ILE S 137 9.65 30.14 -4.11
CA ILE S 137 10.82 29.39 -4.52
C ILE S 137 12.07 30.28 -4.53
N GLU S 138 11.91 31.55 -4.86
CA GLU S 138 13.05 32.46 -4.87
C GLU S 138 13.48 32.79 -3.44
N ILE S 139 12.51 33.00 -2.56
CA ILE S 139 12.83 33.31 -1.17
C ILE S 139 13.55 32.14 -0.54
N ILE S 140 13.08 30.92 -0.81
CA ILE S 140 13.69 29.72 -0.26
C ILE S 140 15.10 29.54 -0.83
N SER S 141 15.23 29.75 -2.14
CA SER S 141 16.52 29.63 -2.80
C SER S 141 17.54 30.58 -2.17
N ASN S 142 17.16 31.85 -2.04
CA ASN S 142 18.07 32.83 -1.46
C ASN S 142 18.48 32.46 -0.04
N GLU S 143 17.54 31.90 0.72
CA GLU S 143 17.84 31.51 2.09
C GLU S 143 18.88 30.37 2.13
N ILE S 144 18.75 29.39 1.24
CA ILE S 144 19.70 28.31 1.23
C ILE S 144 21.07 28.82 0.79
N LEU S 145 21.07 29.78 -0.14
CA LEU S 145 22.32 30.36 -0.60
C LEU S 145 22.98 31.12 0.53
N ARG S 146 22.16 31.69 1.40
CA ARG S 146 22.65 32.45 2.55
C ARG S 146 23.34 31.46 3.48
N LEU S 147 22.69 30.33 3.72
CA LEU S 147 23.24 29.28 4.57
C LEU S 147 24.50 28.67 3.95
N LYS S 148 24.53 28.65 2.61
CA LYS S 148 25.67 28.11 1.88
C LYS S 148 26.88 28.97 2.20
N GLY S 149 26.74 30.27 1.96
CA GLY S 149 27.81 31.22 2.22
C GLY S 149 28.25 31.21 3.69
N LEU S 150 27.28 31.10 4.61
CA LEU S 150 27.59 31.07 6.04
C LEU S 150 28.47 29.85 6.35
N MET S 151 28.13 28.71 5.76
CA MET S 151 28.88 27.48 5.97
C MET S 151 30.28 27.65 5.41
N ASN S 152 30.35 28.09 4.15
CA ASN S 152 31.63 28.29 3.52
C ASN S 152 32.54 29.21 4.33
N SER S 153 32.02 30.33 4.78
CA SER S 153 32.83 31.27 5.54
C SER S 153 33.35 30.69 6.86
N ILE S 154 32.47 30.09 7.67
CA ILE S 154 32.89 29.52 8.94
C ILE S 154 33.86 28.36 8.73
N LEU S 155 33.74 27.72 7.57
CA LEU S 155 34.60 26.60 7.20
C LEU S 155 35.99 27.14 6.81
N ALA S 156 35.98 28.27 6.11
CA ALA S 156 37.21 28.90 5.68
C ALA S 156 37.97 29.37 6.93
N GLN S 157 37.21 29.83 7.92
CA GLN S 157 37.79 30.32 9.16
C GLN S 157 38.37 29.20 10.04
N ASN S 158 37.67 28.08 10.14
CA ASN S 158 38.14 26.98 10.96
C ASN S 158 39.34 26.20 10.39
N SER S 159 39.50 26.24 9.07
CA SER S 159 40.58 25.48 8.42
C SER S 159 41.80 26.27 7.97
N GLY S 160 41.63 27.56 7.76
CA GLY S 160 42.75 28.36 7.30
C GLY S 160 42.66 28.54 5.80
N GLN S 161 41.78 27.79 5.16
CA GLN S 161 41.60 27.90 3.73
C GLN S 161 40.85 29.20 3.44
N SER S 162 40.94 29.67 2.21
CA SER S 162 40.26 30.90 1.84
C SER S 162 38.83 30.52 1.46
N LEU S 163 37.94 31.51 1.48
CA LEU S 163 36.55 31.29 1.12
C LEU S 163 36.57 30.69 -0.26
N GLU S 164 37.51 31.15 -1.08
CA GLU S 164 37.65 30.68 -2.44
C GLU S 164 37.91 29.18 -2.52
N GLN S 165 38.83 28.68 -1.73
CA GLN S 165 39.11 27.24 -1.75
C GLN S 165 37.88 26.45 -1.28
N ILE S 166 37.31 26.83 -0.14
CA ILE S 166 36.14 26.16 0.40
C ILE S 166 35.01 26.07 -0.64
N ALA S 167 34.67 27.21 -1.23
CA ALA S 167 33.61 27.28 -2.23
C ALA S 167 33.88 26.32 -3.37
N LYS S 168 35.13 26.26 -3.79
CA LYS S 168 35.51 25.37 -4.89
C LYS S 168 35.44 23.90 -4.45
N ASP S 169 36.05 23.60 -3.30
CA ASP S 169 36.09 22.23 -2.80
C ASP S 169 34.74 21.65 -2.36
N THR S 170 33.81 22.48 -1.91
CA THR S 170 32.51 21.98 -1.46
C THR S 170 31.44 22.03 -2.53
N ASP S 171 31.82 22.37 -3.76
CA ASP S 171 30.86 22.42 -4.84
C ASP S 171 30.21 21.04 -5.01
N ARG S 172 30.99 20.00 -4.75
CA ARG S 172 30.54 18.61 -4.84
C ARG S 172 31.16 17.85 -3.68
N ASP S 173 30.64 16.66 -3.38
CA ASP S 173 31.15 15.86 -2.27
C ASP S 173 32.68 15.84 -2.33
N PHE S 174 33.29 16.24 -1.21
CA PHE S 174 34.74 16.29 -1.07
C PHE S 174 35.16 15.33 0.05
N TYR S 175 35.54 14.11 -0.33
CA TYR S 175 35.94 13.10 0.65
C TYR S 175 37.44 13.15 0.93
N MET S 176 37.82 12.83 2.17
CA MET S 176 39.22 12.80 2.54
C MET S 176 39.48 12.04 3.84
N SER S 177 40.65 11.42 3.92
CA SER S 177 41.04 10.67 5.10
C SER S 177 41.37 11.62 6.26
N ALA S 178 41.53 11.08 7.47
CA ALA S 178 41.86 11.90 8.63
C ALA S 178 43.14 12.70 8.40
N LYS S 179 44.16 12.04 7.83
CA LYS S 179 45.41 12.71 7.53
C LYS S 179 45.16 13.94 6.67
N GLU S 180 44.53 13.73 5.52
CA GLU S 180 44.21 14.82 4.61
C GLU S 180 43.41 15.91 5.30
N ALA S 181 42.47 15.51 6.14
CA ALA S 181 41.65 16.48 6.86
C ALA S 181 42.54 17.30 7.79
N LYS S 182 43.69 16.72 8.18
CA LYS S 182 44.62 17.41 9.05
C LYS S 182 45.37 18.44 8.19
N GLU S 183 45.81 18.02 7.01
CA GLU S 183 46.51 18.90 6.10
C GLU S 183 45.61 20.05 5.69
N TYR S 184 44.32 19.74 5.51
CA TYR S 184 43.34 20.74 5.09
C TYR S 184 43.02 21.76 6.18
N GLY S 185 43.16 21.36 7.45
CA GLY S 185 42.90 22.26 8.56
C GLY S 185 41.57 22.04 9.26
N LEU S 186 40.81 21.02 8.86
CA LEU S 186 39.52 20.75 9.50
C LEU S 186 39.77 20.22 10.91
N ILE S 187 40.84 19.44 11.09
CA ILE S 187 41.19 18.95 12.41
C ILE S 187 42.66 19.26 12.69
N ASP S 188 43.03 19.22 13.96
CA ASP S 188 44.38 19.52 14.39
C ASP S 188 45.31 18.31 14.46
N LYS S 189 44.78 17.18 14.91
CA LYS S 189 45.60 15.97 15.05
C LYS S 189 44.81 14.67 14.90
N VAL S 190 45.50 13.62 14.48
CA VAL S 190 44.91 12.32 14.33
C VAL S 190 45.36 11.46 15.53
N LEU S 191 44.48 11.28 16.51
CA LEU S 191 44.80 10.46 17.69
C LEU S 191 45.09 9.05 17.21
N GLN S 192 46.37 8.69 17.17
CA GLN S 192 46.75 7.37 16.70
C GLN S 192 47.44 6.56 17.78
N ALA T 1 14.50 21.55 6.89
CA ALA T 1 14.61 22.09 5.50
C ALA T 1 16.02 21.90 4.94
N ALA T 2 16.73 22.99 4.72
CA ALA T 2 18.08 22.92 4.19
C ALA T 2 18.94 21.97 5.03
N ALA T 3 19.66 21.09 4.34
CA ALA T 3 20.51 20.12 5.01
C ALA T 3 21.90 20.07 4.37
N ALA T 4 22.85 19.57 5.14
CA ALA T 4 24.22 19.40 4.69
C ALA T 4 24.59 17.98 5.06
N ASP U 20 19.68 -7.10 33.71
CA ASP U 20 20.00 -7.35 32.27
C ASP U 20 21.11 -8.38 32.11
N ILE U 21 20.89 -9.35 31.24
CA ILE U 21 21.88 -10.40 31.00
C ILE U 21 23.13 -9.80 30.32
N TYR U 22 22.91 -8.96 29.31
CA TYR U 22 24.01 -8.34 28.58
C TYR U 22 24.83 -7.41 29.46
N SER U 23 24.20 -6.86 30.49
CA SER U 23 24.87 -5.96 31.41
C SER U 23 25.67 -6.80 32.39
N ARG U 24 25.12 -7.96 32.72
CA ARG U 24 25.75 -8.91 33.61
C ARG U 24 27.12 -9.28 33.02
N LEU U 25 27.11 -9.64 31.74
CA LEU U 25 28.33 -10.02 31.04
C LEU U 25 29.29 -8.86 30.89
N LEU U 26 28.76 -7.65 30.79
CA LEU U 26 29.60 -6.48 30.65
C LEU U 26 30.49 -6.42 31.89
N LYS U 27 29.92 -6.79 33.03
CA LYS U 27 30.64 -6.80 34.30
C LYS U 27 31.89 -7.67 34.20
N ASP U 28 31.85 -8.66 33.30
CA ASP U 28 32.97 -9.57 33.10
C ASP U 28 33.82 -9.14 31.90
N ARG U 29 33.52 -7.96 31.39
CA ARG U 29 34.24 -7.38 30.25
C ARG U 29 33.96 -8.16 28.96
N ILE U 30 32.71 -8.55 28.78
CA ILE U 30 32.28 -9.29 27.60
C ILE U 30 31.31 -8.47 26.77
N VAL U 31 31.72 -8.16 25.54
CA VAL U 31 30.89 -7.38 24.63
C VAL U 31 30.40 -8.29 23.51
N LEU U 32 29.11 -8.20 23.21
CA LEU U 32 28.52 -9.00 22.14
C LEU U 32 28.14 -8.21 20.90
N LEU U 33 28.88 -8.40 19.82
CA LEU U 33 28.54 -7.72 18.56
C LEU U 33 27.70 -8.75 17.80
N SER U 34 26.39 -8.53 17.75
CA SER U 34 25.49 -9.44 17.06
C SER U 34 24.65 -8.72 16.01
N GLY U 35 24.44 -9.36 14.86
CA GLY U 35 23.63 -8.78 13.81
C GLY U 35 24.34 -7.81 12.86
N GLU U 36 23.54 -7.08 12.09
CA GLU U 36 24.03 -6.10 11.12
C GLU U 36 24.79 -4.96 11.79
N ILE U 37 25.80 -4.47 11.09
CA ILE U 37 26.61 -3.37 11.58
C ILE U 37 26.16 -2.06 10.93
N ASN U 38 25.83 -1.07 11.76
CA ASN U 38 25.41 0.24 11.29
C ASN U 38 25.81 1.24 12.36
N ASP U 39 25.54 2.52 12.13
CA ASP U 39 25.90 3.57 13.08
C ASP U 39 25.35 3.36 14.49
N SER U 40 24.11 2.90 14.57
CA SER U 40 23.47 2.65 15.86
C SER U 40 24.22 1.56 16.65
N VAL U 41 24.46 0.44 15.99
CA VAL U 41 25.17 -0.66 16.61
C VAL U 41 26.59 -0.25 17.00
N ALA U 42 27.27 0.44 16.09
CA ALA U 42 28.64 0.89 16.33
C ALA U 42 28.75 1.78 17.57
N SER U 43 27.84 2.74 17.69
CA SER U 43 27.85 3.64 18.83
C SER U 43 27.77 2.83 20.12
N SER U 44 26.89 1.83 20.12
CA SER U 44 26.70 0.97 21.28
C SER U 44 27.99 0.25 21.68
N ILE U 45 28.68 -0.33 20.70
CA ILE U 45 29.92 -1.07 20.97
C ILE U 45 31.00 -0.11 21.46
N VAL U 46 31.13 1.02 20.78
CA VAL U 46 32.10 2.03 21.14
C VAL U 46 31.85 2.50 22.57
N ALA U 47 30.58 2.64 22.93
CA ALA U 47 30.23 3.07 24.29
C ALA U 47 30.66 2.00 25.30
N GLN U 48 30.38 0.75 24.96
CA GLN U 48 30.73 -0.36 25.85
C GLN U 48 32.24 -0.50 26.00
N LEU U 49 32.98 -0.27 24.92
CA LEU U 49 34.44 -0.37 24.95
C LEU U 49 35.04 0.74 25.83
N LEU U 50 34.62 1.98 25.59
CA LEU U 50 35.11 3.12 26.35
C LEU U 50 34.80 2.91 27.84
N PHE U 51 33.61 2.42 28.13
CA PHE U 51 33.20 2.17 29.50
C PHE U 51 34.12 1.16 30.18
N LEU U 52 34.40 0.06 29.50
CA LEU U 52 35.27 -0.95 30.07
C LEU U 52 36.63 -0.36 30.38
N GLU U 53 37.14 0.48 29.48
CA GLU U 53 38.45 1.10 29.70
C GLU U 53 38.36 2.03 30.90
N ALA U 54 37.19 2.65 31.08
CA ALA U 54 36.98 3.54 32.21
C ALA U 54 37.04 2.72 33.48
N GLU U 55 36.41 1.55 33.46
CA GLU U 55 36.37 0.64 34.60
C GLU U 55 37.73 0.05 34.94
N ASP U 56 38.55 -0.21 33.93
CA ASP U 56 39.87 -0.79 34.12
C ASP U 56 40.63 -0.78 32.81
N PRO U 57 41.55 0.17 32.63
CA PRO U 57 42.35 0.30 31.41
C PRO U 57 43.34 -0.83 31.11
N GLU U 58 43.49 -1.78 32.02
CA GLU U 58 44.45 -2.87 31.78
C GLU U 58 43.85 -4.23 31.41
N LYS U 59 42.80 -4.63 32.10
CA LYS U 59 42.16 -5.92 31.83
C LYS U 59 41.64 -6.09 30.42
N ASP U 60 41.89 -7.27 29.85
CA ASP U 60 41.45 -7.61 28.51
C ASP U 60 39.94 -7.51 28.38
N ILE U 61 39.48 -7.38 27.14
CA ILE U 61 38.07 -7.29 26.83
C ILE U 61 37.76 -8.40 25.84
N GLY U 62 36.58 -8.99 25.95
CA GLY U 62 36.21 -10.06 25.04
C GLY U 62 35.11 -9.61 24.11
N LEU U 63 35.42 -9.48 22.82
CA LEU U 63 34.43 -9.06 21.83
C LEU U 63 33.92 -10.24 21.01
N TYR U 64 32.74 -10.74 21.37
CA TYR U 64 32.13 -11.85 20.64
C TYR U 64 31.46 -11.34 19.37
N ILE U 65 31.77 -11.97 18.24
CA ILE U 65 31.22 -11.53 16.97
C ILE U 65 30.42 -12.55 16.18
N ASN U 66 29.16 -12.21 15.95
CA ASN U 66 28.24 -13.04 15.18
C ASN U 66 27.54 -12.03 14.27
N SER U 67 28.25 -11.63 13.22
CA SER U 67 27.72 -10.63 12.31
C SER U 67 27.88 -10.96 10.84
N PRO U 68 26.90 -10.53 10.03
CA PRO U 68 26.92 -10.75 8.58
C PRO U 68 27.60 -9.57 7.91
N GLY U 69 27.99 -8.58 8.71
CA GLY U 69 28.67 -7.42 8.16
C GLY U 69 27.85 -6.16 8.29
N GLY U 70 28.11 -5.18 7.41
CA GLY U 70 27.36 -3.93 7.47
C GLY U 70 28.10 -2.72 6.93
N VAL U 71 27.60 -1.55 7.27
CA VAL U 71 28.19 -0.28 6.84
C VAL U 71 29.68 -0.21 7.20
N ILE U 72 30.50 0.18 6.22
CA ILE U 72 31.95 0.25 6.38
C ILE U 72 32.51 1.29 7.36
N THR U 73 32.01 2.52 7.33
CA THR U 73 32.52 3.55 8.25
C THR U 73 32.11 3.24 9.69
N SER U 74 30.97 2.56 9.83
CA SER U 74 30.45 2.18 11.14
C SER U 74 31.38 1.08 11.66
N GLY U 75 31.76 0.18 10.78
CA GLY U 75 32.65 -0.88 11.19
C GLY U 75 34.00 -0.29 11.55
N LEU U 76 34.42 0.70 10.76
CA LEU U 76 35.70 1.35 10.99
C LEU U 76 35.80 2.07 12.34
N SER U 77 34.68 2.56 12.85
CA SER U 77 34.70 3.25 14.13
C SER U 77 34.89 2.22 15.23
N ILE U 78 34.36 1.02 15.02
CA ILE U 78 34.48 -0.05 15.98
C ILE U 78 35.94 -0.48 16.09
N TYR U 79 36.56 -0.67 14.92
CA TYR U 79 37.95 -1.07 14.81
C TYR U 79 38.92 -0.02 15.34
N ASP U 80 38.63 1.25 15.08
CA ASP U 80 39.52 2.30 15.58
C ASP U 80 39.46 2.37 17.10
N THR U 81 38.27 2.21 17.66
CA THR U 81 38.10 2.27 19.10
C THR U 81 38.76 1.07 19.78
N MET U 82 38.77 -0.07 19.09
CA MET U 82 39.39 -1.26 19.64
C MET U 82 40.86 -0.99 19.91
N ASN U 83 41.49 -0.25 19.01
CA ASN U 83 42.90 0.08 19.14
C ASN U 83 43.09 1.35 19.97
N PHE U 84 42.09 2.21 19.95
CA PHE U 84 42.15 3.47 20.69
C PHE U 84 42.34 3.22 22.18
N ILE U 85 41.37 2.55 22.80
CA ILE U 85 41.45 2.24 24.22
C ILE U 85 42.72 1.44 24.50
N ARG U 86 43.24 1.56 25.71
CA ARG U 86 44.46 0.88 26.11
C ARG U 86 44.31 -0.64 26.23
N PRO U 87 43.18 -1.12 26.79
CA PRO U 87 42.92 -2.56 26.97
C PRO U 87 43.00 -3.38 25.69
N ASP U 88 43.42 -4.64 25.81
CA ASP U 88 43.47 -5.55 24.67
C ASP U 88 42.04 -5.98 24.38
N VAL U 89 41.68 -6.03 23.10
CA VAL U 89 40.34 -6.46 22.74
C VAL U 89 40.44 -7.75 21.98
N SER U 90 40.13 -8.84 22.66
CA SER U 90 40.18 -10.15 22.04
C SER U 90 38.88 -10.36 21.26
N THR U 91 38.98 -10.98 20.09
CA THR U 91 37.82 -11.25 19.26
C THR U 91 37.54 -12.75 19.21
N ILE U 92 36.26 -13.09 19.30
CA ILE U 92 35.81 -14.48 19.29
C ILE U 92 34.65 -14.63 18.30
N CYS U 93 34.90 -15.26 17.16
CA CYS U 93 33.84 -15.43 16.17
C CYS U 93 32.93 -16.61 16.52
N ILE U 94 31.63 -16.35 16.63
CA ILE U 94 30.66 -17.40 16.92
C ILE U 94 29.56 -17.32 15.87
N GLY U 95 29.23 -18.44 15.26
CA GLY U 95 28.21 -18.44 14.23
C GLY U 95 28.87 -18.05 12.93
N GLN U 96 29.08 -16.75 12.73
CA GLN U 96 29.74 -16.29 11.52
C GLN U 96 30.35 -14.90 11.70
N ALA U 97 31.34 -14.61 10.86
CA ALA U 97 32.01 -13.31 10.83
C ALA U 97 32.13 -13.04 9.32
N ALA U 98 31.14 -12.36 8.76
CA ALA U 98 31.13 -12.09 7.34
C ALA U 98 31.37 -10.64 6.95
N ALA U 99 32.31 -10.46 6.02
CA ALA U 99 32.66 -9.15 5.50
C ALA U 99 33.13 -8.23 6.62
N MET U 100 32.46 -7.09 6.79
CA MET U 100 32.85 -6.14 7.81
C MET U 100 33.01 -6.83 9.16
N GLY U 101 32.25 -7.91 9.35
CA GLY U 101 32.31 -8.67 10.59
C GLY U 101 33.58 -9.49 10.68
N ALA U 102 34.08 -9.93 9.52
CA ALA U 102 35.31 -10.73 9.44
C ALA U 102 36.49 -9.77 9.60
N PHE U 103 36.35 -8.57 9.03
CA PHE U 103 37.34 -7.51 9.10
C PHE U 103 37.63 -7.23 10.59
N LEU U 104 36.58 -6.94 11.34
CA LEU U 104 36.70 -6.65 12.76
C LEU U 104 37.28 -7.82 13.56
N LEU U 105 37.04 -9.04 13.09
CA LEU U 105 37.55 -10.22 13.77
C LEU U 105 39.06 -10.21 13.71
N SER U 106 39.56 -10.01 12.50
CA SER U 106 41.00 -9.98 12.21
C SER U 106 41.70 -8.79 12.86
N CYS U 107 40.91 -7.83 13.34
CA CYS U 107 41.44 -6.63 13.98
C CYS U 107 41.71 -6.77 15.48
N GLY U 108 41.27 -7.86 16.09
CA GLY U 108 41.52 -8.03 17.51
C GLY U 108 43.01 -8.05 17.83
N ALA U 109 43.34 -7.98 19.11
CA ALA U 109 44.74 -7.99 19.55
C ALA U 109 45.44 -9.25 19.03
N LYS U 110 46.59 -9.05 18.38
CA LYS U 110 47.33 -10.17 17.83
C LYS U 110 47.59 -11.26 18.86
N GLY U 111 47.24 -12.48 18.49
CA GLY U 111 47.42 -13.61 19.38
C GLY U 111 46.16 -13.87 20.18
N LYS U 112 45.21 -12.95 20.09
CA LYS U 112 43.95 -13.08 20.82
C LYS U 112 42.72 -13.00 19.90
N ARG U 113 42.89 -13.48 18.66
CA ARG U 113 41.80 -13.52 17.68
C ARG U 113 41.42 -15.00 17.61
N PHE U 114 40.21 -15.31 18.09
CA PHE U 114 39.72 -16.70 18.13
C PHE U 114 38.44 -16.97 17.35
N SER U 115 38.02 -18.23 17.39
CA SER U 115 36.80 -18.67 16.72
C SER U 115 36.37 -20.04 17.23
N LEU U 116 35.07 -20.25 17.34
CA LEU U 116 34.57 -21.55 17.78
C LEU U 116 34.73 -22.44 16.55
N PRO U 117 34.87 -23.75 16.75
CA PRO U 117 35.06 -24.68 15.63
C PRO U 117 34.10 -24.68 14.43
N HIS U 118 32.82 -24.36 14.64
CA HIS U 118 31.90 -24.41 13.52
C HIS U 118 31.44 -23.08 12.94
N SER U 119 32.18 -22.02 13.24
CA SER U 119 31.87 -20.70 12.75
C SER U 119 32.31 -20.61 11.29
N ARG U 120 31.71 -19.70 10.53
CA ARG U 120 32.07 -19.52 9.14
C ARG U 120 32.53 -18.10 8.93
N ILE U 121 33.71 -17.93 8.36
CA ILE U 121 34.28 -16.61 8.09
C ILE U 121 34.17 -16.29 6.60
N MET U 122 33.91 -15.02 6.26
CA MET U 122 33.79 -14.62 4.86
C MET U 122 34.24 -13.19 4.66
N ILE U 123 34.96 -12.94 3.57
CA ILE U 123 35.44 -11.61 3.27
C ILE U 123 35.06 -11.28 1.83
N HIS U 124 34.82 -10.00 1.55
CA HIS U 124 34.48 -9.59 0.18
C HIS U 124 34.64 -8.09 -0.01
N GLN U 125 34.75 -7.65 -1.26
CA GLN U 125 34.93 -6.23 -1.51
C GLN U 125 33.69 -5.44 -1.13
N PRO U 126 33.84 -4.12 -1.03
CA PRO U 126 32.69 -3.27 -0.67
C PRO U 126 31.54 -3.40 -1.65
N LEU U 127 30.36 -3.01 -1.19
CA LEU U 127 29.14 -3.04 -1.97
C LEU U 127 28.53 -1.66 -1.77
N GLY U 128 27.94 -1.07 -2.80
CA GLY U 128 27.36 0.24 -2.62
C GLY U 128 26.40 0.71 -3.70
N GLY U 129 26.12 2.01 -3.71
CA GLY U 129 25.20 2.56 -4.70
C GLY U 129 25.48 4.02 -5.00
N ALA U 130 25.17 4.42 -6.24
CA ALA U 130 25.39 5.80 -6.67
C ALA U 130 24.24 6.25 -7.56
N GLN U 131 23.90 7.52 -7.46
CA GLN U 131 22.82 8.10 -8.25
C GLN U 131 22.97 9.60 -8.39
N GLY U 132 22.71 10.11 -9.59
CA GLY U 132 22.82 11.55 -9.82
C GLY U 132 23.59 11.86 -11.09
N GLN U 133 24.17 13.06 -11.14
CA GLN U 133 24.95 13.48 -12.29
C GLN U 133 26.17 12.59 -12.43
N ALA U 134 26.69 12.48 -13.65
CA ALA U 134 27.88 11.66 -13.90
C ALA U 134 29.01 12.11 -12.98
N SER U 135 29.10 13.42 -12.74
CA SER U 135 30.13 13.97 -11.85
C SER U 135 30.06 13.38 -10.44
N ASP U 136 28.85 13.17 -9.93
CA ASP U 136 28.65 12.64 -8.58
C ASP U 136 28.90 11.15 -8.51
N ILE U 137 28.49 10.46 -9.57
CA ILE U 137 28.68 9.03 -9.64
C ILE U 137 30.19 8.71 -9.67
N GLU U 138 30.96 9.54 -10.37
CA GLU U 138 32.40 9.36 -10.44
C GLU U 138 33.04 9.54 -9.06
N ILE U 139 32.63 10.61 -8.37
CA ILE U 139 33.13 10.92 -7.03
C ILE U 139 32.85 9.77 -6.07
N ILE U 140 31.62 9.24 -6.13
CA ILE U 140 31.22 8.13 -5.28
C ILE U 140 32.00 6.86 -5.63
N SER U 141 32.28 6.68 -6.93
CA SER U 141 33.03 5.52 -7.39
C SER U 141 34.45 5.53 -6.81
N ASN U 142 35.17 6.64 -6.98
CA ASN U 142 36.52 6.75 -6.45
C ASN U 142 36.51 6.53 -4.93
N GLU U 143 35.51 7.11 -4.26
CA GLU U 143 35.40 6.98 -2.82
C GLU U 143 35.21 5.52 -2.39
N ILE U 144 34.30 4.81 -3.06
CA ILE U 144 34.06 3.42 -2.72
C ILE U 144 35.31 2.58 -3.04
N LEU U 145 36.04 2.97 -4.09
CA LEU U 145 37.27 2.27 -4.45
C LEU U 145 38.36 2.58 -3.43
N ARG U 146 38.33 3.78 -2.88
CA ARG U 146 39.32 4.15 -1.88
C ARG U 146 39.08 3.30 -0.63
N LEU U 147 37.81 3.05 -0.32
CA LEU U 147 37.46 2.24 0.85
C LEU U 147 37.82 0.78 0.63
N LYS U 148 37.72 0.34 -0.62
CA LYS U 148 38.06 -1.03 -0.97
C LYS U 148 39.55 -1.24 -0.76
N GLY U 149 40.35 -0.31 -1.29
CA GLY U 149 41.79 -0.42 -1.13
C GLY U 149 42.18 -0.41 0.32
N LEU U 150 41.56 0.50 1.07
CA LEU U 150 41.83 0.62 2.49
C LEU U 150 41.53 -0.70 3.18
N MET U 151 40.35 -1.25 2.94
CA MET U 151 39.97 -2.50 3.55
C MET U 151 40.90 -3.65 3.15
N ASN U 152 41.19 -3.78 1.85
CA ASN U 152 42.09 -4.83 1.39
C ASN U 152 43.44 -4.62 2.05
N SER U 153 43.78 -3.35 2.26
CA SER U 153 45.04 -2.98 2.87
C SER U 153 45.17 -3.51 4.31
N ILE U 154 44.21 -3.13 5.16
CA ILE U 154 44.24 -3.56 6.55
C ILE U 154 44.06 -5.07 6.65
N LEU U 155 43.28 -5.63 5.74
CA LEU U 155 43.06 -7.07 5.73
C LEU U 155 44.40 -7.76 5.48
N ALA U 156 45.21 -7.17 4.61
CA ALA U 156 46.53 -7.74 4.29
C ALA U 156 47.46 -7.67 5.50
N GLN U 157 47.41 -6.53 6.19
CA GLN U 157 48.23 -6.31 7.37
C GLN U 157 47.88 -7.33 8.45
N ASN U 158 46.59 -7.45 8.75
CA ASN U 158 46.11 -8.36 9.79
C ASN U 158 46.29 -9.86 9.56
N SER U 159 46.31 -10.29 8.30
CA SER U 159 46.44 -11.71 8.01
C SER U 159 47.85 -12.15 7.64
N GLY U 160 48.57 -11.30 6.91
CA GLY U 160 49.92 -11.64 6.48
C GLY U 160 49.94 -11.84 4.97
N GLN U 161 48.77 -12.07 4.40
CA GLN U 161 48.65 -12.25 2.95
C GLN U 161 49.15 -10.98 2.26
N SER U 162 49.31 -11.06 0.95
CA SER U 162 49.76 -9.91 0.19
C SER U 162 48.54 -9.13 -0.29
N LEU U 163 48.74 -7.85 -0.58
CA LEU U 163 47.68 -6.99 -1.05
C LEU U 163 46.90 -7.62 -2.21
N GLU U 164 47.63 -8.13 -3.20
CA GLU U 164 47.02 -8.75 -4.38
C GLU U 164 46.22 -10.00 -4.08
N GLN U 165 46.69 -10.81 -3.13
CA GLN U 165 45.97 -12.02 -2.78
C GLN U 165 44.62 -11.59 -2.26
N ILE U 166 44.64 -10.72 -1.25
CA ILE U 166 43.42 -10.18 -0.65
C ILE U 166 42.48 -9.66 -1.74
N ALA U 167 42.97 -8.73 -2.55
CA ALA U 167 42.18 -8.15 -3.64
C ALA U 167 41.57 -9.22 -4.54
N LYS U 168 42.34 -10.25 -4.86
CA LYS U 168 41.82 -11.32 -5.71
C LYS U 168 40.82 -12.19 -4.96
N ASP U 169 41.13 -12.51 -3.71
CA ASP U 169 40.26 -13.35 -2.90
C ASP U 169 38.93 -12.74 -2.50
N THR U 170 38.86 -11.40 -2.48
CA THR U 170 37.63 -10.72 -2.10
C THR U 170 36.86 -10.17 -3.29
N ASP U 171 37.27 -10.54 -4.51
CA ASP U 171 36.58 -10.05 -5.71
C ASP U 171 35.12 -10.47 -5.64
N ARG U 172 34.90 -11.69 -5.14
CA ARG U 172 33.55 -12.23 -4.97
C ARG U 172 33.47 -12.86 -3.58
N ASP U 173 32.27 -13.20 -3.10
CA ASP U 173 32.17 -13.79 -1.77
C ASP U 173 33.16 -14.94 -1.61
N PHE U 174 33.91 -14.88 -0.52
CA PHE U 174 34.93 -15.86 -0.20
C PHE U 174 34.68 -16.41 1.21
N TYR U 175 34.07 -17.60 1.28
CA TYR U 175 33.75 -18.25 2.56
C TYR U 175 34.78 -19.28 2.98
N MET U 176 35.07 -19.35 4.28
CA MET U 176 36.03 -20.31 4.80
C MET U 176 35.66 -20.76 6.22
N SER U 177 36.15 -21.93 6.60
CA SER U 177 35.86 -22.49 7.92
C SER U 177 36.76 -21.86 8.96
N ALA U 178 36.51 -22.16 10.22
CA ALA U 178 37.32 -21.61 11.30
C ALA U 178 38.77 -21.93 11.04
N LYS U 179 39.07 -23.21 10.81
CA LYS U 179 40.44 -23.64 10.54
C LYS U 179 41.06 -22.87 9.38
N GLU U 180 40.40 -22.88 8.23
CA GLU U 180 40.89 -22.18 7.06
C GLU U 180 41.18 -20.70 7.31
N ALA U 181 40.31 -20.06 8.09
CA ALA U 181 40.47 -18.64 8.43
C ALA U 181 41.73 -18.47 9.29
N LYS U 182 42.12 -19.54 9.96
CA LYS U 182 43.31 -19.55 10.82
C LYS U 182 44.52 -19.65 9.91
N GLU U 183 44.43 -20.57 8.95
CA GLU U 183 45.49 -20.78 7.98
C GLU U 183 45.69 -19.52 7.15
N TYR U 184 44.58 -18.92 6.73
CA TYR U 184 44.61 -17.71 5.92
C TYR U 184 45.26 -16.54 6.67
N GLY U 185 45.22 -16.58 8.00
CA GLY U 185 45.82 -15.52 8.79
C GLY U 185 44.85 -14.54 9.42
N LEU U 186 43.55 -14.83 9.34
CA LEU U 186 42.53 -13.94 9.92
C LEU U 186 42.37 -14.08 11.43
N ILE U 187 42.56 -15.30 11.95
CA ILE U 187 42.46 -15.54 13.38
C ILE U 187 43.74 -16.22 13.82
N ASP U 188 43.89 -16.41 15.13
CA ASP U 188 45.08 -17.04 15.66
C ASP U 188 44.89 -18.47 16.13
N LYS U 189 43.79 -18.72 16.83
CA LYS U 189 43.53 -20.08 17.33
C LYS U 189 42.05 -20.45 17.23
N VAL U 190 41.79 -21.75 17.09
CA VAL U 190 40.42 -22.25 17.02
C VAL U 190 40.09 -22.98 18.31
N LEU U 191 39.29 -22.35 19.17
CA LEU U 191 38.90 -22.95 20.44
C LEU U 191 38.16 -24.24 20.12
N GLN U 192 38.77 -25.38 20.45
CA GLN U 192 38.15 -26.66 20.19
C GLN U 192 37.29 -27.12 21.38
N ALA V 1 25.00 4.18 2.03
CA ALA V 1 26.33 4.17 2.72
C ALA V 1 27.05 2.87 2.35
N ALA V 2 28.25 3.00 1.80
CA ALA V 2 29.06 1.85 1.40
C ALA V 2 29.07 0.77 2.48
N ALA V 3 28.80 -0.47 2.08
CA ALA V 3 28.77 -1.56 3.03
C ALA V 3 29.65 -2.73 2.61
N ALA V 4 29.98 -3.57 3.59
CA ALA V 4 30.79 -4.75 3.36
C ALA V 4 30.03 -5.88 4.06
N ASP W 20 11.03 -11.17 37.64
CA ASP W 20 10.80 -11.72 36.26
C ASP W 20 10.74 -13.26 36.30
N ILE W 21 9.86 -13.83 35.48
CA ILE W 21 9.70 -15.28 35.43
C ILE W 21 10.87 -16.00 34.76
N TYR W 22 11.20 -15.59 33.54
CA TYR W 22 12.30 -16.20 32.80
C TYR W 22 13.61 -16.07 33.57
N SER W 23 13.76 -14.96 34.30
CA SER W 23 14.96 -14.69 35.08
C SER W 23 15.02 -15.62 36.29
N ARG W 24 13.87 -15.85 36.93
CA ARG W 24 13.82 -16.73 38.10
C ARG W 24 14.19 -18.14 37.68
N LEU W 25 13.79 -18.54 36.47
CA LEU W 25 14.11 -19.87 35.97
C LEU W 25 15.59 -19.94 35.61
N LEU W 26 16.14 -18.83 35.14
CA LEU W 26 17.54 -18.76 34.78
C LEU W 26 18.35 -19.01 36.06
N LYS W 27 17.74 -18.66 37.18
CA LYS W 27 18.35 -18.83 38.49
C LYS W 27 18.56 -20.32 38.75
N ASP W 28 17.59 -21.14 38.34
CA ASP W 28 17.66 -22.58 38.53
C ASP W 28 18.32 -23.27 37.34
N ARG W 29 19.16 -22.52 36.61
CA ARG W 29 19.88 -23.04 35.45
C ARG W 29 18.99 -23.51 34.29
N ILE W 30 17.83 -22.89 34.14
CA ILE W 30 16.92 -23.26 33.07
C ILE W 30 16.88 -22.16 32.01
N VAL W 31 17.16 -22.54 30.77
CA VAL W 31 17.15 -21.61 29.64
C VAL W 31 16.11 -22.06 28.62
N LEU W 32 15.21 -21.16 28.23
CA LEU W 32 14.18 -21.52 27.27
C LEU W 32 14.39 -20.97 25.86
N LEU W 33 14.52 -21.89 24.91
CA LEU W 33 14.66 -21.52 23.50
C LEU W 33 13.31 -21.80 22.86
N SER W 34 12.53 -20.74 22.72
CA SER W 34 11.21 -20.83 22.14
C SER W 34 11.12 -20.10 20.81
N GLY W 35 10.58 -20.75 19.79
CA GLY W 35 10.44 -20.11 18.50
C GLY W 35 11.60 -20.15 17.53
N GLU W 36 11.49 -19.33 16.47
CA GLU W 36 12.50 -19.26 15.43
C GLU W 36 13.88 -18.89 15.93
N ILE W 37 14.88 -19.44 15.25
CA ILE W 37 16.27 -19.19 15.58
C ILE W 37 16.90 -18.18 14.62
N ASN W 38 17.34 -17.06 15.18
CA ASN W 38 18.00 -16.00 14.41
C ASN W 38 19.08 -15.41 15.31
N ASP W 39 19.87 -14.48 14.78
CA ASP W 39 20.94 -13.91 15.57
C ASP W 39 20.49 -13.32 16.90
N SER W 40 19.42 -12.53 16.87
CA SER W 40 18.94 -11.94 18.10
C SER W 40 18.70 -13.04 19.13
N VAL W 41 17.87 -14.02 18.76
CA VAL W 41 17.56 -15.14 19.63
C VAL W 41 18.82 -15.91 20.02
N ALA W 42 19.71 -16.12 19.06
CA ALA W 42 20.97 -16.83 19.32
C ALA W 42 21.82 -16.10 20.35
N SER W 43 21.81 -14.77 20.29
CA SER W 43 22.59 -13.99 21.25
C SER W 43 22.03 -14.09 22.66
N SER W 44 20.72 -14.07 22.77
CA SER W 44 20.07 -14.18 24.07
C SER W 44 20.49 -15.50 24.70
N ILE W 45 20.46 -16.57 23.91
CA ILE W 45 20.81 -17.90 24.39
C ILE W 45 22.28 -18.02 24.77
N VAL W 46 23.16 -17.58 23.87
CA VAL W 46 24.60 -17.65 24.13
C VAL W 46 24.93 -16.87 25.40
N ALA W 47 24.42 -15.65 25.51
CA ALA W 47 24.65 -14.81 26.68
C ALA W 47 24.24 -15.53 27.98
N GLN W 48 23.14 -16.26 27.92
CA GLN W 48 22.65 -16.99 29.09
C GLN W 48 23.53 -18.19 29.43
N LEU W 49 24.02 -18.88 28.40
CA LEU W 49 24.90 -20.02 28.62
C LEU W 49 26.23 -19.53 29.20
N LEU W 50 26.73 -18.41 28.66
CA LEU W 50 27.98 -17.83 29.14
C LEU W 50 27.79 -17.39 30.61
N PHE W 51 26.67 -16.73 30.86
CA PHE W 51 26.37 -16.25 32.21
C PHE W 51 26.34 -17.41 33.20
N LEU W 52 25.58 -18.45 32.88
CA LEU W 52 25.45 -19.62 33.74
C LEU W 52 26.81 -20.26 34.05
N GLU W 53 27.66 -20.38 33.04
CA GLU W 53 28.97 -20.98 33.28
C GLU W 53 29.77 -20.14 34.28
N ALA W 54 29.72 -18.83 34.14
CA ALA W 54 30.44 -17.95 35.05
C ALA W 54 29.80 -17.98 36.44
N GLU W 55 28.58 -18.47 36.52
CA GLU W 55 27.85 -18.55 37.79
C GLU W 55 28.16 -19.86 38.50
N ASP W 56 28.65 -20.84 37.75
CA ASP W 56 29.01 -22.15 38.28
C ASP W 56 29.38 -23.07 37.11
N PRO W 57 30.65 -23.07 36.72
CA PRO W 57 31.12 -23.90 35.61
C PRO W 57 31.03 -25.40 35.87
N GLU W 58 30.37 -25.77 36.95
CA GLU W 58 30.26 -27.19 37.29
C GLU W 58 28.85 -27.79 37.16
N LYS W 59 27.82 -27.07 37.59
CA LYS W 59 26.47 -27.59 37.51
C LYS W 59 25.95 -27.72 36.07
N ASP W 60 24.97 -28.60 35.89
CA ASP W 60 24.38 -28.83 34.58
C ASP W 60 23.48 -27.68 34.20
N ILE W 61 23.10 -27.64 32.93
CA ILE W 61 22.20 -26.61 32.44
C ILE W 61 21.07 -27.28 31.67
N GLY W 62 19.84 -26.85 31.97
CA GLY W 62 18.69 -27.41 31.29
C GLY W 62 18.22 -26.49 30.19
N LEU W 63 18.49 -26.87 28.94
CA LEU W 63 18.09 -26.09 27.78
C LEU W 63 16.83 -26.67 27.14
N TYR W 64 15.69 -26.04 27.42
CA TYR W 64 14.42 -26.50 26.86
C TYR W 64 14.24 -25.92 25.46
N ILE W 65 13.89 -26.79 24.51
CA ILE W 65 13.74 -26.35 23.14
C ILE W 65 12.35 -26.58 22.57
N ASN W 66 11.77 -25.50 22.05
CA ASN W 66 10.47 -25.52 21.40
C ASN W 66 10.67 -24.59 20.22
N SER W 67 11.14 -25.16 19.10
CA SER W 67 11.44 -24.35 17.93
C SER W 67 11.17 -25.01 16.56
N PRO W 68 10.82 -24.18 15.54
CA PRO W 68 10.53 -24.58 14.16
C PRO W 68 11.83 -24.62 13.36
N GLY W 69 12.92 -24.18 13.99
CA GLY W 69 14.22 -24.12 13.33
C GLY W 69 14.60 -22.69 13.06
N GLY W 70 15.51 -22.47 12.11
CA GLY W 70 15.94 -21.11 11.81
C GLY W 70 17.28 -20.97 11.09
N VAL W 71 17.83 -19.76 11.11
CA VAL W 71 19.10 -19.47 10.46
C VAL W 71 20.17 -20.41 10.99
N ILE W 72 20.83 -21.10 10.07
CA ILE W 72 21.86 -22.07 10.44
C ILE W 72 23.06 -21.53 11.23
N THR W 73 23.68 -20.44 10.77
CA THR W 73 24.84 -19.91 11.50
C THR W 73 24.44 -19.56 12.93
N SER W 74 23.22 -19.07 13.09
CA SER W 74 22.74 -18.72 14.43
C SER W 74 22.73 -19.96 15.30
N GLY W 75 22.13 -21.03 14.79
CA GLY W 75 22.08 -22.28 15.53
C GLY W 75 23.47 -22.80 15.81
N LEU W 76 24.36 -22.67 14.82
CA LEU W 76 25.73 -23.14 15.00
C LEU W 76 26.43 -22.40 16.14
N SER W 77 26.07 -21.14 16.38
CA SER W 77 26.73 -20.39 17.45
C SER W 77 26.29 -20.92 18.81
N ILE W 78 25.04 -21.38 18.90
CA ILE W 78 24.51 -21.93 20.15
C ILE W 78 25.15 -23.29 20.41
N TYR W 79 25.22 -24.09 19.35
CA TYR W 79 25.80 -25.42 19.41
C TYR W 79 27.27 -25.38 19.87
N ASP W 80 28.05 -24.46 19.31
CA ASP W 80 29.46 -24.34 19.69
C ASP W 80 29.58 -23.81 21.11
N THR W 81 28.72 -22.88 21.49
CA THR W 81 28.76 -22.34 22.83
C THR W 81 28.46 -23.46 23.83
N MET W 82 27.52 -24.32 23.47
CA MET W 82 27.15 -25.45 24.32
C MET W 82 28.35 -26.36 24.57
N ASN W 83 29.30 -26.39 23.64
CA ASN W 83 30.48 -27.22 23.79
C ASN W 83 31.66 -26.41 24.27
N PHE W 84 31.53 -25.09 24.21
CA PHE W 84 32.58 -24.18 24.62
C PHE W 84 32.70 -24.15 26.15
N ILE W 85 31.56 -24.05 26.84
CA ILE W 85 31.55 -24.03 28.30
C ILE W 85 31.77 -25.41 28.92
N ARG W 86 31.97 -25.43 30.23
CA ARG W 86 32.21 -26.66 30.98
C ARG W 86 30.94 -27.41 31.36
N PRO W 87 29.91 -26.69 31.81
CA PRO W 87 28.67 -27.38 32.19
C PRO W 87 28.09 -28.29 31.10
N ASP W 88 27.44 -29.35 31.55
CA ASP W 88 26.77 -30.28 30.65
C ASP W 88 25.45 -29.59 30.31
N VAL W 89 25.29 -29.23 29.05
CA VAL W 89 24.06 -28.58 28.62
C VAL W 89 23.07 -29.64 28.21
N SER W 90 22.07 -29.88 29.04
CA SER W 90 21.05 -30.86 28.74
C SER W 90 19.96 -30.23 27.87
N THR W 91 19.44 -31.02 26.93
CA THR W 91 18.39 -30.52 26.05
C THR W 91 17.10 -31.28 26.30
N ILE W 92 16.01 -30.52 26.44
CA ILE W 92 14.68 -31.08 26.69
C ILE W 92 13.73 -30.45 25.66
N CYS W 93 13.18 -31.30 24.80
CA CYS W 93 12.27 -30.85 23.77
C CYS W 93 10.80 -30.85 24.19
N ILE W 94 10.17 -29.69 24.15
CA ILE W 94 8.76 -29.57 24.48
C ILE W 94 8.09 -28.90 23.29
N GLY W 95 6.92 -29.40 22.90
CA GLY W 95 6.21 -28.85 21.75
C GLY W 95 6.84 -29.46 20.53
N GLN W 96 7.88 -28.81 20.02
CA GLN W 96 8.56 -29.36 18.86
C GLN W 96 10.02 -28.94 18.81
N ALA W 97 10.79 -29.68 18.03
CA ALA W 97 12.20 -29.40 17.82
C ALA W 97 12.31 -29.79 16.36
N ALA W 98 12.28 -28.79 15.48
CA ALA W 98 12.37 -29.08 14.05
C ALA W 98 13.53 -28.40 13.36
N ALA W 99 14.09 -29.10 12.37
CA ALA W 99 15.21 -28.59 11.60
C ALA W 99 16.36 -28.22 12.53
N MET W 100 16.85 -26.99 12.45
CA MET W 100 17.96 -26.55 13.30
C MET W 100 17.61 -26.76 14.78
N GLY W 101 16.32 -26.78 15.09
CA GLY W 101 15.90 -27.00 16.46
C GLY W 101 16.22 -28.43 16.88
N ALA W 102 15.92 -29.37 16.00
CA ALA W 102 16.19 -30.78 16.29
C ALA W 102 17.70 -30.96 16.35
N PHE W 103 18.41 -30.20 15.51
CA PHE W 103 19.87 -30.22 15.45
C PHE W 103 20.42 -29.92 16.86
N LEU W 104 19.99 -28.81 17.43
CA LEU W 104 20.45 -28.44 18.77
C LEU W 104 20.01 -29.44 19.83
N LEU W 105 18.84 -30.06 19.64
CA LEU W 105 18.31 -31.04 20.57
C LEU W 105 19.29 -32.20 20.72
N SER W 106 19.73 -32.73 19.58
CA SER W 106 20.66 -33.86 19.54
C SER W 106 22.11 -33.46 19.86
N CYS W 107 22.34 -32.17 20.05
CA CYS W 107 23.67 -31.65 20.39
C CYS W 107 23.86 -31.56 21.91
N GLY W 108 22.80 -31.85 22.65
CA GLY W 108 22.89 -31.78 24.10
C GLY W 108 23.89 -32.79 24.65
N ALA W 109 24.21 -32.66 25.93
CA ALA W 109 25.17 -33.56 26.57
C ALA W 109 24.82 -35.03 26.41
N LYS W 110 25.82 -35.82 26.06
CA LYS W 110 25.70 -37.27 25.89
C LYS W 110 24.91 -37.86 27.06
N GLY W 111 23.84 -38.59 26.74
CA GLY W 111 23.03 -39.19 27.79
C GLY W 111 22.09 -38.23 28.48
N LYS W 112 22.07 -36.98 28.02
CA LYS W 112 21.21 -35.97 28.63
C LYS W 112 20.34 -35.23 27.62
N ARG W 113 19.95 -35.93 26.56
CA ARG W 113 19.08 -35.37 25.53
C ARG W 113 17.70 -35.96 25.77
N PHE W 114 16.79 -35.14 26.27
CA PHE W 114 15.43 -35.58 26.58
C PHE W 114 14.33 -34.97 25.71
N SER W 115 13.11 -35.44 25.94
CA SER W 115 11.93 -34.97 25.22
C SER W 115 10.66 -35.38 25.97
N LEU W 116 9.65 -34.52 25.95
CA LEU W 116 8.40 -34.87 26.60
C LEU W 116 7.65 -35.81 25.64
N PRO W 117 6.79 -36.67 26.18
CA PRO W 117 6.00 -37.65 25.41
C PRO W 117 5.29 -37.24 24.12
N HIS W 118 4.81 -36.01 24.03
CA HIS W 118 4.07 -35.63 22.83
C HIS W 118 4.72 -34.60 21.91
N SER W 119 6.02 -34.39 22.05
CA SER W 119 6.72 -33.44 21.21
C SER W 119 6.93 -34.08 19.84
N ARG W 120 7.13 -33.26 18.82
CA ARG W 120 7.39 -33.78 17.49
C ARG W 120 8.76 -33.26 17.07
N ILE W 121 9.60 -34.15 16.54
CA ILE W 121 10.93 -33.80 16.10
C ILE W 121 10.94 -33.85 14.58
N MET W 122 11.74 -33.00 13.95
CA MET W 122 11.78 -33.00 12.49
C MET W 122 13.14 -32.54 11.99
N ILE W 123 13.69 -33.27 11.03
CA ILE W 123 14.97 -32.90 10.44
C ILE W 123 14.82 -32.83 8.93
N HIS W 124 15.49 -31.86 8.31
CA HIS W 124 15.46 -31.67 6.87
C HIS W 124 16.72 -30.92 6.43
N GLN W 125 17.03 -30.96 5.14
CA GLN W 125 18.21 -30.27 4.64
C GLN W 125 18.04 -28.76 4.70
N PRO W 126 19.12 -28.00 4.44
CA PRO W 126 19.06 -26.54 4.47
C PRO W 126 18.16 -25.93 3.39
N LEU W 127 17.64 -24.74 3.67
CA LEU W 127 16.80 -23.98 2.74
C LEU W 127 17.47 -22.63 2.54
N GLY W 128 17.28 -22.02 1.39
CA GLY W 128 17.88 -20.73 1.15
C GLY W 128 17.57 -20.11 -0.20
N GLY W 129 18.35 -19.09 -0.56
CA GLY W 129 18.16 -18.41 -1.82
C GLY W 129 19.43 -17.72 -2.29
N ALA W 130 19.52 -17.50 -3.60
CA ALA W 130 20.68 -16.85 -4.18
C ALA W 130 20.22 -15.95 -5.31
N GLN W 131 20.90 -14.82 -5.47
CA GLN W 131 20.54 -13.87 -6.52
C GLN W 131 21.76 -13.15 -7.08
N GLY W 132 21.74 -12.87 -8.38
CA GLY W 132 22.85 -12.18 -9.00
C GLY W 132 23.44 -12.88 -10.20
N GLN W 133 24.74 -12.71 -10.40
CA GLN W 133 25.43 -13.35 -11.51
C GLN W 133 25.60 -14.84 -11.24
N ALA W 134 25.68 -15.62 -12.31
CA ALA W 134 25.85 -17.07 -12.21
C ALA W 134 26.99 -17.41 -11.27
N SER W 135 28.07 -16.64 -11.32
CA SER W 135 29.22 -16.86 -10.44
C SER W 135 28.79 -16.77 -8.98
N ASP W 136 28.06 -15.70 -8.65
CA ASP W 136 27.60 -15.49 -7.29
C ASP W 136 26.62 -16.56 -6.81
N ILE W 137 25.76 -17.00 -7.71
CA ILE W 137 24.79 -18.02 -7.40
C ILE W 137 25.53 -19.32 -7.12
N GLU W 138 26.63 -19.52 -7.85
CA GLU W 138 27.45 -20.71 -7.70
C GLU W 138 28.18 -20.70 -6.35
N ILE W 139 28.75 -19.54 -6.00
CA ILE W 139 29.44 -19.39 -4.72
C ILE W 139 28.47 -19.71 -3.59
N ILE W 140 27.32 -19.04 -3.59
CA ILE W 140 26.31 -19.24 -2.56
C ILE W 140 25.82 -20.69 -2.50
N SER W 141 25.54 -21.27 -3.65
CA SER W 141 25.08 -22.65 -3.72
C SER W 141 26.10 -23.58 -3.08
N ASN W 142 27.38 -23.36 -3.37
CA ASN W 142 28.44 -24.20 -2.81
C ASN W 142 28.48 -24.04 -1.29
N GLU W 143 28.27 -22.83 -0.80
CA GLU W 143 28.31 -22.57 0.63
C GLU W 143 27.14 -23.24 1.36
N ILE W 144 25.97 -23.28 0.73
CA ILE W 144 24.81 -23.91 1.36
C ILE W 144 25.00 -25.44 1.38
N LEU W 145 25.59 -25.97 0.31
CA LEU W 145 25.85 -27.41 0.24
C LEU W 145 26.91 -27.78 1.28
N ARG W 146 27.76 -26.82 1.63
CA ARG W 146 28.79 -27.06 2.64
C ARG W 146 28.06 -27.20 3.97
N LEU W 147 27.11 -26.30 4.22
CA LEU W 147 26.34 -26.32 5.46
C LEU W 147 25.46 -27.57 5.53
N LYS W 148 24.98 -28.03 4.39
CA LYS W 148 24.15 -29.23 4.34
C LYS W 148 24.97 -30.44 4.79
N GLY W 149 26.13 -30.61 4.18
CA GLY W 149 26.98 -31.72 4.53
C GLY W 149 27.47 -31.56 5.96
N LEU W 150 27.75 -30.32 6.36
CA LEU W 150 28.23 -30.04 7.71
C LEU W 150 27.26 -30.49 8.79
N MET W 151 25.98 -30.22 8.57
CA MET W 151 24.92 -30.59 9.51
C MET W 151 24.61 -32.08 9.47
N ASN W 152 24.66 -32.68 8.29
CA ASN W 152 24.38 -34.11 8.17
C ASN W 152 25.49 -34.86 8.87
N SER W 153 26.72 -34.41 8.68
CA SER W 153 27.87 -35.04 9.30
C SER W 153 27.73 -35.03 10.82
N ILE W 154 27.32 -33.90 11.37
CA ILE W 154 27.15 -33.78 12.80
C ILE W 154 25.92 -34.55 13.26
N LEU W 155 24.84 -34.44 12.51
CA LEU W 155 23.60 -35.15 12.84
C LEU W 155 23.88 -36.66 12.92
N ALA W 156 24.73 -37.15 12.02
CA ALA W 156 25.08 -38.57 11.98
C ALA W 156 25.94 -38.94 13.17
N GLN W 157 26.83 -38.03 13.57
CA GLN W 157 27.70 -38.27 14.70
C GLN W 157 26.92 -38.25 16.00
N ASN W 158 25.92 -37.36 16.08
CA ASN W 158 25.10 -37.25 17.29
C ASN W 158 24.10 -38.40 17.43
N SER W 159 23.64 -38.93 16.30
CA SER W 159 22.66 -40.00 16.31
C SER W 159 23.23 -41.42 16.19
N GLY W 160 24.39 -41.55 15.55
CA GLY W 160 24.95 -42.86 15.38
C GLY W 160 24.48 -43.49 14.07
N GLN W 161 23.78 -42.69 13.27
CA GLN W 161 23.28 -43.13 11.97
C GLN W 161 24.41 -42.88 11.00
N SER W 162 24.42 -43.54 9.85
CA SER W 162 25.49 -43.30 8.90
C SER W 162 25.20 -42.00 8.13
N LEU W 163 26.26 -41.35 7.67
CA LEU W 163 26.14 -40.10 6.92
C LEU W 163 25.17 -40.27 5.76
N GLU W 164 25.20 -41.44 5.13
CA GLU W 164 24.31 -41.73 4.01
C GLU W 164 22.87 -41.68 4.49
N GLN W 165 22.58 -42.48 5.50
CA GLN W 165 21.24 -42.57 6.07
C GLN W 165 20.70 -41.20 6.46
N ILE W 166 21.56 -40.29 6.89
CA ILE W 166 21.12 -38.95 7.27
C ILE W 166 20.79 -38.11 6.04
N ALA W 167 21.64 -38.19 5.02
CA ALA W 167 21.44 -37.45 3.78
C ALA W 167 20.15 -37.92 3.08
N LYS W 168 19.84 -39.20 3.24
CA LYS W 168 18.64 -39.77 2.64
C LYS W 168 17.37 -39.37 3.41
N ASP W 169 17.44 -39.43 4.74
CA ASP W 169 16.30 -39.09 5.56
C ASP W 169 15.97 -37.60 5.63
N THR W 170 16.93 -36.73 5.36
CA THR W 170 16.67 -35.29 5.41
C THR W 170 16.46 -34.67 4.03
N ASP W 171 16.41 -35.50 2.99
CA ASP W 171 16.20 -34.99 1.63
C ASP W 171 14.94 -34.12 1.62
N ARG W 172 13.93 -34.57 2.36
CA ARG W 172 12.68 -33.85 2.50
C ARG W 172 12.31 -33.87 3.98
N ASP W 173 11.25 -33.17 4.37
CA ASP W 173 10.84 -33.13 5.77
C ASP W 173 10.61 -34.52 6.31
N PHE W 174 11.20 -34.79 7.47
CA PHE W 174 11.11 -36.09 8.11
C PHE W 174 10.61 -35.89 9.53
N TYR W 175 9.30 -36.03 9.72
CA TYR W 175 8.69 -35.89 11.02
C TYR W 175 8.68 -37.19 11.80
N MET W 176 8.95 -37.10 13.09
CA MET W 176 8.92 -38.26 13.95
C MET W 176 8.50 -37.88 15.35
N SER W 177 7.94 -38.84 16.07
CA SER W 177 7.48 -38.64 17.44
C SER W 177 8.70 -38.73 18.35
N ALA W 178 8.50 -38.58 19.66
CA ALA W 178 9.62 -38.64 20.59
C ALA W 178 10.21 -40.05 20.65
N LYS W 179 9.37 -41.07 20.66
CA LYS W 179 9.88 -42.44 20.72
C LYS W 179 10.73 -42.74 19.48
N GLU W 180 10.29 -42.29 18.32
CA GLU W 180 11.03 -42.51 17.08
C GLU W 180 12.31 -41.70 17.06
N ALA W 181 12.29 -40.55 17.71
CA ALA W 181 13.47 -39.70 17.76
C ALA W 181 14.50 -40.40 18.65
N LYS W 182 14.01 -41.03 19.71
CA LYS W 182 14.86 -41.77 20.65
C LYS W 182 15.47 -42.96 19.92
N GLU W 183 14.65 -43.69 19.18
CA GLU W 183 15.11 -44.85 18.42
C GLU W 183 16.06 -44.45 17.30
N TYR W 184 15.86 -43.27 16.74
CA TYR W 184 16.70 -42.80 15.65
C TYR W 184 18.07 -42.36 16.16
N GLY W 185 18.14 -42.00 17.45
CA GLY W 185 19.39 -41.56 18.04
C GLY W 185 19.47 -40.07 18.34
N LEU W 186 18.43 -39.32 17.98
CA LEU W 186 18.42 -37.88 18.20
C LEU W 186 18.36 -37.51 19.67
N ILE W 187 17.69 -38.32 20.48
CA ILE W 187 17.62 -38.05 21.91
C ILE W 187 17.94 -39.33 22.68
N ASP W 188 18.00 -39.25 23.99
CA ASP W 188 18.34 -40.41 24.81
C ASP W 188 17.14 -41.05 25.52
N LYS W 189 16.28 -40.22 26.12
CA LYS W 189 15.11 -40.71 26.83
C LYS W 189 13.87 -39.84 26.64
N VAL W 190 12.71 -40.47 26.75
CA VAL W 190 11.45 -39.77 26.65
C VAL W 190 10.91 -39.69 28.08
N LEU W 191 10.86 -38.48 28.64
CA LEU W 191 10.37 -38.29 30.00
C LEU W 191 8.86 -38.39 30.06
N GLN W 192 8.33 -39.58 30.30
CA GLN W 192 6.89 -39.76 30.39
C GLN W 192 6.38 -39.87 31.82
N ALA X 1 19.97 -15.77 5.90
CA ALA X 1 20.77 -16.57 4.93
C ALA X 1 20.26 -18.01 4.86
N ALA X 2 21.16 -18.98 4.91
CA ALA X 2 20.77 -20.38 4.85
C ALA X 2 20.07 -20.76 6.16
N ALA X 3 18.96 -21.48 6.04
CA ALA X 3 18.22 -21.87 7.21
C ALA X 3 17.84 -23.33 7.16
N ALA X 4 17.60 -23.89 8.33
CA ALA X 4 17.16 -25.26 8.48
C ALA X 4 15.90 -25.12 9.31
N ASP Y 20 2.50 -5.86 40.23
CA ASP Y 20 1.91 -6.42 38.97
C ASP Y 20 0.70 -7.31 39.27
N ILE Y 21 -0.42 -7.01 38.63
CA ILE Y 21 -1.67 -7.75 38.84
C ILE Y 21 -1.52 -9.26 38.61
N TYR Y 22 -0.80 -9.63 37.57
CA TYR Y 22 -0.61 -11.02 37.24
C TYR Y 22 0.44 -11.70 38.12
N SER Y 23 1.42 -10.93 38.59
CA SER Y 23 2.44 -11.48 39.48
C SER Y 23 1.80 -11.77 40.82
N ARG Y 24 0.82 -10.96 41.17
CA ARG Y 24 0.09 -11.11 42.42
C ARG Y 24 -0.72 -12.40 42.39
N LEU Y 25 -1.54 -12.56 41.36
CA LEU Y 25 -2.34 -13.76 41.23
C LEU Y 25 -1.46 -15.00 41.13
N LEU Y 26 -0.28 -14.83 40.53
CA LEU Y 26 0.66 -15.93 40.37
C LEU Y 26 1.18 -16.34 41.75
N LYS Y 27 1.22 -15.37 42.67
CA LYS Y 27 1.66 -15.65 44.03
C LYS Y 27 0.60 -16.54 44.66
N ASP Y 28 -0.62 -16.44 44.16
CA ASP Y 28 -1.73 -17.26 44.64
C ASP Y 28 -1.80 -18.52 43.76
N ARG Y 29 -0.70 -18.81 43.08
CA ARG Y 29 -0.60 -19.97 42.20
C ARG Y 29 -1.69 -19.99 41.15
N ILE Y 30 -2.00 -18.80 40.61
CA ILE Y 30 -3.01 -18.64 39.59
C ILE Y 30 -2.35 -18.26 38.26
N VAL Y 31 -2.69 -18.98 37.20
CA VAL Y 31 -2.12 -18.68 35.89
C VAL Y 31 -3.26 -18.44 34.90
N LEU Y 32 -3.15 -17.37 34.12
CA LEU Y 32 -4.17 -17.03 33.15
C LEU Y 32 -3.72 -17.19 31.70
N LEU Y 33 -4.34 -18.12 30.98
CA LEU Y 33 -4.04 -18.34 29.58
C LEU Y 33 -5.16 -17.65 28.79
N SER Y 34 -4.90 -16.42 28.39
CA SER Y 34 -5.88 -15.63 27.65
C SER Y 34 -5.47 -15.51 26.19
N GLY Y 35 -6.46 -15.44 25.30
CA GLY Y 35 -6.17 -15.29 23.88
C GLY Y 35 -5.58 -16.49 23.15
N GLU Y 36 -5.16 -16.22 21.91
CA GLU Y 36 -4.56 -17.21 21.02
C GLU Y 36 -3.35 -17.95 21.61
N ILE Y 37 -3.17 -19.19 21.19
CA ILE Y 37 -2.04 -20.00 21.64
C ILE Y 37 -0.98 -20.07 20.55
N ASN Y 38 0.25 -19.76 20.93
CA ASN Y 38 1.40 -19.81 20.03
C ASN Y 38 2.63 -20.07 20.90
N ASP Y 39 3.82 -20.03 20.31
CA ASP Y 39 5.03 -20.28 21.08
C ASP Y 39 5.29 -19.29 22.19
N SER Y 40 5.08 -18.01 21.92
CA SER Y 40 5.29 -16.98 22.95
C SER Y 40 4.43 -17.29 24.16
N VAL Y 41 3.13 -17.38 23.94
CA VAL Y 41 2.18 -17.67 25.01
C VAL Y 41 2.49 -18.99 25.71
N ALA Y 42 2.85 -20.01 24.92
CA ALA Y 42 3.17 -21.32 25.50
C ALA Y 42 4.44 -21.24 26.33
N SER Y 43 5.40 -20.43 25.88
CA SER Y 43 6.65 -20.28 26.60
C SER Y 43 6.40 -19.61 27.95
N SER Y 44 5.50 -18.63 27.96
CA SER Y 44 5.16 -17.92 29.18
C SER Y 44 4.41 -18.83 30.16
N ILE Y 45 3.43 -19.57 29.65
CA ILE Y 45 2.65 -20.47 30.47
C ILE Y 45 3.53 -21.58 31.04
N VAL Y 46 4.38 -22.16 30.19
CA VAL Y 46 5.27 -23.24 30.61
C VAL Y 46 6.24 -22.76 31.70
N ALA Y 47 6.82 -21.59 31.48
CA ALA Y 47 7.77 -21.01 32.44
C ALA Y 47 7.09 -20.80 33.80
N GLN Y 48 5.83 -20.37 33.76
CA GLN Y 48 5.09 -20.12 34.99
C GLN Y 48 4.82 -21.43 35.75
N LEU Y 49 4.48 -22.49 35.02
CA LEU Y 49 4.22 -23.78 35.65
C LEU Y 49 5.46 -24.36 36.33
N LEU Y 50 6.61 -24.18 35.70
CA LEU Y 50 7.87 -24.68 36.27
C LEU Y 50 8.11 -23.91 37.56
N PHE Y 51 7.95 -22.59 37.48
CA PHE Y 51 8.15 -21.72 38.63
C PHE Y 51 7.29 -22.13 39.81
N LEU Y 52 6.00 -22.35 39.55
CA LEU Y 52 5.08 -22.74 40.60
C LEU Y 52 5.43 -24.08 41.23
N GLU Y 53 5.98 -24.99 40.43
CA GLU Y 53 6.37 -26.28 40.97
C GLU Y 53 7.59 -26.10 41.87
N ALA Y 54 8.56 -25.33 41.39
CA ALA Y 54 9.76 -25.09 42.16
C ALA Y 54 9.36 -24.38 43.46
N GLU Y 55 8.32 -23.55 43.37
CA GLU Y 55 7.82 -22.82 44.53
C GLU Y 55 7.27 -23.80 45.56
N ASP Y 56 6.33 -24.64 45.13
CA ASP Y 56 5.71 -25.63 46.00
C ASP Y 56 5.15 -26.77 45.15
N PRO Y 57 5.90 -27.88 45.02
CA PRO Y 57 5.46 -29.02 44.22
C PRO Y 57 4.23 -29.76 44.74
N GLU Y 58 3.71 -29.32 45.88
CA GLU Y 58 2.54 -29.98 46.47
C GLU Y 58 1.21 -29.27 46.22
N LYS Y 59 1.23 -27.95 46.16
CA LYS Y 59 -0.01 -27.18 45.98
C LYS Y 59 -0.58 -27.12 44.56
N ASP Y 60 -1.90 -27.24 44.48
CA ASP Y 60 -2.60 -27.18 43.22
C ASP Y 60 -2.32 -25.86 42.51
N ILE Y 61 -2.44 -25.88 41.19
CA ILE Y 61 -2.23 -24.70 40.36
C ILE Y 61 -3.52 -24.46 39.61
N GLY Y 62 -3.96 -23.22 39.58
CA GLY Y 62 -5.17 -22.90 38.87
C GLY Y 62 -4.86 -22.27 37.52
N LEU Y 63 -5.18 -22.98 36.45
CA LEU Y 63 -4.96 -22.47 35.11
C LEU Y 63 -6.30 -22.06 34.54
N TYR Y 64 -6.56 -20.74 34.51
CA TYR Y 64 -7.80 -20.22 33.98
C TYR Y 64 -7.62 -20.10 32.47
N ILE Y 65 -8.57 -20.67 31.73
CA ILE Y 65 -8.48 -20.67 30.29
C ILE Y 65 -9.58 -19.92 29.55
N ASN Y 66 -9.16 -18.97 28.73
CA ASN Y 66 -10.07 -18.18 27.89
C ASN Y 66 -9.32 -18.00 26.59
N SER Y 67 -9.43 -19.00 25.71
CA SER Y 67 -8.71 -18.99 24.45
C SER Y 67 -9.54 -19.51 23.28
N PRO Y 68 -9.29 -18.99 22.08
CA PRO Y 68 -9.98 -19.39 20.84
C PRO Y 68 -9.17 -20.49 20.16
N GLY Y 69 -8.04 -20.85 20.76
CA GLY Y 69 -7.20 -21.90 20.21
C GLY Y 69 -5.86 -21.39 19.71
N GLY Y 70 -5.20 -22.16 18.85
CA GLY Y 70 -3.91 -21.74 18.33
C GLY Y 70 -3.03 -22.87 17.83
N VAL Y 71 -1.73 -22.61 17.72
CA VAL Y 71 -0.79 -23.62 17.23
C VAL Y 71 -0.79 -24.91 18.05
N ILE Y 72 -0.99 -26.04 17.37
CA ILE Y 72 -1.03 -27.34 17.99
C ILE Y 72 0.20 -27.73 18.80
N THR Y 73 1.39 -27.65 18.22
CA THR Y 73 2.60 -28.03 18.95
C THR Y 73 2.76 -27.13 20.18
N SER Y 74 2.42 -25.85 20.03
CA SER Y 74 2.51 -24.91 21.14
C SER Y 74 1.66 -25.44 22.29
N GLY Y 75 0.42 -25.81 21.97
CA GLY Y 75 -0.51 -26.33 22.96
C GLY Y 75 -0.03 -27.64 23.58
N LEU Y 76 0.50 -28.53 22.75
CA LEU Y 76 1.00 -29.81 23.27
C LEU Y 76 2.10 -29.50 24.30
N SER Y 77 2.85 -28.44 24.01
CA SER Y 77 3.94 -27.98 24.85
C SER Y 77 3.43 -27.73 26.28
N ILE Y 78 2.24 -27.13 26.37
CA ILE Y 78 1.62 -26.82 27.64
C ILE Y 78 1.06 -28.09 28.27
N TYR Y 79 0.47 -28.93 27.43
CA TYR Y 79 -0.11 -30.19 27.87
C TYR Y 79 0.92 -31.06 28.56
N ASP Y 80 2.08 -31.24 27.94
CA ASP Y 80 3.11 -32.08 28.54
C ASP Y 80 3.71 -31.49 29.82
N THR Y 81 3.86 -30.16 29.88
CA THR Y 81 4.42 -29.56 31.08
C THR Y 81 3.44 -29.76 32.24
N MET Y 82 2.14 -29.63 31.97
CA MET Y 82 1.11 -29.81 32.99
C MET Y 82 1.25 -31.20 33.63
N ASN Y 83 1.68 -32.17 32.83
CA ASN Y 83 1.85 -33.54 33.30
C ASN Y 83 3.30 -33.90 33.65
N PHE Y 84 4.21 -32.94 33.45
CA PHE Y 84 5.63 -33.14 33.71
C PHE Y 84 6.02 -32.64 35.11
N ILE Y 85 5.23 -31.72 35.65
CA ILE Y 85 5.50 -31.19 36.97
C ILE Y 85 4.69 -32.04 37.94
N ARG Y 86 5.03 -32.00 39.22
CA ARG Y 86 4.32 -32.79 40.22
C ARG Y 86 2.96 -32.22 40.64
N PRO Y 87 2.84 -30.88 40.69
CA PRO Y 87 1.56 -30.29 41.09
C PRO Y 87 0.39 -30.65 40.18
N ASP Y 88 -0.80 -30.73 40.75
CA ASP Y 88 -2.01 -31.02 39.99
C ASP Y 88 -2.37 -29.69 39.31
N VAL Y 89 -2.63 -29.73 38.00
CA VAL Y 89 -2.99 -28.49 37.33
C VAL Y 89 -4.48 -28.49 37.07
N SER Y 90 -5.19 -27.67 37.84
CA SER Y 90 -6.62 -27.53 37.72
C SER Y 90 -6.90 -26.51 36.62
N THR Y 91 -7.91 -26.78 35.80
CA THR Y 91 -8.23 -25.84 34.74
C THR Y 91 -9.66 -25.35 34.91
N ILE Y 92 -9.84 -24.06 34.67
CA ILE Y 92 -11.14 -23.41 34.79
C ILE Y 92 -11.41 -22.65 33.51
N CYS Y 93 -12.52 -22.95 32.86
CA CYS Y 93 -12.86 -22.28 31.61
C CYS Y 93 -13.71 -21.04 31.88
N ILE Y 94 -13.17 -19.89 31.46
CA ILE Y 94 -13.88 -18.62 31.62
C ILE Y 94 -13.97 -17.98 30.23
N GLY Y 95 -15.18 -17.66 29.82
CA GLY Y 95 -15.39 -17.07 28.52
C GLY Y 95 -15.55 -18.21 27.52
N GLN Y 96 -14.44 -18.76 27.05
CA GLN Y 96 -14.50 -19.84 26.09
C GLN Y 96 -13.19 -20.64 26.08
N ALA Y 97 -13.31 -21.91 25.70
CA ALA Y 97 -12.18 -22.83 25.56
C ALA Y 97 -12.52 -23.50 24.24
N ALA Y 98 -11.91 -23.02 23.16
CA ALA Y 98 -12.17 -23.54 21.83
C ALA Y 98 -10.96 -24.20 21.20
N ALA Y 99 -11.18 -25.34 20.58
CA ALA Y 99 -10.10 -26.08 19.92
C ALA Y 99 -8.95 -26.38 20.89
N MET Y 100 -7.73 -25.99 20.55
CA MET Y 100 -6.61 -26.25 21.45
C MET Y 100 -6.89 -25.75 22.86
N GLY Y 101 -7.73 -24.73 22.97
CA GLY Y 101 -8.07 -24.20 24.28
C GLY Y 101 -8.90 -25.22 25.03
N ALA Y 102 -9.79 -25.90 24.30
CA ALA Y 102 -10.64 -26.91 24.91
C ALA Y 102 -9.79 -28.15 25.20
N PHE Y 103 -8.84 -28.41 24.33
CA PHE Y 103 -7.93 -29.53 24.49
C PHE Y 103 -7.26 -29.39 25.85
N LEU Y 104 -6.64 -28.24 26.07
CA LEU Y 104 -5.95 -27.99 27.33
C LEU Y 104 -6.86 -28.05 28.55
N LEU Y 105 -8.07 -27.51 28.41
CA LEU Y 105 -9.04 -27.53 29.50
C LEU Y 105 -9.37 -28.96 29.93
N SER Y 106 -9.38 -29.88 28.96
CA SER Y 106 -9.70 -31.28 29.25
C SER Y 106 -8.49 -32.04 29.79
N CYS Y 107 -7.30 -31.50 29.57
CA CYS Y 107 -6.09 -32.16 30.05
C CYS Y 107 -5.93 -31.88 31.55
N GLY Y 108 -6.84 -31.07 32.07
CA GLY Y 108 -6.80 -30.73 33.48
C GLY Y 108 -6.74 -31.96 34.36
N ALA Y 109 -6.38 -31.77 35.62
CA ALA Y 109 -6.28 -32.88 36.56
C ALA Y 109 -7.61 -33.54 36.92
N LYS Y 110 -7.54 -34.84 37.13
CA LYS Y 110 -8.65 -35.69 37.51
C LYS Y 110 -9.62 -35.01 38.48
N GLY Y 111 -10.82 -34.69 38.02
CA GLY Y 111 -11.81 -34.07 38.88
C GLY Y 111 -11.60 -32.61 39.19
N LYS Y 112 -10.56 -32.01 38.62
CA LYS Y 112 -10.29 -30.60 38.84
C LYS Y 112 -10.42 -29.75 37.58
N ARG Y 113 -11.24 -30.21 36.64
CA ARG Y 113 -11.49 -29.48 35.40
C ARG Y 113 -12.87 -28.81 35.56
N PHE Y 114 -12.86 -27.50 35.71
CA PHE Y 114 -14.09 -26.75 35.92
C PHE Y 114 -14.41 -25.76 34.81
N SER Y 115 -15.58 -25.15 34.94
CA SER Y 115 -16.04 -24.13 34.01
C SER Y 115 -17.09 -23.27 34.68
N LEU Y 116 -17.06 -21.97 34.40
CA LEU Y 116 -18.03 -21.06 34.94
C LEU Y 116 -19.31 -21.34 34.13
N PRO Y 117 -20.48 -21.06 34.71
CA PRO Y 117 -21.77 -21.32 34.04
C PRO Y 117 -22.03 -20.87 32.60
N HIS Y 118 -21.48 -19.74 32.17
CA HIS Y 118 -21.78 -19.28 30.80
C HIS Y 118 -20.64 -19.35 29.81
N SER Y 119 -19.69 -20.25 30.04
CA SER Y 119 -18.57 -20.39 29.11
C SER Y 119 -19.02 -21.26 27.95
N ARG Y 120 -18.31 -21.18 26.83
CA ARG Y 120 -18.65 -22.03 25.70
C ARG Y 120 -17.44 -22.88 25.38
N ILE Y 121 -17.70 -24.14 25.03
CA ILE Y 121 -16.63 -25.06 24.72
C ILE Y 121 -16.76 -25.50 23.25
N MET Y 122 -15.63 -25.58 22.56
CA MET Y 122 -15.63 -25.99 21.16
C MET Y 122 -14.42 -26.84 20.79
N ILE Y 123 -14.67 -27.90 20.03
CA ILE Y 123 -13.60 -28.76 19.57
C ILE Y 123 -13.78 -28.96 18.07
N HIS Y 124 -12.68 -29.14 17.35
CA HIS Y 124 -12.73 -29.36 15.92
C HIS Y 124 -11.40 -29.90 15.42
N GLN Y 125 -11.39 -30.44 14.21
CA GLN Y 125 -10.16 -30.98 13.66
C GLN Y 125 -9.20 -29.86 13.32
N PRO Y 126 -7.91 -30.19 13.17
CA PRO Y 126 -6.83 -29.25 12.84
C PRO Y 126 -7.01 -28.50 11.51
N LEU Y 127 -6.43 -27.31 11.44
CA LEU Y 127 -6.45 -26.48 10.24
C LEU Y 127 -4.99 -26.17 9.94
N GLY Y 128 -4.67 -26.00 8.67
CA GLY Y 128 -3.28 -25.70 8.32
C GLY Y 128 -3.10 -25.45 6.83
N GLY Y 129 -1.85 -25.50 6.39
CA GLY Y 129 -1.56 -25.26 4.98
C GLY Y 129 -0.30 -25.95 4.50
N ALA Y 130 -0.26 -26.24 3.20
CA ALA Y 130 0.89 -26.88 2.61
C ALA Y 130 1.09 -26.40 1.17
N GLN Y 131 2.34 -26.23 0.79
CA GLN Y 131 2.67 -25.78 -0.55
C GLN Y 131 4.01 -26.31 -0.98
N GLY Y 132 4.24 -26.32 -2.28
CA GLY Y 132 5.50 -26.83 -2.80
C GLY Y 132 5.22 -28.02 -3.67
N GLN Y 133 6.18 -28.93 -3.76
CA GLN Y 133 6.03 -30.12 -4.58
C GLN Y 133 4.97 -31.08 -4.05
N ALA Y 134 4.46 -31.91 -4.94
CA ALA Y 134 3.45 -32.91 -4.56
C ALA Y 134 3.98 -33.76 -3.41
N SER Y 135 5.26 -34.12 -3.48
CA SER Y 135 5.90 -34.91 -2.44
C SER Y 135 5.90 -34.22 -1.08
N ASP Y 136 6.04 -32.91 -1.08
CA ASP Y 136 6.06 -32.13 0.16
C ASP Y 136 4.66 -31.97 0.74
N ILE Y 137 3.69 -31.69 -0.12
CA ILE Y 137 2.31 -31.53 0.31
C ILE Y 137 1.83 -32.81 1.00
N GLU Y 138 2.21 -33.95 0.43
CA GLU Y 138 1.83 -35.24 0.97
C GLU Y 138 2.44 -35.42 2.37
N ILE Y 139 3.71 -35.07 2.50
CA ILE Y 139 4.41 -35.18 3.77
C ILE Y 139 3.77 -34.31 4.84
N ILE Y 140 3.42 -33.07 4.47
CA ILE Y 140 2.77 -32.15 5.41
C ILE Y 140 1.39 -32.67 5.73
N SER Y 141 0.65 -33.05 4.69
CA SER Y 141 -0.71 -33.58 4.85
C SER Y 141 -0.70 -34.74 5.85
N ASN Y 142 0.27 -35.63 5.72
CA ASN Y 142 0.35 -36.76 6.62
C ASN Y 142 0.65 -36.34 8.05
N GLU Y 143 1.55 -35.37 8.21
CA GLU Y 143 1.90 -34.89 9.52
C GLU Y 143 0.70 -34.21 10.19
N ILE Y 144 -0.17 -33.60 9.39
CA ILE Y 144 -1.35 -32.93 9.94
C ILE Y 144 -2.38 -33.97 10.37
N LEU Y 145 -2.54 -35.01 9.56
CA LEU Y 145 -3.46 -36.09 9.90
C LEU Y 145 -2.92 -36.76 11.16
N ARG Y 146 -1.59 -36.80 11.30
CA ARG Y 146 -0.97 -37.40 12.46
C ARG Y 146 -1.37 -36.61 13.72
N LEU Y 147 -1.24 -35.29 13.64
CA LEU Y 147 -1.59 -34.41 14.76
C LEU Y 147 -3.07 -34.51 15.07
N LYS Y 148 -3.87 -34.68 14.01
CA LYS Y 148 -5.32 -34.82 14.14
C LYS Y 148 -5.67 -36.09 14.92
N GLY Y 149 -5.00 -37.20 14.59
CA GLY Y 149 -5.27 -38.44 15.28
C GLY Y 149 -4.78 -38.41 16.72
N LEU Y 150 -3.60 -37.82 16.92
CA LEU Y 150 -3.00 -37.71 18.25
C LEU Y 150 -3.98 -36.98 19.18
N MET Y 151 -4.52 -35.86 18.71
CA MET Y 151 -5.45 -35.08 19.49
C MET Y 151 -6.83 -35.69 19.70
N ASN Y 152 -7.39 -36.31 18.67
CA ASN Y 152 -8.69 -36.93 18.85
C ASN Y 152 -8.54 -38.00 19.93
N SER Y 153 -7.48 -38.80 19.82
CA SER Y 153 -7.23 -39.86 20.79
C SER Y 153 -7.10 -39.33 22.22
N ILE Y 154 -6.39 -38.23 22.41
CA ILE Y 154 -6.24 -37.67 23.75
C ILE Y 154 -7.60 -37.11 24.22
N LEU Y 155 -8.38 -36.54 23.31
CA LEU Y 155 -9.69 -36.01 23.70
C LEU Y 155 -10.58 -37.17 24.14
N ALA Y 156 -10.46 -38.30 23.44
CA ALA Y 156 -11.25 -39.47 23.76
C ALA Y 156 -10.89 -39.90 25.17
N GLN Y 157 -9.59 -40.02 25.41
CA GLN Y 157 -9.09 -40.43 26.71
C GLN Y 157 -9.53 -39.49 27.82
N ASN Y 158 -9.43 -38.19 27.59
CA ASN Y 158 -9.82 -37.20 28.60
C ASN Y 158 -11.32 -37.11 28.88
N SER Y 159 -12.14 -37.41 27.87
CA SER Y 159 -13.60 -37.32 28.01
C SER Y 159 -14.37 -38.62 28.29
N GLY Y 160 -13.81 -39.76 27.90
CA GLY Y 160 -14.51 -41.01 28.13
C GLY Y 160 -15.31 -41.39 26.89
N GLN Y 161 -15.16 -40.59 25.84
CA GLN Y 161 -15.84 -40.84 24.57
C GLN Y 161 -14.95 -41.75 23.73
N SER Y 162 -15.55 -42.47 22.81
CA SER Y 162 -14.78 -43.34 21.94
C SER Y 162 -14.02 -42.48 20.93
N LEU Y 163 -12.93 -43.01 20.40
CA LEU Y 163 -12.11 -42.31 19.42
C LEU Y 163 -12.96 -41.96 18.19
N GLU Y 164 -13.73 -42.92 17.70
CA GLU Y 164 -14.57 -42.66 16.52
C GLU Y 164 -15.58 -41.55 16.80
N GLN Y 165 -16.09 -41.49 18.03
CA GLN Y 165 -17.06 -40.46 18.38
C GLN Y 165 -16.41 -39.06 18.27
N ILE Y 166 -15.22 -38.92 18.81
CA ILE Y 166 -14.49 -37.64 18.76
C ILE Y 166 -14.17 -37.23 17.32
N ALA Y 167 -13.78 -38.20 16.50
CA ALA Y 167 -13.45 -37.93 15.10
C ALA Y 167 -14.72 -37.45 14.39
N LYS Y 168 -15.85 -38.03 14.77
CA LYS Y 168 -17.14 -37.71 14.20
C LYS Y 168 -17.57 -36.30 14.58
N ASP Y 169 -17.43 -35.98 15.86
CA ASP Y 169 -17.83 -34.67 16.37
C ASP Y 169 -16.92 -33.50 16.02
N THR Y 170 -15.63 -33.75 15.83
CA THR Y 170 -14.72 -32.66 15.49
C THR Y 170 -14.49 -32.49 14.01
N ASP Y 171 -15.17 -33.30 13.19
CA ASP Y 171 -15.04 -33.20 11.73
C ASP Y 171 -15.24 -31.73 11.35
N ARG Y 172 -16.20 -31.10 12.01
CA ARG Y 172 -16.51 -29.69 11.81
C ARG Y 172 -16.69 -29.06 13.19
N ASP Y 173 -16.64 -27.74 13.29
CA ASP Y 173 -16.79 -27.06 14.58
C ASP Y 173 -17.92 -27.64 15.40
N PHE Y 174 -17.61 -27.88 16.67
CA PHE Y 174 -18.57 -28.50 17.60
C PHE Y 174 -18.67 -27.65 18.86
N TYR Y 175 -19.66 -26.76 18.88
CA TYR Y 175 -19.89 -25.87 20.01
C TYR Y 175 -20.82 -26.45 21.06
N MET Y 176 -20.51 -26.20 22.32
CA MET Y 176 -21.35 -26.69 23.41
C MET Y 176 -21.27 -25.76 24.62
N SER Y 177 -22.30 -25.82 25.45
CA SER Y 177 -22.36 -25.00 26.65
C SER Y 177 -21.48 -25.65 27.71
N ALA Y 178 -21.34 -24.97 28.86
CA ALA Y 178 -20.54 -25.52 29.95
C ALA Y 178 -21.18 -26.82 30.41
N LYS Y 179 -22.49 -26.80 30.62
CA LYS Y 179 -23.23 -27.98 31.07
C LYS Y 179 -23.03 -29.13 30.08
N GLU Y 180 -23.23 -28.87 28.79
CA GLU Y 180 -23.05 -29.91 27.77
C GLU Y 180 -21.63 -30.44 27.78
N ALA Y 181 -20.67 -29.54 28.05
CA ALA Y 181 -19.25 -29.92 28.12
C ALA Y 181 -19.00 -30.92 29.25
N LYS Y 182 -19.73 -30.77 30.35
CA LYS Y 182 -19.57 -31.68 31.49
C LYS Y 182 -20.09 -33.05 31.06
N GLU Y 183 -21.31 -33.07 30.52
CA GLU Y 183 -21.91 -34.31 30.06
C GLU Y 183 -21.04 -34.98 28.99
N TYR Y 184 -20.37 -34.18 28.18
CA TYR Y 184 -19.53 -34.74 27.14
C TYR Y 184 -18.27 -35.34 27.74
N GLY Y 185 -17.88 -34.86 28.92
CA GLY Y 185 -16.71 -35.37 29.61
C GLY Y 185 -15.45 -34.51 29.54
N LEU Y 186 -15.54 -33.36 28.89
CA LEU Y 186 -14.39 -32.47 28.77
C LEU Y 186 -14.04 -31.79 30.09
N ILE Y 187 -15.04 -31.53 30.93
CA ILE Y 187 -14.78 -30.94 32.24
C ILE Y 187 -15.45 -31.84 33.28
N ASP Y 188 -15.18 -31.60 34.56
CA ASP Y 188 -15.75 -32.42 35.64
C ASP Y 188 -16.94 -31.76 36.33
N LYS Y 189 -16.83 -30.47 36.59
CA LYS Y 189 -17.92 -29.74 37.25
C LYS Y 189 -18.04 -28.33 36.71
N VAL Y 190 -19.23 -27.76 36.88
CA VAL Y 190 -19.51 -26.40 36.45
C VAL Y 190 -19.78 -25.58 37.72
N LEU Y 191 -18.88 -24.65 38.02
CA LEU Y 191 -19.01 -23.78 39.20
C LEU Y 191 -20.20 -22.85 38.99
N GLN Y 192 -21.40 -23.40 39.12
CA GLN Y 192 -22.64 -22.68 38.94
C GLN Y 192 -23.03 -21.82 40.14
N ALA Z 1 1.88 -23.18 10.32
CA ALA Z 1 1.90 -24.20 11.41
C ALA Z 1 0.49 -24.73 11.64
N ALA Z 2 0.37 -26.05 11.75
CA ALA Z 2 -0.94 -26.68 11.99
C ALA Z 2 -1.57 -26.08 13.24
N ALA Z 3 -2.85 -25.76 13.18
CA ALA Z 3 -3.53 -25.17 14.33
C ALA Z 3 -4.88 -25.80 14.57
N ALA Z 4 -5.38 -25.59 15.78
CA ALA Z 4 -6.68 -26.10 16.17
C ALA Z 4 -7.35 -24.93 16.88
N ASP AA 20 1.07 5.15 39.57
CA ASP AA 20 0.01 4.72 38.62
C ASP AA 20 -1.38 5.09 39.18
N ILE AA 21 -2.04 6.02 38.49
CA ILE AA 21 -3.36 6.51 38.88
C ILE AA 21 -4.42 5.41 39.05
N TYR AA 22 -4.42 4.43 38.15
CA TYR AA 22 -5.38 3.33 38.20
C TYR AA 22 -5.11 2.36 39.33
N SER AA 23 -3.84 2.07 39.58
CA SER AA 23 -3.47 1.16 40.66
C SER AA 23 -3.94 1.76 41.98
N ARG AA 24 -3.95 3.09 42.03
CA ARG AA 24 -4.38 3.81 43.21
C ARG AA 24 -5.87 3.61 43.46
N LEU AA 25 -6.66 3.72 42.40
CA LEU AA 25 -8.11 3.55 42.50
C LEU AA 25 -8.44 2.11 42.80
N LEU AA 26 -7.57 1.20 42.37
CA LEU AA 26 -7.79 -0.22 42.60
C LEU AA 26 -7.72 -0.46 44.12
N LYS AA 27 -6.78 0.22 44.77
CA LYS AA 27 -6.64 0.09 46.22
C LYS AA 27 -7.95 0.46 46.91
N ASP AA 28 -8.73 1.34 46.29
CA ASP AA 28 -10.02 1.75 46.84
C ASP AA 28 -11.14 0.87 46.28
N ARG AA 29 -10.76 -0.25 45.66
CA ARG AA 29 -11.70 -1.22 45.09
C ARG AA 29 -12.48 -0.69 43.90
N ILE AA 30 -11.81 0.12 43.08
CA ILE AA 30 -12.42 0.70 41.90
C ILE AA 30 -11.81 0.12 40.61
N VAL AA 31 -12.66 -0.41 39.75
CA VAL AA 31 -12.22 -1.00 38.49
C VAL AA 31 -12.83 -0.26 37.30
N LEU AA 32 -11.97 0.25 36.42
CA LEU AA 32 -12.45 0.98 35.25
C LEU AA 32 -12.45 0.14 33.98
N LEU AA 33 -13.62 -0.12 33.44
CA LEU AA 33 -13.69 -0.85 32.18
C LEU AA 33 -14.05 0.18 31.13
N SER AA 34 -13.06 0.69 30.41
CA SER AA 34 -13.32 1.68 29.38
C SER AA 34 -12.84 1.18 28.02
N GLY AA 35 -13.60 1.48 26.98
CA GLY AA 35 -13.24 1.05 25.63
C GLY AA 35 -13.81 -0.30 25.21
N GLU AA 36 -13.42 -0.76 24.01
CA GLU AA 36 -13.87 -2.03 23.45
C GLU AA 36 -13.66 -3.19 24.43
N ILE AA 37 -14.52 -4.18 24.35
CA ILE AA 37 -14.35 -5.35 25.20
C ILE AA 37 -13.73 -6.45 24.35
N ASN AA 38 -12.68 -7.07 24.86
CA ASN AA 38 -12.03 -8.16 24.15
C ASN AA 38 -11.30 -9.01 25.15
N ASP AA 39 -10.62 -10.05 24.67
CA ASP AA 39 -9.92 -10.94 25.58
C ASP AA 39 -8.82 -10.30 26.41
N SER AA 40 -8.05 -9.38 25.84
CA SER AA 40 -7.00 -8.78 26.64
C SER AA 40 -7.66 -7.92 27.73
N VAL AA 41 -8.66 -7.14 27.35
CA VAL AA 41 -9.36 -6.30 28.32
C VAL AA 41 -10.07 -7.16 29.39
N ALA AA 42 -10.82 -8.16 28.95
CA ALA AA 42 -11.53 -9.05 29.87
C ALA AA 42 -10.52 -9.68 30.83
N SER AA 43 -9.38 -10.04 30.28
CA SER AA 43 -8.30 -10.67 31.04
C SER AA 43 -7.89 -9.75 32.20
N SER AA 44 -7.75 -8.46 31.89
CA SER AA 44 -7.38 -7.49 32.91
C SER AA 44 -8.49 -7.29 33.95
N ILE AA 45 -9.74 -7.17 33.48
CA ILE AA 45 -10.86 -6.97 34.40
C ILE AA 45 -10.98 -8.16 35.36
N VAL AA 46 -11.01 -9.36 34.79
CA VAL AA 46 -11.10 -10.57 35.58
C VAL AA 46 -9.94 -10.63 36.59
N ALA AA 47 -8.75 -10.25 36.13
CA ALA AA 47 -7.57 -10.24 36.99
C ALA AA 47 -7.80 -9.34 38.20
N GLN AA 48 -8.35 -8.15 37.97
CA GLN AA 48 -8.61 -7.19 39.04
C GLN AA 48 -9.65 -7.68 40.03
N LEU AA 49 -10.73 -8.27 39.52
CA LEU AA 49 -11.78 -8.79 40.39
C LEU AA 49 -11.23 -9.88 41.32
N LEU AA 50 -10.50 -10.83 40.76
CA LEU AA 50 -9.91 -11.90 41.56
C LEU AA 50 -8.99 -11.32 42.60
N PHE AA 51 -8.17 -10.35 42.20
CA PHE AA 51 -7.26 -9.72 43.14
C PHE AA 51 -8.02 -9.06 44.26
N LEU AA 52 -9.02 -8.26 43.90
CA LEU AA 52 -9.83 -7.55 44.88
C LEU AA 52 -10.46 -8.41 45.97
N GLU AA 53 -11.20 -9.45 45.58
CA GLU AA 53 -11.84 -10.30 46.58
C GLU AA 53 -10.80 -11.00 47.43
N ALA AA 54 -9.65 -11.29 46.84
CA ALA AA 54 -8.57 -11.91 47.58
C ALA AA 54 -8.14 -10.90 48.63
N GLU AA 55 -8.13 -9.63 48.24
CA GLU AA 55 -7.74 -8.53 49.12
C GLU AA 55 -8.73 -8.41 50.28
N ASP AA 56 -10.02 -8.55 49.98
CA ASP AA 56 -11.07 -8.49 50.97
C ASP AA 56 -12.33 -9.03 50.31
N PRO AA 57 -12.64 -10.31 50.54
CA PRO AA 57 -13.81 -10.99 49.96
C PRO AA 57 -15.19 -10.54 50.44
N GLU AA 58 -15.24 -9.48 51.24
CA GLU AA 58 -16.52 -9.01 51.77
C GLU AA 58 -16.90 -7.59 51.37
N LYS AA 59 -15.90 -6.74 51.14
CA LYS AA 59 -16.16 -5.35 50.76
C LYS AA 59 -16.71 -5.26 49.34
N ASP AA 60 -17.49 -4.22 49.06
CA ASP AA 60 -18.05 -4.04 47.73
C ASP AA 60 -16.97 -3.66 46.72
N ILE AA 61 -17.29 -3.84 45.45
CA ILE AA 61 -16.39 -3.49 44.36
C ILE AA 61 -17.14 -2.58 43.39
N GLY AA 62 -16.44 -1.56 42.89
CA GLY AA 62 -17.05 -0.64 41.96
C GLY AA 62 -16.49 -0.78 40.56
N LEU AA 63 -17.32 -1.25 39.63
CA LEU AA 63 -16.92 -1.42 38.23
C LEU AA 63 -17.53 -0.32 37.38
N TYR AA 64 -16.74 0.72 37.12
CA TYR AA 64 -17.20 1.83 36.30
C TYR AA 64 -17.10 1.41 34.85
N ILE AA 65 -18.20 1.54 34.11
CA ILE AA 65 -18.23 1.13 32.72
C ILE AA 65 -18.49 2.23 31.70
N ASN AA 66 -17.57 2.35 30.75
CA ASN AA 66 -17.68 3.30 29.64
C ASN AA 66 -17.15 2.51 28.47
N SER AA 67 -18.06 1.83 27.79
CA SER AA 67 -17.70 0.98 26.67
C SER AA 67 -18.74 0.94 25.57
N PRO AA 68 -18.30 0.68 24.34
CA PRO AA 68 -19.18 0.60 23.17
C PRO AA 68 -19.56 -0.86 22.87
N GLY AA 69 -19.00 -1.80 23.63
CA GLY AA 69 -19.32 -3.20 23.42
C GLY AA 69 -18.12 -4.02 23.02
N GLY AA 70 -18.35 -5.20 22.43
CA GLY AA 70 -17.25 -6.04 22.02
C GLY AA 70 -17.54 -7.53 21.92
N VAL AA 71 -16.48 -8.32 21.96
CA VAL AA 71 -16.56 -9.78 21.89
C VAL AA 71 -17.44 -10.35 23.01
N ILE AA 72 -18.47 -11.09 22.64
CA ILE AA 72 -19.40 -11.65 23.62
C ILE AA 72 -18.79 -12.59 24.66
N THR AA 73 -18.03 -13.58 24.20
CA THR AA 73 -17.42 -14.52 25.14
C THR AA 73 -16.49 -13.80 26.10
N SER AA 74 -15.91 -12.69 25.64
CA SER AA 74 -15.00 -11.92 26.48
C SER AA 74 -15.85 -11.29 27.59
N GLY AA 75 -16.99 -10.72 27.21
CA GLY AA 75 -17.87 -10.11 28.19
C GLY AA 75 -18.42 -11.15 29.15
N LEU AA 76 -18.70 -12.34 28.64
CA LEU AA 76 -19.22 -13.41 29.48
C LEU AA 76 -18.23 -13.82 30.57
N SER AA 77 -16.94 -13.77 30.26
CA SER AA 77 -15.92 -14.14 31.24
C SER AA 77 -15.99 -13.17 32.42
N ILE AA 78 -16.21 -11.89 32.11
CA ILE AA 78 -16.31 -10.87 33.16
C ILE AA 78 -17.58 -11.09 33.98
N TYR AA 79 -18.70 -11.32 33.30
CA TYR AA 79 -19.98 -11.55 33.96
C TYR AA 79 -19.90 -12.72 34.93
N ASP AA 80 -19.44 -13.87 34.47
CA ASP AA 80 -19.33 -15.03 35.34
C ASP AA 80 -18.38 -14.82 36.52
N THR AA 81 -17.28 -14.10 36.28
CA THR AA 81 -16.33 -13.83 37.34
C THR AA 81 -16.98 -12.93 38.38
N MET AA 82 -17.76 -11.96 37.90
CA MET AA 82 -18.47 -11.05 38.79
C MET AA 82 -19.30 -11.84 39.80
N ASN AA 83 -19.96 -12.90 39.33
CA ASN AA 83 -20.78 -13.72 40.22
C ASN AA 83 -19.98 -14.84 40.87
N PHE AA 84 -18.85 -15.18 40.26
CA PHE AA 84 -18.00 -16.24 40.79
C PHE AA 84 -17.43 -15.81 42.15
N ILE AA 85 -16.86 -14.60 42.21
CA ILE AA 85 -16.29 -14.10 43.45
C ILE AA 85 -17.37 -13.76 44.48
N ARG AA 86 -16.99 -13.73 45.75
CA ARG AA 86 -17.90 -13.45 46.85
C ARG AA 86 -18.40 -12.00 46.99
N PRO AA 87 -17.50 -11.02 46.89
CA PRO AA 87 -17.95 -9.63 47.02
C PRO AA 87 -18.91 -9.14 45.92
N ASP AA 88 -19.75 -8.18 46.29
CA ASP AA 88 -20.71 -7.60 45.36
C ASP AA 88 -19.98 -6.70 44.39
N VAL AA 89 -20.37 -6.77 43.12
CA VAL AA 89 -19.76 -5.93 42.11
C VAL AA 89 -20.79 -4.90 41.66
N SER AA 90 -20.59 -3.67 42.11
CA SER AA 90 -21.46 -2.57 41.76
C SER AA 90 -21.01 -2.06 40.38
N THR AA 91 -21.96 -1.72 39.51
CA THR AA 91 -21.62 -1.22 38.18
C THR AA 91 -22.11 0.21 38.04
N ILE AA 92 -21.24 1.08 37.53
CA ILE AA 92 -21.59 2.47 37.35
C ILE AA 92 -21.30 2.89 35.93
N CYS AA 93 -22.35 3.24 35.21
CA CYS AA 93 -22.20 3.67 33.83
C CYS AA 93 -21.81 5.13 33.76
N ILE AA 94 -20.73 5.41 33.02
CA ILE AA 94 -20.29 6.79 32.81
C ILE AA 94 -19.96 6.87 31.32
N GLY AA 95 -20.51 7.89 30.65
CA GLY AA 95 -20.28 8.01 29.22
C GLY AA 95 -21.32 7.15 28.53
N GLN AA 96 -21.05 5.86 28.41
CA GLN AA 96 -21.99 4.95 27.77
C GLN AA 96 -21.75 3.48 28.14
N ALA AA 97 -22.79 2.67 27.94
CA ALA AA 97 -22.73 1.23 28.16
C ALA AA 97 -23.57 0.73 26.98
N ALA AA 98 -22.89 0.34 25.91
CA ALA AA 98 -23.57 -0.12 24.71
C ALA AA 98 -23.32 -1.59 24.42
N ALA AA 99 -24.40 -2.29 24.10
CA ALA AA 99 -24.36 -3.71 23.77
C ALA AA 99 -23.75 -4.50 24.93
N MET AA 100 -22.62 -5.15 24.70
CA MET AA 100 -22.00 -5.93 25.76
C MET AA 100 -21.69 -5.06 26.98
N GLY AA 101 -21.52 -3.76 26.75
CA GLY AA 101 -21.27 -2.86 27.85
C GLY AA 101 -22.55 -2.72 28.66
N ALA AA 102 -23.68 -2.61 27.96
CA ALA AA 102 -24.98 -2.48 28.63
C ALA AA 102 -25.30 -3.81 29.31
N PHE AA 103 -24.82 -4.89 28.70
CA PHE AA 103 -25.02 -6.22 29.26
C PHE AA 103 -24.33 -6.31 30.63
N LEU AA 104 -23.03 -6.02 30.64
CA LEU AA 104 -22.24 -6.08 31.86
C LEU AA 104 -22.79 -5.16 32.94
N LEU AA 105 -23.18 -3.95 32.56
CA LEU AA 105 -23.75 -2.99 33.50
C LEU AA 105 -24.96 -3.59 34.20
N SER AA 106 -25.83 -4.23 33.43
CA SER AA 106 -27.04 -4.85 33.98
C SER AA 106 -26.74 -6.05 34.87
N CYS AA 107 -25.56 -6.67 34.67
CA CYS AA 107 -25.18 -7.83 35.46
C CYS AA 107 -24.76 -7.50 36.88
N GLY AA 108 -24.56 -6.22 37.16
CA GLY AA 108 -24.16 -5.82 38.50
C GLY AA 108 -25.05 -6.35 39.60
N ALA AA 109 -24.51 -6.41 40.82
CA ALA AA 109 -25.25 -6.90 41.97
C ALA AA 109 -26.58 -6.14 42.04
N LYS AA 110 -27.69 -6.86 42.12
CA LYS AA 110 -29.01 -6.23 42.19
C LYS AA 110 -29.10 -5.16 43.27
N GLY AA 111 -29.66 -4.01 42.91
CA GLY AA 111 -29.77 -2.91 43.84
C GLY AA 111 -28.58 -1.96 43.76
N LYS AA 112 -27.46 -2.45 43.20
CA LYS AA 112 -26.27 -1.63 43.08
C LYS AA 112 -25.82 -1.34 41.65
N ARG AA 113 -26.77 -1.21 40.73
CA ARG AA 113 -26.46 -0.89 39.35
C ARG AA 113 -26.80 0.59 39.14
N PHE AA 114 -25.77 1.39 38.85
CA PHE AA 114 -25.94 2.83 38.69
C PHE AA 114 -25.48 3.40 37.36
N SER AA 115 -25.83 4.66 37.15
CA SER AA 115 -25.45 5.39 35.95
C SER AA 115 -25.44 6.87 36.30
N LEU AA 116 -24.54 7.62 35.67
CA LEU AA 116 -24.54 9.04 35.92
C LEU AA 116 -25.65 9.56 35.00
N PRO AA 117 -26.27 10.71 35.34
CA PRO AA 117 -27.37 11.36 34.61
C PRO AA 117 -27.35 11.50 33.08
N HIS AA 118 -26.20 11.76 32.47
CA HIS AA 118 -26.19 11.95 31.03
C HIS AA 118 -25.60 10.81 30.22
N SER AA 119 -25.50 9.63 30.82
CA SER AA 119 -24.96 8.46 30.14
C SER AA 119 -25.97 7.97 29.12
N ARG AA 120 -25.51 7.17 28.16
CA ARG AA 120 -26.45 6.61 27.21
C ARG AA 120 -26.23 5.11 27.20
N ILE AA 121 -27.32 4.36 27.31
CA ILE AA 121 -27.27 2.92 27.33
C ILE AA 121 -27.87 2.44 26.00
N MET AA 122 -27.35 1.33 25.48
CA MET AA 122 -27.86 0.78 24.22
C MET AA 122 -27.70 -0.73 24.21
N ILE AA 123 -28.67 -1.41 23.61
CA ILE AA 123 -28.57 -2.86 23.52
C ILE AA 123 -28.92 -3.22 22.10
N HIS AA 124 -28.36 -4.33 21.62
CA HIS AA 124 -28.65 -4.78 20.27
C HIS AA 124 -28.25 -6.25 20.14
N GLN AA 125 -28.74 -6.92 19.10
CA GLN AA 125 -28.38 -8.31 18.93
C GLN AA 125 -26.92 -8.48 18.52
N PRO AA 126 -26.42 -9.72 18.58
CA PRO AA 126 -25.04 -10.04 18.21
C PRO AA 126 -24.72 -9.77 16.74
N LEU AA 127 -23.44 -9.50 16.48
CA LEU AA 127 -22.97 -9.27 15.12
C LEU AA 127 -21.77 -10.18 14.92
N GLY AA 128 -21.51 -10.56 13.67
CA GLY AA 128 -20.38 -11.42 13.40
C GLY AA 128 -20.31 -11.81 11.95
N GLY AA 129 -19.62 -12.91 11.66
CA GLY AA 129 -19.47 -13.35 10.29
C GLY AA 129 -19.16 -14.82 10.16
N ALA AA 130 -19.40 -15.36 8.97
CA ALA AA 130 -19.14 -16.77 8.68
C ALA AA 130 -18.57 -16.88 7.26
N GLN AA 131 -17.56 -17.72 7.11
CA GLN AA 131 -16.90 -17.92 5.83
C GLN AA 131 -16.62 -19.42 5.70
N GLY AA 132 -16.77 -19.96 4.49
CA GLY AA 132 -16.50 -21.37 4.30
C GLY AA 132 -17.61 -22.12 3.57
N GLN AA 133 -17.66 -23.43 3.79
CA GLN AA 133 -18.68 -24.26 3.14
C GLN AA 133 -20.05 -23.99 3.75
N ALA AA 134 -21.09 -24.32 2.99
CA ALA AA 134 -22.46 -24.13 3.47
C ALA AA 134 -22.62 -24.75 4.86
N SER AA 135 -22.00 -25.92 5.05
CA SER AA 135 -22.08 -26.63 6.33
C SER AA 135 -21.46 -25.86 7.49
N ASP AA 136 -20.31 -25.24 7.25
CA ASP AA 136 -19.65 -24.49 8.30
C ASP AA 136 -20.47 -23.25 8.63
N ILE AA 137 -21.06 -22.64 7.61
CA ILE AA 137 -21.84 -21.44 7.79
C ILE AA 137 -23.07 -21.66 8.67
N GLU AA 138 -23.80 -22.75 8.44
CA GLU AA 138 -24.97 -23.08 9.24
C GLU AA 138 -24.51 -23.32 10.68
N ILE AA 139 -23.38 -24.00 10.82
CA ILE AA 139 -22.82 -24.28 12.16
C ILE AA 139 -22.54 -22.97 12.87
N ILE AA 140 -21.74 -22.11 12.24
CA ILE AA 140 -21.41 -20.80 12.81
C ILE AA 140 -22.67 -19.98 13.07
N SER AA 141 -23.63 -20.07 12.17
CA SER AA 141 -24.88 -19.34 12.29
C SER AA 141 -25.66 -19.80 13.53
N ASN AA 142 -25.74 -21.10 13.74
CA ASN AA 142 -26.46 -21.62 14.90
C ASN AA 142 -25.78 -21.17 16.19
N GLU AA 143 -24.44 -21.15 16.18
CA GLU AA 143 -23.70 -20.74 17.37
C GLU AA 143 -23.93 -19.28 17.72
N ILE AA 144 -24.00 -18.41 16.72
CA ILE AA 144 -24.23 -17.02 17.05
C ILE AA 144 -25.68 -16.86 17.47
N LEU AA 145 -26.57 -17.71 16.97
CA LEU AA 145 -27.97 -17.63 17.37
C LEU AA 145 -28.06 -18.11 18.81
N ARG AA 146 -27.16 -19.02 19.17
CA ARG AA 146 -27.11 -19.54 20.52
C ARG AA 146 -26.67 -18.40 21.45
N LEU AA 147 -25.59 -17.70 21.08
CA LEU AA 147 -25.09 -16.59 21.88
C LEU AA 147 -26.14 -15.50 22.02
N LYS AA 148 -26.87 -15.22 20.95
CA LYS AA 148 -27.93 -14.22 20.96
C LYS AA 148 -28.96 -14.61 22.01
N GLY AA 149 -29.41 -15.86 21.94
CA GLY AA 149 -30.40 -16.36 22.89
C GLY AA 149 -29.83 -16.40 24.30
N LEU AA 150 -28.54 -16.68 24.42
CA LEU AA 150 -27.90 -16.73 25.73
C LEU AA 150 -27.86 -15.34 26.35
N MET AA 151 -27.37 -14.38 25.57
CA MET AA 151 -27.25 -13.00 26.00
C MET AA 151 -28.63 -12.40 26.22
N ASN AA 152 -29.55 -12.65 25.29
CA ASN AA 152 -30.91 -12.13 25.38
C ASN AA 152 -31.65 -12.61 26.62
N SER AA 153 -31.33 -13.82 27.07
CA SER AA 153 -31.98 -14.39 28.23
C SER AA 153 -31.48 -13.81 29.55
N ILE AA 154 -30.18 -13.56 29.63
CA ILE AA 154 -29.60 -13.01 30.85
C ILE AA 154 -30.03 -11.54 30.96
N LEU AA 155 -30.21 -10.90 29.81
CA LEU AA 155 -30.65 -9.52 29.76
C LEU AA 155 -32.08 -9.51 30.31
N ALA AA 156 -32.85 -10.52 29.90
CA ALA AA 156 -34.23 -10.65 30.35
C ALA AA 156 -34.26 -10.82 31.87
N GLN AA 157 -33.46 -11.76 32.36
CA GLN AA 157 -33.38 -12.02 33.79
C GLN AA 157 -32.97 -10.78 34.59
N ASN AA 158 -32.05 -10.01 34.03
CA ASN AA 158 -31.55 -8.82 34.72
C ASN AA 158 -32.47 -7.59 34.74
N SER AA 159 -33.28 -7.42 33.70
CA SER AA 159 -34.15 -6.26 33.63
C SER AA 159 -35.64 -6.51 33.90
N GLY AA 160 -36.06 -7.77 33.88
CA GLY AA 160 -37.46 -8.07 34.12
C GLY AA 160 -38.22 -8.21 32.83
N GLN AA 161 -37.59 -7.84 31.72
CA GLN AA 161 -38.23 -7.94 30.42
C GLN AA 161 -38.40 -9.43 30.11
N SER AA 162 -39.28 -9.76 29.17
CA SER AA 162 -39.45 -11.16 28.79
C SER AA 162 -38.42 -11.43 27.71
N LEU AA 163 -38.06 -12.70 27.53
CA LEU AA 163 -37.07 -13.06 26.52
C LEU AA 163 -37.52 -12.52 25.18
N GLU AA 164 -38.80 -12.75 24.88
CA GLU AA 164 -39.41 -12.34 23.63
C GLU AA 164 -39.33 -10.82 23.38
N GLN AA 165 -39.50 -10.03 24.44
CA GLN AA 165 -39.44 -8.57 24.35
C GLN AA 165 -38.02 -8.09 24.06
N ILE AA 166 -37.04 -8.69 24.74
CA ILE AA 166 -35.64 -8.36 24.55
C ILE AA 166 -35.25 -8.62 23.10
N ALA AA 167 -35.63 -9.78 22.59
CA ALA AA 167 -35.32 -10.15 21.22
C ALA AA 167 -35.82 -9.07 20.26
N LYS AA 168 -37.04 -8.60 20.48
CA LYS AA 168 -37.61 -7.56 19.64
C LYS AA 168 -36.89 -6.21 19.84
N ASP AA 169 -36.70 -5.83 21.10
CA ASP AA 169 -36.06 -4.56 21.42
C ASP AA 169 -34.61 -4.44 20.94
N THR AA 170 -33.91 -5.58 20.85
CA THR AA 170 -32.53 -5.58 20.42
C THR AA 170 -32.38 -5.95 18.95
N ASP AA 171 -33.50 -6.05 18.22
CA ASP AA 171 -33.42 -6.42 16.81
C ASP AA 171 -32.49 -5.45 16.08
N ARG AA 172 -32.54 -4.18 16.49
CA ARG AA 172 -31.69 -3.13 15.93
C ARG AA 172 -31.23 -2.28 17.13
N ASP AA 173 -30.23 -1.43 16.91
CA ASP AA 173 -29.71 -0.56 17.97
C ASP AA 173 -30.82 0.11 18.75
N PHE AA 174 -30.86 -0.16 20.05
CA PHE AA 174 -31.88 0.42 20.92
C PHE AA 174 -31.20 1.30 21.97
N TYR AA 175 -31.18 2.60 21.69
CA TYR AA 175 -30.55 3.56 22.59
C TYR AA 175 -31.56 4.14 23.58
N MET AA 176 -31.09 4.41 24.79
CA MET AA 176 -31.95 5.00 25.79
C MET AA 176 -31.11 5.81 26.76
N SER AA 177 -31.75 6.73 27.47
CA SER AA 177 -31.07 7.58 28.44
C SER AA 177 -30.87 6.81 29.74
N ALA AA 178 -30.20 7.43 30.71
CA ALA AA 178 -29.98 6.78 31.99
C ALA AA 178 -31.31 6.49 32.67
N LYS AA 179 -32.22 7.47 32.64
CA LYS AA 179 -33.53 7.33 33.26
C LYS AA 179 -34.30 6.20 32.58
N GLU AA 180 -34.37 6.23 31.25
CA GLU AA 180 -35.08 5.19 30.51
C GLU AA 180 -34.50 3.82 30.84
N ALA AA 181 -33.17 3.75 30.99
CA ALA AA 181 -32.50 2.50 31.32
C ALA AA 181 -32.96 1.99 32.69
N LYS AA 182 -33.26 2.92 33.59
CA LYS AA 182 -33.74 2.54 34.91
C LYS AA 182 -35.16 1.99 34.78
N GLU AA 183 -36.02 2.73 34.09
CA GLU AA 183 -37.41 2.32 33.91
C GLU AA 183 -37.48 0.99 33.15
N TYR AA 184 -36.49 0.74 32.31
CA TYR AA 184 -36.45 -0.48 31.49
C TYR AA 184 -35.98 -1.69 32.28
N GLY AA 185 -35.20 -1.43 33.33
CA GLY AA 185 -34.70 -2.52 34.15
C GLY AA 185 -33.22 -2.85 34.04
N LEU AA 186 -32.47 -2.10 33.21
CA LEU AA 186 -31.04 -2.36 33.06
C LEU AA 186 -30.21 -1.89 34.26
N ILE AA 187 -30.63 -0.80 34.90
CA ILE AA 187 -29.93 -0.28 36.08
C ILE AA 187 -30.95 -0.03 37.19
N ASP AA 188 -30.48 0.09 38.42
CA ASP AA 188 -31.36 0.30 39.56
C ASP AA 188 -31.70 1.75 39.89
N LYS AA 189 -30.78 2.66 39.63
CA LYS AA 189 -31.03 4.06 39.89
C LYS AA 189 -30.00 4.97 39.24
N VAL AA 190 -30.38 6.22 39.05
CA VAL AA 190 -29.50 7.20 38.45
C VAL AA 190 -29.03 8.20 39.52
N LEU AA 191 -27.72 8.35 39.63
CA LEU AA 191 -27.12 9.28 40.59
C LEU AA 191 -26.99 10.61 39.89
N GLN AA 192 -28.12 11.23 39.55
CA GLN AA 192 -28.09 12.51 38.86
C GLN AA 192 -27.67 13.67 39.78
N ALA BA 1 -14.78 -13.10 15.80
CA ALA BA 1 -15.69 -13.68 16.84
C ALA BA 1 -17.00 -12.90 16.93
N ALA BA 2 -18.04 -13.52 17.48
CA ALA BA 2 -19.34 -12.87 17.62
C ALA BA 2 -19.23 -11.73 18.63
N ALA BA 3 -19.76 -10.57 18.26
CA ALA BA 3 -19.68 -9.44 19.15
C ALA BA 3 -21.00 -8.71 19.25
N ALA BA 4 -21.12 -7.89 20.29
CA ALA BA 4 -22.31 -7.07 20.51
C ALA BA 4 -21.77 -5.70 20.90
#